data_5W14
#
_entry.id   5W14
#
_cell.length_a   89.012
_cell.length_b   81.300
_cell.length_c   106.438
_cell.angle_alpha   90.00
_cell.angle_beta   112.70
_cell.angle_gamma   90.00
#
_symmetry.space_group_name_H-M   'P 1 21 1'
#
loop_
_entity.id
_entity.type
_entity.pdbx_description
1 polymer Beta-lactamase
2 non-polymer '3-{1-[(2R)-2-borono-2-{[(thiophen-2-yl)acetyl]amino}ethyl]-1H-1,2,3-triazol-4-yl}benzoic acid'
3 water water
#
_entity_poly.entity_id   1
_entity_poly.type   'polypeptide(L)'
_entity_poly.pdbx_seq_one_letter_code
;MDNTPKDQEIKKLVDQNFKPLLEKYDVPGMAVGVIQNNKKYEMYYGLQSVQDKKAVNSNTIFELGSVSKLFTATAGGYAK
NKGKISFDDTPGKYWKELKNTPIDQVNLLQLATYTSGNLALQFPDEVQTDQQVLTFFKDWKPKNPIGEYRQYSNPSIGLF
GKVVALSMNKPFDQVLEKTIFPALGLKHSYVNVPKTQMQNYAFGYNQENQPIRVNPGPLDAPAYGVKSTLPDMLSFIHAN
LNPQKYPTDIQRAINETHQGRYQVNTMYQALGWEEFSYPATLQTLLDSNSEQIVMKPNKVTAISKEPSVKMYHKTGSTSG
FGTYVVFIPKENIGLVMLTNKRIPNEERIKAAYVVLNAIKK
;
_entity_poly.pdbx_strand_id   A,B,C,D
#
# COMPACT_ATOMS: atom_id res chain seq x y z
N LYS A 6 2.07 -14.49 -36.39
CA LYS A 6 1.32 -14.77 -35.11
C LYS A 6 2.27 -15.28 -34.01
N ASP A 7 1.85 -15.02 -32.76
CA ASP A 7 2.50 -15.48 -31.53
C ASP A 7 2.91 -16.95 -31.65
N GLN A 8 2.02 -17.74 -32.26
CA GLN A 8 2.23 -19.17 -32.37
C GLN A 8 3.47 -19.57 -33.20
N GLU A 9 4.17 -18.62 -33.86
CA GLU A 9 5.44 -18.90 -34.60
C GLU A 9 6.73 -18.78 -33.77
N ILE A 10 6.69 -18.07 -32.65
CA ILE A 10 7.93 -17.79 -31.88
C ILE A 10 8.55 -19.12 -31.42
N LYS A 11 7.74 -19.99 -30.85
CA LYS A 11 8.26 -21.31 -30.42
C LYS A 11 8.93 -22.04 -31.59
N LYS A 12 8.23 -22.15 -32.74
CA LYS A 12 8.77 -22.85 -33.91
C LYS A 12 10.09 -22.25 -34.42
N LEU A 13 10.15 -20.93 -34.55
CA LEU A 13 11.41 -20.28 -34.96
C LEU A 13 12.62 -20.52 -34.03
N VAL A 14 12.37 -20.52 -32.72
CA VAL A 14 13.45 -20.82 -31.78
C VAL A 14 13.88 -22.29 -31.90
N ASP A 15 12.94 -23.21 -32.10
CA ASP A 15 13.28 -24.64 -32.34
C ASP A 15 14.08 -24.82 -33.59
N GLN A 16 13.73 -24.09 -34.66
CA GLN A 16 14.47 -24.21 -35.93
C GLN A 16 15.86 -23.68 -35.80
N ASN A 17 16.06 -22.61 -35.03
CA ASN A 17 17.36 -21.90 -35.01
C ASN A 17 18.27 -22.13 -33.80
N PHE A 18 17.67 -22.32 -32.62
CA PHE A 18 18.44 -22.56 -31.38
C PHE A 18 18.58 -24.05 -31.07
N LYS A 19 17.49 -24.82 -31.21
CA LYS A 19 17.49 -26.23 -30.82
C LYS A 19 18.66 -27.10 -31.46
N PRO A 20 18.94 -26.90 -32.72
CA PRO A 20 20.05 -27.66 -33.36
C PRO A 20 21.40 -27.42 -32.79
N LEU A 21 21.58 -26.32 -32.06
CA LEU A 21 22.87 -26.02 -31.56
C LEU A 21 23.23 -26.96 -30.41
N LEU A 22 22.24 -27.44 -29.68
CA LEU A 22 22.53 -28.34 -28.54
C LEU A 22 23.27 -29.63 -29.00
N GLU A 23 22.79 -30.26 -30.06
CA GLU A 23 23.50 -31.41 -30.68
C GLU A 23 24.78 -31.05 -31.36
N LYS A 24 24.82 -29.92 -32.06
CA LYS A 24 26.02 -29.55 -32.82
C LYS A 24 27.20 -29.29 -31.87
N TYR A 25 26.99 -28.70 -30.69
CA TYR A 25 28.11 -28.45 -29.75
C TYR A 25 28.05 -29.30 -28.47
N ASP A 26 27.18 -30.31 -28.44
CA ASP A 26 26.98 -31.17 -27.21
C ASP A 26 26.75 -30.32 -25.96
N VAL A 27 25.79 -29.41 -26.09
CA VAL A 27 25.40 -28.49 -24.98
C VAL A 27 24.35 -29.22 -24.14
N PRO A 28 24.59 -29.34 -22.83
CA PRO A 28 23.57 -30.05 -22.03
C PRO A 28 22.21 -29.34 -21.92
N GLY A 29 22.25 -28.01 -21.80
CA GLY A 29 21.07 -27.22 -21.40
C GLY A 29 21.06 -25.81 -22.00
N MET A 30 19.89 -25.32 -22.35
CA MET A 30 19.73 -23.98 -22.99
C MET A 30 18.35 -23.43 -22.60
N ALA A 31 18.33 -22.14 -22.37
CA ALA A 31 17.16 -21.32 -22.15
C ALA A 31 17.20 -20.13 -23.08
N VAL A 32 16.19 -20.03 -23.94
CA VAL A 32 16.04 -18.93 -24.90
C VAL A 32 14.70 -18.19 -24.55
N GLY A 33 14.81 -16.89 -24.36
CA GLY A 33 13.71 -16.02 -24.11
C GLY A 33 13.52 -15.02 -25.21
N VAL A 34 12.26 -14.76 -25.57
CA VAL A 34 11.94 -13.67 -26.51
C VAL A 34 10.92 -12.80 -25.81
N ILE A 35 11.06 -11.49 -26.00
CA ILE A 35 10.07 -10.54 -25.59
C ILE A 35 9.66 -9.76 -26.82
N GLN A 36 8.35 -9.65 -27.03
CA GLN A 36 7.81 -8.91 -28.19
C GLN A 36 6.52 -8.20 -27.72
N ASN A 37 6.39 -6.89 -28.00
CA ASN A 37 5.15 -6.15 -27.64
C ASN A 37 4.71 -6.44 -26.20
N ASN A 38 5.68 -6.45 -25.30
CA ASN A 38 5.48 -6.75 -23.86
C ASN A 38 5.01 -8.16 -23.43
N LYS A 39 5.06 -9.12 -24.36
CA LYS A 39 4.71 -10.52 -24.10
C LYS A 39 6.02 -11.30 -24.06
N LYS A 40 6.22 -12.11 -23.02
CA LYS A 40 7.42 -12.92 -22.86
C LYS A 40 7.23 -14.37 -23.27
N TYR A 41 8.20 -14.93 -23.98
CA TYR A 41 8.19 -16.30 -24.35
C TYR A 41 9.43 -16.98 -23.75
N GLU A 42 9.24 -18.14 -23.11
CA GLU A 42 10.38 -18.86 -22.50
C GLU A 42 10.42 -20.26 -23.12
N MET A 43 11.58 -20.60 -23.66
CA MET A 43 11.86 -21.90 -24.22
C MET A 43 13.06 -22.57 -23.57
N TYR A 44 12.82 -23.78 -23.03
CA TYR A 44 13.82 -24.49 -22.21
C TYR A 44 14.14 -25.82 -22.88
N TYR A 45 15.40 -26.15 -22.85
CA TYR A 45 15.91 -27.34 -23.52
C TYR A 45 16.93 -28.04 -22.61
N GLY A 46 16.80 -29.36 -22.50
CA GLY A 46 17.82 -30.13 -21.85
C GLY A 46 17.97 -29.92 -20.35
N LEU A 47 19.21 -30.00 -19.88
CA LEU A 47 19.53 -30.26 -18.49
C LEU A 47 20.40 -29.18 -17.88
N GLN A 48 20.01 -28.69 -16.70
CA GLN A 48 20.94 -27.86 -15.91
C GLN A 48 22.06 -28.64 -15.28
N SER A 49 21.81 -29.91 -15.03
CA SER A 49 22.79 -30.80 -14.41
C SER A 49 22.63 -32.17 -15.08
N VAL A 50 23.68 -32.60 -15.78
CA VAL A 50 23.73 -33.90 -16.50
C VAL A 50 23.61 -35.07 -15.44
N GLN A 51 24.40 -34.96 -14.41
CA GLN A 51 24.49 -36.01 -13.41
C GLN A 51 23.25 -36.14 -12.58
N ASP A 52 22.55 -35.04 -12.34
CA ASP A 52 21.33 -35.07 -11.59
C ASP A 52 20.13 -35.28 -12.52
N LYS A 53 20.33 -35.33 -13.84
CA LYS A 53 19.16 -35.30 -14.74
C LYS A 53 18.13 -34.21 -14.35
N LYS A 54 18.62 -33.04 -13.93
CA LYS A 54 17.73 -31.93 -13.58
C LYS A 54 17.54 -31.11 -14.82
N ALA A 55 16.28 -30.86 -15.15
CA ALA A 55 15.92 -30.20 -16.40
C ALA A 55 16.17 -28.70 -16.28
N VAL A 56 16.58 -28.04 -17.35
CA VAL A 56 16.49 -26.54 -17.35
C VAL A 56 15.04 -26.11 -17.24
N ASN A 57 14.80 -25.10 -16.39
CA ASN A 57 13.53 -24.50 -16.19
C ASN A 57 13.63 -23.01 -15.79
N SER A 58 12.49 -22.39 -15.51
CA SER A 58 12.44 -20.99 -15.12
C SER A 58 13.22 -20.64 -13.81
N ASN A 59 13.55 -21.65 -13.01
CA ASN A 59 14.36 -21.47 -11.81
C ASN A 59 15.85 -21.61 -12.02
N THR A 60 16.27 -22.11 -13.20
CA THR A 60 17.67 -22.43 -13.45
C THR A 60 18.50 -21.12 -13.42
N ILE A 61 19.55 -21.15 -12.61
CA ILE A 61 20.49 -20.01 -12.53
C ILE A 61 21.73 -20.30 -13.40
N PHE A 62 22.00 -19.40 -14.33
CA PHE A 62 23.17 -19.52 -15.23
C PHE A 62 24.17 -18.37 -14.92
N GLU A 63 25.44 -18.61 -15.23
CA GLU A 63 26.50 -17.56 -15.23
C GLU A 63 26.40 -16.72 -16.49
N LEU A 64 26.37 -15.40 -16.32
CA LEU A 64 26.25 -14.50 -17.44
C LEU A 64 27.58 -14.13 -18.05
N GLY A 65 28.70 -14.38 -17.37
CA GLY A 65 30.01 -13.94 -17.94
C GLY A 65 29.98 -12.44 -18.15
N SER A 66 30.57 -12.01 -19.27
CA SER A 66 30.69 -10.58 -19.64
C SER A 66 29.38 -9.82 -19.80
N VAL A 67 28.26 -10.53 -19.92
CA VAL A 67 26.98 -9.85 -19.75
C VAL A 67 26.75 -9.15 -18.41
N SER A 68 27.43 -9.59 -17.34
CA SER A 68 27.52 -8.88 -16.11
C SER A 68 27.93 -7.40 -16.27
N LYS A 69 28.76 -7.10 -17.28
CA LYS A 69 29.20 -5.73 -17.57
C LYS A 69 28.04 -4.79 -17.77
N LEU A 70 26.90 -5.32 -18.23
CA LEU A 70 25.71 -4.49 -18.45
C LEU A 70 25.14 -4.02 -17.13
N PHE A 71 25.22 -4.88 -16.10
CA PHE A 71 24.81 -4.52 -14.80
C PHE A 71 25.76 -3.48 -14.15
N THR A 72 27.04 -3.66 -14.37
CA THR A 72 28.08 -2.73 -13.88
C THR A 72 27.88 -1.28 -14.43
N ALA A 73 27.67 -1.23 -15.74
CA ALA A 73 27.31 -0.04 -16.52
C ALA A 73 26.07 0.61 -15.99
N THR A 74 25.03 -0.21 -15.78
CA THR A 74 23.79 0.27 -15.13
C THR A 74 24.05 0.86 -13.79
N ALA A 75 24.82 0.16 -12.96
CA ALA A 75 25.13 0.63 -11.60
C ALA A 75 25.85 2.00 -11.68
N GLY A 76 26.68 2.15 -12.71
CA GLY A 76 27.43 3.37 -12.98
C GLY A 76 26.52 4.53 -13.36
N GLY A 77 25.58 4.24 -14.26
CA GLY A 77 24.54 5.19 -14.62
C GLY A 77 23.66 5.62 -13.44
N TYR A 78 23.38 4.70 -12.53
CA TYR A 78 22.60 5.01 -11.33
C TYR A 78 23.37 6.00 -10.44
N ALA A 79 24.66 5.78 -10.33
CA ALA A 79 25.50 6.62 -9.47
C ALA A 79 25.70 8.02 -10.10
N LYS A 80 25.91 8.09 -11.41
CA LYS A 80 26.00 9.39 -12.11
C LYS A 80 24.73 10.22 -11.93
N ASN A 81 23.59 9.56 -11.84
CA ASN A 81 22.35 10.32 -11.69
C ASN A 81 21.93 10.60 -10.22
N LYS A 82 22.37 9.82 -9.25
CA LYS A 82 22.27 10.22 -7.85
C LYS A 82 23.34 11.28 -7.44
N GLY A 83 24.05 11.89 -8.38
CA GLY A 83 25.14 12.82 -8.06
C GLY A 83 26.38 12.23 -7.36
N LYS A 84 26.47 10.90 -7.26
CA LYS A 84 27.47 10.26 -6.42
C LYS A 84 28.80 10.20 -7.17
N ILE A 85 28.75 10.23 -8.50
CA ILE A 85 29.95 10.29 -9.35
C ILE A 85 29.71 11.11 -10.59
N SER A 86 30.79 11.39 -11.32
CA SER A 86 30.77 12.01 -12.63
C SER A 86 31.70 11.25 -13.57
N PHE A 87 31.36 11.11 -14.85
CA PHE A 87 32.19 10.34 -15.78
C PHE A 87 33.45 11.06 -16.31
N ASP A 88 33.60 12.34 -15.98
CA ASP A 88 34.88 13.07 -16.19
C ASP A 88 35.81 12.92 -14.96
N ASP A 89 35.24 12.56 -13.80
CA ASP A 89 35.99 12.19 -12.59
C ASP A 89 37.09 11.13 -12.77
N THR A 90 37.82 10.94 -11.68
CA THR A 90 39.07 10.19 -11.66
C THR A 90 39.01 9.27 -10.42
N PRO A 91 39.64 8.08 -10.45
CA PRO A 91 39.62 7.11 -9.32
C PRO A 91 39.99 7.60 -7.90
N GLY A 92 40.85 8.62 -7.91
CA GLY A 92 41.39 9.25 -6.73
C GLY A 92 40.32 9.81 -5.85
N LYS A 93 39.35 10.49 -6.46
CA LYS A 93 38.28 11.11 -5.67
C LYS A 93 37.60 10.11 -4.76
N TYR A 94 37.67 8.81 -5.10
CA TYR A 94 36.93 7.76 -4.38
C TYR A 94 37.81 6.69 -3.71
N TRP A 95 38.80 6.17 -4.43
CA TRP A 95 39.83 5.28 -3.85
C TRP A 95 40.95 6.18 -3.29
N LYS A 96 40.79 6.57 -2.02
CA LYS A 96 41.71 7.53 -1.36
C LYS A 96 43.19 7.14 -1.63
N GLU A 97 43.48 5.84 -1.51
CA GLU A 97 44.82 5.23 -1.76
C GLU A 97 45.46 5.43 -3.14
N LEU A 98 44.73 5.98 -4.10
CA LEU A 98 45.29 6.18 -5.46
C LEU A 98 45.31 7.66 -5.89
N LYS A 99 44.94 8.55 -4.94
CA LYS A 99 44.58 9.95 -5.24
C LYS A 99 45.41 10.67 -6.30
N ASN A 100 46.72 10.74 -6.12
CA ASN A 100 47.58 11.43 -7.09
C ASN A 100 48.40 10.50 -7.98
N THR A 101 48.28 9.19 -7.81
CA THR A 101 49.13 8.25 -8.64
C THR A 101 48.76 8.33 -10.14
N PRO A 102 49.48 7.66 -11.05
CA PRO A 102 49.13 7.87 -12.48
C PRO A 102 47.72 7.36 -12.92
N ILE A 103 47.18 6.29 -12.30
CA ILE A 103 45.82 5.85 -12.71
C ILE A 103 44.70 6.84 -12.22
N ASP A 104 45.05 7.79 -11.33
CA ASP A 104 44.18 8.92 -10.98
C ASP A 104 44.20 9.98 -12.06
N GLN A 105 44.90 9.73 -13.18
CA GLN A 105 44.74 10.52 -14.44
C GLN A 105 43.64 10.06 -15.46
N VAL A 106 43.15 8.82 -15.44
CA VAL A 106 42.19 8.33 -16.51
C VAL A 106 40.75 8.57 -16.01
N ASN A 107 39.79 8.88 -16.90
CA ASN A 107 38.43 9.24 -16.38
C ASN A 107 37.55 8.00 -16.19
N LEU A 108 36.48 8.12 -15.42
CA LEU A 108 35.65 6.97 -15.14
C LEU A 108 35.04 6.44 -16.44
N LEU A 109 34.77 7.31 -17.44
CA LEU A 109 34.20 6.89 -18.72
C LEU A 109 35.17 6.10 -19.56
N GLN A 110 36.43 6.56 -19.61
CA GLN A 110 37.43 5.88 -20.43
C GLN A 110 37.73 4.45 -19.92
N LEU A 111 37.64 4.29 -18.61
CA LEU A 111 37.76 2.98 -17.94
C LEU A 111 36.62 2.02 -18.37
N ALA A 112 35.40 2.53 -18.17
CA ALA A 112 34.17 1.83 -18.56
C ALA A 112 34.05 1.40 -19.98
N THR A 113 34.63 2.22 -20.87
CA THR A 113 34.67 2.01 -22.28
C THR A 113 36.06 1.61 -22.91
N TYR A 114 36.97 1.10 -22.08
CA TYR A 114 38.11 0.27 -22.53
C TYR A 114 39.26 1.04 -23.30
N THR A 115 39.36 2.35 -23.04
CA THR A 115 40.22 3.21 -23.88
C THR A 115 41.29 3.95 -23.09
N SER A 116 41.57 3.53 -21.86
CA SER A 116 42.84 3.84 -21.22
C SER A 116 43.98 3.43 -22.18
N GLY A 117 45.15 4.00 -22.03
CA GLY A 117 46.28 3.54 -22.85
C GLY A 117 46.63 2.05 -22.78
N ASN A 118 46.47 1.45 -21.59
CA ASN A 118 47.15 0.15 -21.34
C ASN A 118 46.52 -0.85 -20.34
N LEU A 119 45.50 -1.53 -20.85
CA LEU A 119 44.78 -2.59 -20.13
C LEU A 119 44.32 -3.68 -21.12
N ALA A 120 44.70 -4.92 -20.79
CA ALA A 120 44.38 -6.05 -21.62
C ALA A 120 43.09 -6.71 -21.06
N LEU A 121 42.61 -7.69 -21.77
CA LEU A 121 41.48 -8.56 -21.37
C LEU A 121 41.46 -9.06 -19.95
N GLN A 122 42.61 -9.56 -19.48
CA GLN A 122 42.68 -10.13 -18.13
C GLN A 122 43.78 -9.54 -17.23
N PHE A 123 43.57 -9.46 -15.93
CA PHE A 123 44.72 -9.29 -15.07
C PHE A 123 45.72 -10.46 -15.31
N PRO A 124 46.97 -10.28 -14.88
CA PRO A 124 47.89 -11.44 -14.86
C PRO A 124 47.47 -12.39 -13.75
N ASP A 125 47.68 -13.69 -13.99
CA ASP A 125 47.20 -14.73 -13.04
C ASP A 125 47.67 -14.45 -11.61
N GLU A 126 48.93 -14.04 -11.51
CA GLU A 126 49.57 -13.54 -10.33
C GLU A 126 48.71 -12.68 -9.42
N VAL A 127 47.91 -11.80 -10.00
CA VAL A 127 47.07 -10.85 -9.24
C VAL A 127 45.79 -11.51 -8.73
N GLN A 128 45.55 -11.46 -7.41
CA GLN A 128 44.42 -12.19 -6.76
C GLN A 128 43.78 -11.55 -5.53
N THR A 129 44.60 -11.01 -4.63
CA THR A 129 44.10 -10.54 -3.33
C THR A 129 43.71 -9.10 -3.52
N ASP A 130 43.03 -8.55 -2.52
CA ASP A 130 42.71 -7.11 -2.52
C ASP A 130 43.98 -6.27 -2.58
N GLN A 131 44.99 -6.66 -1.79
CA GLN A 131 46.27 -5.93 -1.78
C GLN A 131 47.02 -6.05 -3.12
N GLN A 132 46.88 -7.16 -3.84
CA GLN A 132 47.56 -7.29 -5.16
C GLN A 132 46.91 -6.46 -6.30
N VAL A 133 45.62 -6.17 -6.16
CA VAL A 133 44.87 -5.31 -7.08
C VAL A 133 45.20 -3.83 -6.79
N LEU A 134 45.06 -3.44 -5.52
CA LEU A 134 45.42 -2.10 -4.97
C LEU A 134 46.83 -1.66 -5.37
N THR A 135 47.76 -2.62 -5.31
CA THR A 135 49.16 -2.48 -5.74
C THR A 135 49.38 -2.59 -7.26
N PHE A 136 48.57 -3.36 -7.97
CA PHE A 136 48.68 -3.41 -9.44
C PHE A 136 48.28 -2.06 -10.05
N PHE A 137 47.37 -1.35 -9.37
CA PHE A 137 46.90 -0.06 -9.88
C PHE A 137 47.77 1.08 -9.32
N LYS A 138 48.28 0.96 -8.08
CA LYS A 138 49.24 1.98 -7.54
C LYS A 138 50.49 2.07 -8.42
N ASP A 139 51.07 0.93 -8.77
CA ASP A 139 52.25 0.90 -9.67
C ASP A 139 51.81 0.71 -11.14
N TRP A 140 50.62 1.17 -11.48
CA TRP A 140 50.17 1.25 -12.90
C TRP A 140 50.75 2.50 -13.54
N LYS A 141 51.34 2.36 -14.73
CA LYS A 141 51.88 3.48 -15.47
C LYS A 141 51.31 3.42 -16.86
N PRO A 142 50.91 4.61 -17.42
CA PRO A 142 50.28 4.75 -18.76
C PRO A 142 51.08 4.20 -19.91
N LYS A 143 50.43 4.05 -21.06
CA LYS A 143 51.11 3.81 -22.34
C LYS A 143 50.49 4.62 -23.48
N ASN A 144 49.44 4.12 -24.14
CA ASN A 144 48.93 4.73 -25.40
C ASN A 144 48.31 6.14 -25.25
N PRO A 145 48.09 6.86 -26.41
CA PRO A 145 47.33 8.11 -26.32
C PRO A 145 45.91 7.74 -25.83
N ILE A 146 45.71 7.94 -24.54
CA ILE A 146 44.45 7.81 -23.92
C ILE A 146 43.31 8.27 -24.84
N GLY A 147 42.32 7.41 -25.00
CA GLY A 147 41.03 7.77 -25.51
C GLY A 147 41.04 7.40 -26.94
N GLU A 148 42.23 7.14 -27.50
CA GLU A 148 42.27 6.90 -28.91
C GLU A 148 42.08 5.46 -29.19
N TYR A 149 42.47 4.56 -28.27
CA TYR A 149 42.49 3.12 -28.65
C TYR A 149 41.48 2.27 -27.83
N ARG A 150 40.62 1.53 -28.51
CA ARG A 150 39.81 0.59 -27.72
C ARG A 150 40.55 -0.78 -27.66
N GLN A 151 40.80 -1.20 -26.45
CA GLN A 151 41.08 -2.63 -26.09
C GLN A 151 40.16 -3.25 -24.98
N TYR A 152 39.26 -4.12 -25.39
CA TYR A 152 38.33 -4.76 -24.43
C TYR A 152 39.00 -5.37 -23.15
N SER A 153 38.58 -4.98 -21.96
CA SER A 153 39.31 -5.24 -20.70
C SER A 153 38.50 -5.42 -19.40
N ASN A 154 38.62 -6.63 -18.80
CA ASN A 154 38.17 -6.81 -17.40
C ASN A 154 38.72 -5.88 -16.32
N PRO A 155 40.07 -5.69 -16.26
CA PRO A 155 40.56 -4.69 -15.28
C PRO A 155 39.90 -3.27 -15.39
N SER A 156 39.73 -2.79 -16.60
CA SER A 156 39.27 -1.40 -16.85
C SER A 156 37.88 -1.14 -16.25
N ILE A 157 36.92 -1.96 -16.70
CA ILE A 157 35.54 -1.87 -16.18
C ILE A 157 35.42 -2.42 -14.80
N GLY A 158 36.24 -3.41 -14.50
CA GLY A 158 36.34 -3.78 -13.10
C GLY A 158 36.68 -2.63 -12.22
N LEU A 159 37.67 -1.83 -12.65
CA LEU A 159 38.09 -0.69 -11.79
C LEU A 159 36.95 0.39 -11.70
N PHE A 160 36.29 0.61 -12.81
CA PHE A 160 35.05 1.44 -12.86
C PHE A 160 34.06 0.94 -11.84
N GLY A 161 33.79 -0.37 -11.87
CA GLY A 161 32.92 -0.94 -10.88
C GLY A 161 33.30 -0.73 -9.42
N LYS A 162 34.57 -1.00 -9.07
CA LYS A 162 35.06 -0.77 -7.69
C LYS A 162 34.78 0.67 -7.23
N VAL A 163 35.05 1.61 -8.12
CA VAL A 163 34.88 3.06 -7.87
C VAL A 163 33.43 3.46 -7.74
N VAL A 164 32.59 2.93 -8.63
CA VAL A 164 31.14 3.13 -8.50
C VAL A 164 30.71 2.69 -7.12
N ALA A 165 31.24 1.55 -6.70
CA ALA A 165 30.86 1.00 -5.39
C ALA A 165 31.35 1.93 -4.24
N LEU A 166 32.57 2.41 -4.35
CA LEU A 166 33.12 3.33 -3.35
C LEU A 166 32.28 4.59 -3.17
N SER A 167 31.81 5.15 -4.30
CA SER A 167 30.94 6.32 -4.29
C SER A 167 29.59 6.10 -3.63
N MET A 168 29.06 4.89 -3.70
CA MET A 168 27.81 4.57 -3.01
C MET A 168 28.05 4.03 -1.60
N ASN A 169 29.31 3.89 -1.19
CA ASN A 169 29.67 3.52 0.20
C ASN A 169 29.19 2.11 0.54
N LYS A 170 29.44 1.19 -0.38
CA LYS A 170 28.96 -0.17 -0.28
C LYS A 170 29.84 -1.03 -1.21
N PRO A 171 30.14 -2.25 -0.78
CA PRO A 171 30.92 -3.09 -1.65
C PRO A 171 30.01 -3.44 -2.84
N PHE A 172 30.66 -3.66 -3.98
CA PHE A 172 29.99 -3.81 -5.24
C PHE A 172 28.85 -4.81 -5.17
N ASP A 173 29.09 -5.96 -4.56
CA ASP A 173 28.06 -6.98 -4.49
C ASP A 173 26.74 -6.51 -3.85
N GLN A 174 26.84 -5.69 -2.80
CA GLN A 174 25.63 -5.17 -2.17
C GLN A 174 24.97 -4.11 -3.06
N VAL A 175 25.72 -3.38 -3.84
CA VAL A 175 25.14 -2.37 -4.76
C VAL A 175 24.19 -3.05 -5.76
N LEU A 176 24.67 -4.13 -6.38
CA LEU A 176 23.77 -4.93 -7.19
C LEU A 176 22.65 -5.62 -6.44
N GLU A 177 22.93 -6.36 -5.37
CA GLU A 177 21.87 -7.15 -4.77
C GLU A 177 20.87 -6.36 -3.97
N LYS A 178 21.27 -5.24 -3.36
CA LYS A 178 20.37 -4.43 -2.50
C LYS A 178 19.79 -3.22 -3.19
N THR A 179 20.49 -2.69 -4.18
CA THR A 179 20.05 -1.48 -4.86
C THR A 179 19.71 -1.75 -6.33
N ILE A 180 20.64 -2.27 -7.16
CA ILE A 180 20.33 -2.36 -8.58
C ILE A 180 19.32 -3.46 -8.97
N PHE A 181 19.61 -4.70 -8.61
CA PHE A 181 18.65 -5.78 -8.90
C PHE A 181 17.19 -5.44 -8.45
N PRO A 182 16.97 -5.02 -7.19
CA PRO A 182 15.56 -4.73 -6.73
C PRO A 182 14.85 -3.64 -7.56
N ALA A 183 15.63 -2.60 -7.92
CA ALA A 183 15.08 -1.51 -8.75
C ALA A 183 14.65 -1.98 -10.14
N LEU A 184 15.38 -2.98 -10.69
CA LEU A 184 15.02 -3.69 -11.95
C LEU A 184 13.92 -4.78 -11.79
N GLY A 185 13.37 -4.96 -10.58
CA GLY A 185 12.48 -6.07 -10.24
C GLY A 185 13.02 -7.49 -10.50
N LEU A 186 14.31 -7.72 -10.34
CA LEU A 186 14.89 -9.07 -10.57
C LEU A 186 14.76 -9.89 -9.28
N LYS A 187 14.22 -11.11 -9.34
CA LYS A 187 13.98 -11.92 -8.11
C LYS A 187 15.11 -12.91 -7.82
N HIS A 188 15.85 -13.37 -8.84
CA HIS A 188 16.82 -14.41 -8.65
C HIS A 188 18.11 -14.14 -9.42
N SER A 189 18.62 -12.94 -9.24
CA SER A 189 19.89 -12.54 -9.87
C SER A 189 20.87 -12.22 -8.70
N TYR A 190 22.09 -12.71 -8.82
CA TYR A 190 23.07 -12.75 -7.72
C TYR A 190 24.48 -12.45 -8.20
N VAL A 191 25.27 -11.77 -7.36
CA VAL A 191 26.71 -11.89 -7.41
C VAL A 191 27.07 -13.15 -6.62
N ASN A 192 26.54 -13.33 -5.41
CA ASN A 192 26.77 -14.61 -4.66
C ASN A 192 25.46 -15.35 -4.49
N VAL A 193 25.41 -16.57 -5.01
CA VAL A 193 24.17 -17.32 -4.99
C VAL A 193 23.97 -17.86 -3.59
N PRO A 194 22.89 -17.49 -2.88
CA PRO A 194 22.75 -18.05 -1.51
C PRO A 194 22.58 -19.55 -1.48
N LYS A 195 22.69 -20.10 -0.27
CA LYS A 195 22.56 -21.53 -0.01
C LYS A 195 21.20 -22.06 -0.45
N THR A 196 20.16 -21.32 -0.14
CA THR A 196 18.80 -21.71 -0.51
C THR A 196 18.53 -21.83 -2.02
N GLN A 197 19.42 -21.23 -2.83
CA GLN A 197 19.31 -21.25 -4.30
C GLN A 197 20.34 -22.15 -4.99
N MET A 198 21.28 -22.75 -4.24
CA MET A 198 22.34 -23.57 -4.86
C MET A 198 21.80 -24.77 -5.66
N GLN A 199 20.69 -25.36 -5.21
CA GLN A 199 20.05 -26.43 -5.98
C GLN A 199 19.58 -25.92 -7.38
N ASN A 200 19.35 -24.63 -7.50
CA ASN A 200 18.98 -24.04 -8.80
C ASN A 200 20.16 -23.61 -9.69
N TYR A 201 21.38 -23.63 -9.18
CA TYR A 201 22.55 -23.12 -9.89
C TYR A 201 23.02 -24.28 -10.76
N ALA A 202 22.90 -24.11 -12.04
CA ALA A 202 23.37 -25.07 -13.03
C ALA A 202 24.84 -25.38 -12.84
N PHE A 203 25.22 -26.61 -13.23
CA PHE A 203 26.60 -26.83 -13.62
C PHE A 203 26.89 -26.20 -14.96
N GLY A 204 28.04 -25.55 -15.09
CA GLY A 204 28.57 -25.27 -16.43
C GLY A 204 29.35 -26.51 -16.84
N TYR A 205 29.67 -26.59 -18.10
CA TYR A 205 30.40 -27.75 -18.66
C TYR A 205 31.51 -27.24 -19.54
N ASN A 206 32.75 -27.76 -19.36
CA ASN A 206 33.87 -27.29 -20.16
C ASN A 206 33.85 -27.99 -21.50
N GLN A 207 34.89 -27.81 -22.30
CA GLN A 207 34.95 -28.46 -23.62
C GLN A 207 35.27 -29.93 -23.50
N GLU A 208 35.72 -30.39 -22.33
CA GLU A 208 35.78 -31.83 -22.03
C GLU A 208 34.50 -32.40 -21.35
N ASN A 209 33.35 -31.75 -21.57
CA ASN A 209 32.08 -31.92 -20.85
C ASN A 209 32.17 -32.24 -19.31
N GLN A 210 33.18 -31.70 -18.64
CA GLN A 210 33.27 -31.79 -17.16
C GLN A 210 32.51 -30.65 -16.50
N PRO A 211 31.77 -30.97 -15.43
CA PRO A 211 30.97 -29.97 -14.75
C PRO A 211 31.86 -28.99 -13.95
N ILE A 212 31.63 -27.70 -14.14
CA ILE A 212 32.46 -26.64 -13.52
C ILE A 212 31.60 -25.44 -13.21
N ARG A 213 32.13 -24.57 -12.38
CA ARG A 213 31.51 -23.29 -12.09
C ARG A 213 32.67 -22.28 -11.95
N VAL A 214 32.31 -21.00 -11.97
CA VAL A 214 33.25 -19.94 -12.06
C VAL A 214 34.13 -19.89 -10.80
N ASN A 215 35.41 -19.61 -11.03
CA ASN A 215 36.39 -19.47 -9.94
C ASN A 215 36.52 -18.01 -9.52
N PRO A 216 36.66 -17.75 -8.19
CA PRO A 216 37.11 -16.43 -7.66
C PRO A 216 38.28 -15.83 -8.46
N GLY A 217 38.30 -14.50 -8.64
CA GLY A 217 39.31 -13.85 -9.46
C GLY A 217 39.31 -12.38 -9.13
N PRO A 218 40.38 -11.64 -9.47
CA PRO A 218 40.35 -10.21 -9.17
C PRO A 218 39.24 -9.43 -9.93
N LEU A 219 38.55 -8.58 -9.17
CA LEU A 219 37.38 -7.79 -9.54
C LEU A 219 36.47 -8.57 -10.48
N ASP A 220 36.12 -9.75 -9.98
CA ASP A 220 35.29 -10.64 -10.78
C ASP A 220 33.85 -10.13 -10.79
N ALA A 221 33.32 -9.63 -9.68
CA ALA A 221 31.89 -9.30 -9.63
C ALA A 221 31.51 -8.25 -10.74
N PRO A 222 32.21 -7.13 -10.80
CA PRO A 222 31.91 -6.19 -11.88
C PRO A 222 32.27 -6.55 -13.30
N ALA A 223 33.22 -7.43 -13.56
CA ALA A 223 33.60 -7.78 -14.93
C ALA A 223 32.86 -8.99 -15.59
N TYR A 224 32.51 -9.96 -14.76
CA TYR A 224 31.89 -11.18 -15.21
C TYR A 224 31.23 -12.03 -14.13
N GLY A 225 30.79 -11.47 -13.05
CA GLY A 225 30.39 -12.28 -11.90
C GLY A 225 28.93 -12.36 -11.49
N VAL A 226 28.00 -12.10 -12.42
CA VAL A 226 26.59 -12.13 -12.13
C VAL A 226 25.98 -13.42 -12.65
N LYS A 227 25.06 -13.96 -11.88
CA LYS A 227 24.30 -15.14 -12.26
C LYS A 227 22.84 -14.79 -12.25
N SER A 228 22.04 -15.37 -13.18
CA SER A 228 20.65 -15.02 -13.33
C SER A 228 19.81 -16.13 -13.99
N THR A 229 18.50 -15.95 -14.01
CA THR A 229 17.58 -16.89 -14.58
C THR A 229 17.02 -16.30 -15.86
N LEU A 230 16.36 -17.13 -16.71
CA LEU A 230 15.79 -16.63 -17.95
C LEU A 230 14.67 -15.55 -17.65
N PRO A 231 13.77 -15.84 -16.69
CA PRO A 231 12.77 -14.79 -16.35
C PRO A 231 13.40 -13.41 -16.01
N ASP A 232 14.45 -13.44 -15.23
CA ASP A 232 15.09 -12.21 -14.78
C ASP A 232 15.76 -11.49 -15.94
N MET A 233 16.44 -12.24 -16.81
CA MET A 233 17.04 -11.58 -17.93
C MET A 233 16.00 -11.01 -18.90
N LEU A 234 14.82 -11.65 -19.02
CA LEU A 234 13.77 -11.11 -19.84
C LEU A 234 13.21 -9.81 -19.22
N SER A 235 13.18 -9.77 -17.91
CA SER A 235 12.77 -8.53 -17.22
C SER A 235 13.81 -7.43 -17.41
N PHE A 236 15.07 -7.79 -17.39
CA PHE A 236 16.14 -6.82 -17.70
C PHE A 236 16.01 -6.26 -19.12
N ILE A 237 15.77 -7.14 -20.10
CA ILE A 237 15.53 -6.69 -21.48
C ILE A 237 14.27 -5.81 -21.58
N HIS A 238 13.22 -6.22 -20.87
CA HIS A 238 12.00 -5.42 -20.77
C HIS A 238 12.27 -3.97 -20.35
N ALA A 239 13.05 -3.83 -19.27
CA ALA A 239 13.42 -2.54 -18.73
C ALA A 239 14.25 -1.71 -19.72
N ASN A 240 15.17 -2.38 -20.43
CA ASN A 240 15.89 -1.69 -21.51
C ASN A 240 15.01 -1.26 -22.66
N LEU A 241 14.00 -2.06 -22.97
CA LEU A 241 13.08 -1.72 -24.03
C LEU A 241 12.10 -0.64 -23.60
N ASN A 242 11.75 -0.59 -22.31
CA ASN A 242 10.67 0.30 -21.72
C ASN A 242 11.01 0.87 -20.37
N PRO A 243 12.04 1.70 -20.29
CA PRO A 243 12.44 2.20 -19.01
C PRO A 243 11.50 3.28 -18.41
N GLN A 244 10.54 3.76 -19.21
CA GLN A 244 9.50 4.72 -18.76
C GLN A 244 8.71 4.23 -17.52
N LYS A 245 8.37 2.96 -17.43
CA LYS A 245 7.65 2.41 -16.27
C LYS A 245 8.43 2.21 -14.94
N TYR A 246 9.76 2.40 -14.93
CA TYR A 246 10.61 2.00 -13.80
C TYR A 246 10.90 3.23 -12.95
N PRO A 247 11.40 3.02 -11.71
CA PRO A 247 11.73 4.17 -10.89
C PRO A 247 12.66 5.15 -11.61
N THR A 248 12.49 6.45 -11.35
CA THR A 248 13.20 7.49 -12.15
C THR A 248 14.76 7.34 -12.07
N ASP A 249 15.29 6.91 -10.93
CA ASP A 249 16.74 6.72 -10.75
C ASP A 249 17.26 5.66 -11.78
N ILE A 250 16.53 4.56 -11.83
CA ILE A 250 16.93 3.41 -12.67
C ILE A 250 16.62 3.67 -14.14
N GLN A 251 15.53 4.38 -14.43
CA GLN A 251 15.29 4.86 -15.76
C GLN A 251 16.43 5.67 -16.35
N ARG A 252 16.89 6.64 -15.57
CA ARG A 252 18.03 7.46 -15.90
C ARG A 252 19.31 6.60 -16.05
N ALA A 253 19.54 5.65 -15.17
CA ALA A 253 20.67 4.70 -15.33
C ALA A 253 20.65 3.94 -16.67
N ILE A 254 19.48 3.42 -17.03
CA ILE A 254 19.31 2.69 -18.28
C ILE A 254 19.53 3.54 -19.54
N ASN A 255 18.91 4.73 -19.56
CA ASN A 255 19.16 5.62 -20.66
C ASN A 255 20.65 5.97 -20.76
N GLU A 256 21.32 6.16 -19.62
CA GLU A 256 22.76 6.37 -19.61
C GLU A 256 23.54 5.25 -20.31
N THR A 257 23.08 3.99 -20.26
CA THR A 257 23.79 2.91 -20.84
C THR A 257 23.53 2.74 -22.26
N HIS A 258 22.52 3.41 -22.77
CA HIS A 258 22.20 3.39 -24.19
C HIS A 258 22.94 4.47 -25.01
N GLN A 259 23.60 5.46 -24.37
CA GLN A 259 24.24 6.56 -25.10
C GLN A 259 25.59 6.07 -25.70
N GLY A 260 25.66 6.06 -26.99
CA GLY A 260 26.92 5.75 -27.77
C GLY A 260 27.98 6.80 -27.48
N ARG A 261 29.22 6.37 -27.29
CA ARG A 261 30.31 7.23 -26.86
C ARG A 261 31.34 7.46 -27.97
N TYR A 262 31.57 6.45 -28.78
CA TYR A 262 32.53 6.49 -29.88
C TYR A 262 32.26 5.33 -30.83
N GLN A 263 32.88 5.36 -32.01
CA GLN A 263 32.79 4.31 -32.96
C GLN A 263 34.11 3.56 -33.00
N VAL A 264 34.00 2.27 -33.32
CA VAL A 264 35.08 1.53 -33.90
C VAL A 264 34.43 0.93 -35.05
N ASN A 265 34.56 1.61 -36.20
CA ASN A 265 33.92 1.19 -37.41
C ASN A 265 32.37 1.25 -37.25
N THR A 266 31.62 0.25 -37.72
CA THR A 266 30.19 0.06 -37.47
C THR A 266 29.70 -0.19 -36.04
N MET A 267 30.59 -0.41 -35.10
CA MET A 267 30.18 -0.68 -33.75
C MET A 267 30.28 0.61 -33.01
N TYR A 268 29.20 0.97 -32.31
CA TYR A 268 29.26 2.08 -31.39
C TYR A 268 29.38 1.50 -30.03
N GLN A 269 30.30 2.03 -29.24
CA GLN A 269 30.41 1.68 -27.85
C GLN A 269 29.56 2.56 -26.92
N ALA A 270 28.66 1.91 -26.17
CA ALA A 270 27.85 2.58 -25.16
C ALA A 270 28.43 2.14 -23.86
N LEU A 271 27.69 2.31 -22.78
CA LEU A 271 28.18 1.91 -21.48
C LEU A 271 27.72 0.45 -21.32
N GLY A 272 28.66 -0.49 -21.42
CA GLY A 272 28.29 -1.90 -21.33
C GLY A 272 27.82 -2.41 -22.66
N TRP A 273 26.71 -1.92 -23.15
CA TRP A 273 26.20 -2.39 -24.45
C TRP A 273 27.03 -1.96 -25.64
N GLU A 274 26.97 -2.81 -26.64
CA GLU A 274 27.36 -2.50 -27.97
C GLU A 274 26.16 -2.03 -28.73
N GLU A 275 26.33 -0.92 -29.48
CA GLU A 275 25.24 -0.30 -30.30
C GLU A 275 25.48 -0.31 -31.79
N PHE A 276 24.42 -0.53 -32.55
CA PHE A 276 24.46 -0.58 -33.98
C PHE A 276 23.34 0.22 -34.59
N SER A 277 23.57 0.67 -35.82
CA SER A 277 22.44 1.19 -36.62
C SER A 277 21.50 0.01 -37.02
N TYR A 278 20.21 0.19 -36.82
CA TYR A 278 19.20 -0.79 -37.22
C TYR A 278 18.45 -0.37 -38.51
N PRO A 279 18.18 -1.29 -39.47
CA PRO A 279 18.57 -2.70 -39.37
C PRO A 279 20.07 -2.84 -39.57
N ALA A 280 20.70 -3.80 -38.91
CA ALA A 280 22.14 -4.08 -39.18
C ALA A 280 22.25 -5.34 -40.02
N THR A 281 23.30 -5.41 -40.84
CA THR A 281 23.56 -6.68 -41.53
C THR A 281 24.11 -7.72 -40.52
N LEU A 282 23.88 -8.99 -40.78
CA LEU A 282 24.52 -10.04 -39.94
C LEU A 282 26.01 -9.82 -39.70
N GLN A 283 26.75 -9.58 -40.79
CA GLN A 283 28.18 -9.34 -40.67
C GLN A 283 28.62 -8.19 -39.78
N THR A 284 27.86 -7.08 -39.79
CA THR A 284 28.14 -6.03 -38.83
C THR A 284 28.13 -6.58 -37.38
N LEU A 285 27.15 -7.40 -37.07
CA LEU A 285 26.98 -7.88 -35.66
C LEU A 285 28.10 -8.86 -35.31
N LEU A 286 28.46 -9.69 -36.30
CA LEU A 286 29.61 -10.65 -36.15
C LEU A 286 30.94 -9.97 -35.96
N ASP A 287 31.15 -8.84 -36.65
CA ASP A 287 32.39 -8.07 -36.51
C ASP A 287 32.68 -7.57 -35.14
N SER A 288 31.63 -7.22 -34.36
CA SER A 288 31.81 -6.79 -33.00
C SER A 288 32.41 -7.92 -32.18
N ASN A 289 32.25 -9.16 -32.58
CA ASN A 289 32.85 -10.24 -31.86
C ASN A 289 34.05 -10.90 -32.62
N SER A 290 34.51 -10.29 -33.72
CA SER A 290 35.75 -10.71 -34.48
C SER A 290 37.01 -10.67 -33.61
N GLU A 291 38.03 -11.45 -33.97
CA GLU A 291 39.31 -11.35 -33.22
C GLU A 291 39.80 -9.87 -33.25
N GLN A 292 39.64 -9.27 -34.43
CA GLN A 292 40.12 -7.89 -34.68
C GLN A 292 39.56 -6.96 -33.59
N ILE A 293 38.23 -7.00 -33.38
CA ILE A 293 37.57 -6.11 -32.42
C ILE A 293 37.80 -6.51 -30.97
N VAL A 294 37.67 -7.82 -30.62
CA VAL A 294 37.74 -8.27 -29.20
C VAL A 294 39.14 -8.39 -28.63
N MET A 295 40.11 -8.86 -29.44
CA MET A 295 41.47 -9.24 -28.92
C MET A 295 42.57 -8.14 -29.10
N LYS A 296 42.51 -7.40 -30.23
CA LYS A 296 43.51 -6.37 -30.63
C LYS A 296 43.11 -4.91 -30.26
N PRO A 297 44.09 -4.00 -30.11
CA PRO A 297 43.73 -2.56 -30.02
C PRO A 297 43.18 -2.05 -31.32
N ASN A 298 42.21 -1.13 -31.24
CA ASN A 298 41.72 -0.46 -32.40
C ASN A 298 41.52 1.00 -32.09
N LYS A 299 41.77 1.84 -33.09
CA LYS A 299 41.67 3.27 -32.89
C LYS A 299 40.18 3.70 -32.95
N VAL A 300 39.74 4.40 -31.91
CA VAL A 300 38.33 4.90 -31.79
C VAL A 300 38.03 6.31 -32.30
N THR A 301 37.06 6.41 -33.23
CA THR A 301 36.67 7.67 -33.87
C THR A 301 35.38 8.19 -33.28
N ALA A 302 35.19 9.51 -33.40
CA ALA A 302 33.99 10.16 -32.88
C ALA A 302 32.84 9.63 -33.62
N ILE A 303 31.65 9.66 -33.01
CA ILE A 303 30.46 9.31 -33.70
C ILE A 303 30.28 10.34 -34.76
N SER A 304 30.07 9.85 -35.99
CA SER A 304 29.78 10.67 -37.13
C SER A 304 28.29 10.57 -37.49
N LYS A 305 27.84 9.42 -38.00
CA LYS A 305 26.40 9.11 -38.16
C LYS A 305 25.81 8.71 -36.81
N GLU A 306 24.91 9.52 -36.30
CA GLU A 306 24.09 9.21 -35.15
C GLU A 306 22.91 8.37 -35.66
N PRO A 307 22.91 7.01 -35.45
CA PRO A 307 21.80 6.21 -36.05
C PRO A 307 20.44 6.69 -35.58
N SER A 308 19.44 6.72 -36.48
CA SER A 308 18.13 7.16 -36.09
C SER A 308 17.45 6.10 -35.24
N VAL A 309 17.56 4.84 -35.67
CA VAL A 309 17.01 3.67 -34.99
C VAL A 309 18.18 2.77 -34.63
N LYS A 310 18.30 2.41 -33.36
CA LYS A 310 19.45 1.69 -32.82
C LYS A 310 19.06 0.27 -32.40
N MET A 311 20.04 -0.64 -32.37
CA MET A 311 19.86 -1.95 -31.72
C MET A 311 21.06 -2.16 -30.84
N TYR A 312 21.00 -3.11 -29.90
CA TYR A 312 22.08 -3.19 -28.89
C TYR A 312 22.27 -4.66 -28.58
N HIS A 313 23.52 -5.08 -28.38
CA HIS A 313 23.80 -6.46 -27.99
C HIS A 313 24.98 -6.57 -27.05
N LYS A 314 25.18 -7.79 -26.50
CA LYS A 314 26.34 -8.12 -25.71
C LYS A 314 26.41 -9.64 -25.59
N THR A 315 27.55 -10.23 -25.97
CA THR A 315 27.85 -11.62 -25.68
C THR A 315 28.57 -11.73 -24.33
N GLY A 316 28.50 -12.92 -23.70
CA GLY A 316 29.18 -13.16 -22.47
C GLY A 316 29.48 -14.63 -22.25
N SER A 317 30.62 -14.91 -21.61
CA SER A 317 31.03 -16.28 -21.32
C SER A 317 31.78 -16.38 -20.01
N THR A 318 31.62 -17.51 -19.33
CA THR A 318 32.63 -18.01 -18.37
C THR A 318 33.17 -19.32 -19.01
N SER A 319 33.99 -20.05 -18.27
N SER A 319 34.01 -20.07 -18.31
CA SER A 319 34.55 -21.30 -18.80
CA SER A 319 34.50 -21.31 -18.90
C SER A 319 33.47 -22.33 -19.06
C SER A 319 33.32 -22.21 -19.24
N GLY A 320 32.36 -22.27 -18.32
CA GLY A 320 31.28 -23.25 -18.41
C GLY A 320 29.98 -22.79 -19.04
N PHE A 321 29.83 -21.49 -19.29
CA PHE A 321 28.54 -20.92 -19.75
C PHE A 321 28.65 -19.95 -20.91
N GLY A 322 27.66 -19.98 -21.84
CA GLY A 322 27.45 -18.90 -22.86
C GLY A 322 26.16 -18.05 -22.64
N THR A 323 26.22 -16.76 -22.97
CA THR A 323 25.10 -15.85 -22.86
C THR A 323 25.11 -14.85 -24.04
N TYR A 324 23.91 -14.53 -24.55
CA TYR A 324 23.77 -13.43 -25.50
C TYR A 324 22.48 -12.72 -25.24
N VAL A 325 22.54 -11.38 -25.29
CA VAL A 325 21.37 -10.57 -25.14
C VAL A 325 21.38 -9.52 -26.23
N VAL A 326 20.21 -9.29 -26.84
CA VAL A 326 20.05 -8.30 -27.96
C VAL A 326 18.68 -7.65 -27.82
N PHE A 327 18.54 -6.34 -28.09
CA PHE A 327 17.24 -5.74 -28.11
C PHE A 327 17.21 -4.56 -29.11
N ILE A 328 16.00 -4.37 -29.64
CA ILE A 328 15.71 -3.36 -30.66
C ILE A 328 14.47 -2.51 -30.20
N PRO A 329 14.70 -1.37 -29.54
CA PRO A 329 13.65 -0.53 -28.94
C PRO A 329 12.40 -0.26 -29.81
N LYS A 330 12.62 0.02 -31.09
CA LYS A 330 11.55 0.48 -31.94
C LYS A 330 10.86 -0.63 -32.71
N GLU A 331 11.37 -1.85 -32.59
CA GLU A 331 10.56 -3.04 -32.87
C GLU A 331 9.95 -3.62 -31.61
N ASN A 332 10.25 -3.04 -30.45
CA ASN A 332 9.83 -3.54 -29.13
C ASN A 332 10.04 -5.07 -29.00
N ILE A 333 11.21 -5.55 -29.47
CA ILE A 333 11.59 -6.94 -29.32
C ILE A 333 13.00 -7.11 -28.72
N GLY A 334 13.22 -8.27 -28.12
CA GLY A 334 14.56 -8.65 -27.67
C GLY A 334 14.64 -10.15 -27.44
N LEU A 335 15.86 -10.66 -27.28
CA LEU A 335 16.13 -12.09 -27.14
C LEU A 335 17.25 -12.28 -26.11
N VAL A 336 17.12 -13.33 -25.29
CA VAL A 336 18.11 -13.73 -24.34
C VAL A 336 18.38 -15.23 -24.63
N MET A 337 19.66 -15.60 -24.72
CA MET A 337 20.09 -17.00 -24.86
C MET A 337 21.02 -17.27 -23.72
N LEU A 338 20.81 -18.37 -22.99
CA LEU A 338 21.67 -18.82 -21.89
C LEU A 338 21.99 -20.34 -22.11
N THR A 339 23.27 -20.71 -22.07
CA THR A 339 23.68 -22.10 -22.14
C THR A 339 24.64 -22.40 -21.07
N ASN A 340 24.66 -23.65 -20.63
CA ASN A 340 25.62 -24.13 -19.70
C ASN A 340 26.71 -24.96 -20.37
N LYS A 341 27.05 -24.53 -21.56
CA LYS A 341 28.29 -24.86 -22.25
C LYS A 341 28.49 -23.74 -23.26
N ARG A 342 29.71 -23.21 -23.36
CA ARG A 342 30.04 -22.21 -24.38
C ARG A 342 29.83 -22.76 -25.76
N ILE A 343 29.24 -21.96 -26.65
CA ILE A 343 29.23 -22.20 -28.04
C ILE A 343 29.79 -20.94 -28.71
N PRO A 344 30.21 -21.05 -30.00
CA PRO A 344 30.84 -19.85 -30.61
C PRO A 344 29.90 -18.61 -30.61
N ASN A 345 30.47 -17.47 -30.29
CA ASN A 345 29.76 -16.17 -30.31
C ASN A 345 29.02 -15.98 -31.61
N GLU A 346 29.64 -16.35 -32.73
CA GLU A 346 28.98 -16.17 -34.01
C GLU A 346 27.70 -16.97 -34.18
N GLU A 347 27.66 -18.16 -33.55
CA GLU A 347 26.48 -18.97 -33.63
C GLU A 347 25.30 -18.38 -32.78
N ARG A 348 25.66 -17.73 -31.74
CA ARG A 348 24.64 -17.08 -30.87
C ARG A 348 23.99 -15.90 -31.67
N ILE A 349 24.87 -15.08 -32.25
CA ILE A 349 24.49 -13.87 -32.93
C ILE A 349 23.59 -14.18 -34.11
N LYS A 350 23.95 -15.16 -34.92
CA LYS A 350 23.20 -15.55 -36.10
C LYS A 350 21.86 -16.16 -35.81
N ALA A 351 21.78 -17.08 -34.85
CA ALA A 351 20.46 -17.68 -34.56
C ALA A 351 19.47 -16.60 -34.14
N ALA A 352 19.95 -15.67 -33.30
CA ALA A 352 19.14 -14.55 -32.80
C ALA A 352 18.73 -13.66 -33.92
N TYR A 353 19.67 -13.41 -34.83
CA TYR A 353 19.36 -12.68 -36.09
C TYR A 353 18.21 -13.19 -36.98
N VAL A 354 18.28 -14.47 -37.37
CA VAL A 354 17.19 -15.13 -38.00
C VAL A 354 15.87 -15.03 -37.21
N VAL A 355 15.92 -15.34 -35.92
CA VAL A 355 14.67 -15.29 -35.15
C VAL A 355 14.04 -13.90 -35.14
N LEU A 356 14.77 -12.90 -34.68
CA LEU A 356 14.25 -11.52 -34.61
C LEU A 356 13.80 -10.93 -36.00
N ASN A 357 14.41 -11.35 -37.12
CA ASN A 357 13.96 -10.86 -38.47
C ASN A 357 12.67 -11.53 -38.87
N ALA A 358 12.57 -12.84 -38.63
CA ALA A 358 11.32 -13.54 -38.88
C ALA A 358 10.10 -13.04 -38.07
N ILE A 359 10.36 -12.46 -36.90
CA ILE A 359 9.32 -11.91 -36.05
C ILE A 359 9.09 -10.42 -36.39
N LYS A 360 10.14 -9.70 -36.85
CA LYS A 360 10.10 -8.24 -37.25
C LYS A 360 8.81 -7.77 -37.97
N LYS A 361 8.14 -8.71 -38.64
CA LYS A 361 6.70 -8.59 -38.96
C LYS A 361 5.85 -8.10 -37.76
N ASN B 3 -44.50 -1.99 -41.99
CA ASN B 3 -43.10 -1.62 -41.59
C ASN B 3 -42.72 -2.29 -40.27
N THR B 4 -41.55 -1.95 -39.74
CA THR B 4 -41.02 -2.59 -38.54
C THR B 4 -40.87 -1.51 -37.47
N PRO B 5 -41.24 -1.84 -36.24
CA PRO B 5 -41.12 -0.74 -35.27
C PRO B 5 -39.64 -0.31 -35.10
N LYS B 6 -39.45 0.98 -34.89
CA LYS B 6 -38.09 1.54 -34.80
C LYS B 6 -37.16 0.78 -33.80
N ASP B 7 -37.65 0.47 -32.61
CA ASP B 7 -36.87 -0.37 -31.72
C ASP B 7 -36.30 -1.64 -32.34
N GLN B 8 -37.09 -2.31 -33.19
CA GLN B 8 -36.67 -3.60 -33.81
C GLN B 8 -35.69 -3.37 -34.94
N GLU B 9 -35.80 -2.25 -35.64
CA GLU B 9 -34.87 -1.90 -36.68
C GLU B 9 -33.45 -1.67 -36.13
N ILE B 10 -33.40 -0.97 -35.01
CA ILE B 10 -32.10 -0.62 -34.36
C ILE B 10 -31.55 -1.90 -33.80
N LYS B 11 -32.42 -2.69 -33.18
CA LYS B 11 -31.98 -4.02 -32.75
C LYS B 11 -31.36 -4.84 -33.85
N LYS B 12 -31.97 -4.91 -35.06
CA LYS B 12 -31.42 -5.71 -36.15
C LYS B 12 -30.03 -5.15 -36.50
N LEU B 13 -29.92 -3.81 -36.57
CA LEU B 13 -28.64 -3.16 -36.95
C LEU B 13 -27.53 -3.46 -35.97
N VAL B 14 -27.87 -3.45 -34.70
CA VAL B 14 -26.91 -3.80 -33.64
C VAL B 14 -26.56 -5.32 -33.67
N ASP B 15 -27.55 -6.17 -33.97
CA ASP B 15 -27.28 -7.60 -34.15
C ASP B 15 -26.40 -7.86 -35.36
N GLN B 16 -26.55 -7.07 -36.42
CA GLN B 16 -25.69 -7.21 -37.57
C GLN B 16 -24.23 -6.79 -37.33
N ASN B 17 -24.04 -5.78 -36.47
CA ASN B 17 -22.76 -5.08 -36.42
C ASN B 17 -21.99 -5.26 -35.12
N PHE B 18 -22.66 -5.29 -33.98
CA PHE B 18 -21.99 -5.57 -32.73
C PHE B 18 -22.01 -7.04 -32.32
N LYS B 19 -23.09 -7.75 -32.57
CA LYS B 19 -23.30 -9.08 -31.98
C LYS B 19 -22.20 -10.09 -32.44
N PRO B 20 -21.79 -10.04 -33.69
CA PRO B 20 -20.73 -10.91 -34.18
C PRO B 20 -19.39 -10.70 -33.55
N LEU B 21 -19.15 -9.55 -32.92
CA LEU B 21 -17.89 -9.29 -32.19
C LEU B 21 -17.77 -10.18 -30.96
N LEU B 22 -18.90 -10.58 -30.34
CA LEU B 22 -18.91 -11.48 -29.14
C LEU B 22 -18.25 -12.78 -29.47
N GLU B 23 -18.71 -13.44 -30.51
CA GLU B 23 -18.07 -14.71 -30.90
C GLU B 23 -16.65 -14.49 -31.42
N LYS B 24 -16.44 -13.50 -32.28
CA LYS B 24 -15.09 -13.28 -32.86
C LYS B 24 -14.02 -13.02 -31.81
N TYR B 25 -14.29 -12.17 -30.81
CA TYR B 25 -13.31 -11.86 -29.78
C TYR B 25 -13.51 -12.60 -28.45
N ASP B 26 -14.42 -13.58 -28.38
CA ASP B 26 -14.80 -14.38 -27.20
C ASP B 26 -15.13 -13.44 -26.02
N VAL B 27 -16.02 -12.50 -26.25
CA VAL B 27 -16.37 -11.43 -25.24
C VAL B 27 -17.55 -11.91 -24.44
N PRO B 28 -17.45 -11.99 -23.09
CA PRO B 28 -18.58 -12.62 -22.38
C PRO B 28 -19.86 -11.83 -22.35
N GLY B 29 -19.74 -10.52 -22.21
CA GLY B 29 -20.90 -9.65 -22.17
C GLY B 29 -20.73 -8.26 -22.83
N MET B 30 -21.86 -7.71 -23.25
CA MET B 30 -21.89 -6.42 -23.92
C MET B 30 -23.24 -5.73 -23.78
N ALA B 31 -23.20 -4.37 -23.71
CA ALA B 31 -24.39 -3.52 -23.66
C ALA B 31 -24.17 -2.46 -24.69
N VAL B 32 -25.12 -2.30 -25.58
CA VAL B 32 -25.12 -1.29 -26.66
C VAL B 32 -26.41 -0.51 -26.53
N GLY B 33 -26.26 0.80 -26.45
CA GLY B 33 -27.35 1.74 -26.43
C GLY B 33 -27.26 2.72 -27.56
N VAL B 34 -28.42 3.07 -28.07
CA VAL B 34 -28.60 4.19 -29.04
C VAL B 34 -29.60 5.17 -28.46
N ILE B 35 -29.28 6.44 -28.59
CA ILE B 35 -30.26 7.45 -28.32
C ILE B 35 -30.53 8.20 -29.64
N GLN B 36 -31.80 8.33 -30.01
CA GLN B 36 -32.19 9.14 -31.15
C GLN B 36 -33.45 9.99 -30.83
N ASN B 37 -33.35 11.29 -31.11
CA ASN B 37 -34.45 12.25 -30.86
C ASN B 37 -35.02 12.05 -29.45
N ASN B 38 -34.16 11.94 -28.45
CA ASN B 38 -34.59 11.65 -27.05
C ASN B 38 -35.31 10.29 -26.76
N LYS B 39 -35.32 9.38 -27.72
CA LYS B 39 -35.69 7.99 -27.46
C LYS B 39 -34.44 7.14 -27.36
N LYS B 40 -34.44 6.35 -26.32
CA LYS B 40 -33.35 5.47 -25.94
C LYS B 40 -33.67 4.05 -26.30
N TYR B 41 -32.68 3.32 -26.83
CA TYR B 41 -32.78 1.91 -27.10
C TYR B 41 -31.60 1.18 -26.43
N GLU B 42 -31.90 0.12 -25.67
CA GLU B 42 -30.92 -0.59 -24.86
C GLU B 42 -30.90 -2.09 -25.26
N MET B 43 -29.71 -2.60 -25.59
CA MET B 43 -29.50 -3.95 -26.03
C MET B 43 -28.45 -4.58 -25.23
N TYR B 44 -28.75 -5.74 -24.66
CA TYR B 44 -27.86 -6.38 -23.71
C TYR B 44 -27.59 -7.83 -24.22
N TYR B 45 -26.35 -8.27 -24.10
CA TYR B 45 -25.91 -9.60 -24.59
C TYR B 45 -25.04 -10.26 -23.60
N GLY B 46 -25.21 -11.58 -23.43
CA GLY B 46 -24.26 -12.36 -22.61
C GLY B 46 -24.24 -12.16 -21.14
N LEU B 47 -23.07 -12.30 -20.54
CA LEU B 47 -22.92 -12.43 -19.11
C LEU B 47 -22.04 -11.37 -18.49
N GLN B 48 -22.56 -10.68 -17.46
CA GLN B 48 -21.69 -9.83 -16.63
C GLN B 48 -20.73 -10.59 -15.75
N SER B 49 -21.09 -11.81 -15.34
CA SER B 49 -20.16 -12.72 -14.66
C SER B 49 -20.36 -14.11 -15.19
N VAL B 50 -19.31 -14.64 -15.77
CA VAL B 50 -19.37 -15.96 -16.33
C VAL B 50 -19.68 -17.01 -15.24
N GLN B 51 -18.85 -16.98 -14.21
CA GLN B 51 -18.89 -17.82 -13.00
C GLN B 51 -20.26 -17.91 -12.32
N ASP B 52 -20.88 -16.77 -12.17
CA ASP B 52 -22.11 -16.59 -11.46
C ASP B 52 -23.30 -16.80 -12.37
N LYS B 53 -23.07 -17.02 -13.68
CA LYS B 53 -24.14 -17.06 -14.70
C LYS B 53 -25.10 -15.86 -14.64
N LYS B 54 -24.56 -14.66 -14.42
CA LYS B 54 -25.41 -13.45 -14.20
C LYS B 54 -25.44 -12.70 -15.51
N ALA B 55 -26.64 -12.50 -16.08
CA ALA B 55 -26.75 -11.89 -17.42
C ALA B 55 -26.48 -10.38 -17.32
N VAL B 56 -25.97 -9.82 -18.42
CA VAL B 56 -25.83 -8.39 -18.54
C VAL B 56 -27.24 -7.80 -18.69
N ASN B 57 -27.45 -6.70 -17.99
CA ASN B 57 -28.76 -6.05 -17.93
C ASN B 57 -28.61 -4.57 -17.61
N SER B 58 -29.74 -3.89 -17.47
CA SER B 58 -29.73 -2.47 -17.24
C SER B 58 -29.04 -2.05 -16.01
N ASN B 59 -28.93 -2.93 -15.00
CA ASN B 59 -28.19 -2.66 -13.76
C ASN B 59 -26.71 -2.96 -13.82
N THR B 60 -26.23 -3.58 -14.92
CA THR B 60 -24.83 -3.93 -14.90
C THR B 60 -23.90 -2.75 -14.88
N ILE B 61 -22.94 -2.75 -13.97
CA ILE B 61 -21.95 -1.72 -13.83
C ILE B 61 -20.65 -2.14 -14.57
N PHE B 62 -20.19 -1.32 -15.52
CA PHE B 62 -18.95 -1.58 -16.28
C PHE B 62 -17.87 -0.53 -15.93
N GLU B 63 -16.60 -0.90 -16.02
CA GLU B 63 -15.49 0.06 -15.95
C GLU B 63 -15.43 0.81 -17.28
N LEU B 64 -15.39 2.15 -17.18
CA LEU B 64 -15.30 2.97 -18.37
C LEU B 64 -13.91 3.18 -18.95
N GLY B 65 -12.88 2.87 -18.18
CA GLY B 65 -11.56 3.32 -18.48
C GLY B 65 -11.44 4.78 -18.86
N SER B 66 -10.71 5.06 -19.94
CA SER B 66 -10.45 6.45 -20.39
C SER B 66 -11.67 7.27 -20.78
N VAL B 67 -12.83 6.63 -20.99
CA VAL B 67 -14.06 7.40 -21.10
C VAL B 67 -14.33 8.23 -19.82
N SER B 68 -13.76 7.83 -18.70
CA SER B 68 -13.77 8.56 -17.42
C SER B 68 -13.26 10.02 -17.57
N LYS B 69 -12.32 10.21 -18.52
CA LYS B 69 -11.77 11.52 -18.90
C LYS B 69 -12.82 12.55 -19.24
N LEU B 70 -13.96 12.07 -19.73
CA LEU B 70 -15.02 12.92 -20.16
C LEU B 70 -15.70 13.55 -18.94
N PHE B 71 -15.82 12.78 -17.85
CA PHE B 71 -16.37 13.32 -16.61
C PHE B 71 -15.37 14.24 -15.96
N THR B 72 -14.07 13.95 -16.03
CA THR B 72 -13.05 14.89 -15.53
C THR B 72 -13.05 16.23 -16.29
N ALA B 73 -13.23 16.13 -17.64
CA ALA B 73 -13.40 17.30 -18.48
C ALA B 73 -14.65 18.08 -18.05
N THR B 74 -15.72 17.34 -17.86
CA THR B 74 -16.99 18.00 -17.41
C THR B 74 -16.84 18.73 -16.09
N ALA B 75 -16.15 18.11 -15.14
CA ALA B 75 -15.91 18.74 -13.84
C ALA B 75 -15.07 19.99 -13.96
N GLY B 76 -14.09 19.96 -14.84
CA GLY B 76 -13.25 21.14 -15.13
C GLY B 76 -14.05 22.28 -15.79
N GLY B 77 -14.91 21.93 -16.73
CA GLY B 77 -15.82 22.88 -17.29
C GLY B 77 -16.77 23.52 -16.27
N TYR B 78 -17.20 22.73 -15.29
CA TYR B 78 -18.08 23.18 -14.24
C TYR B 78 -17.35 24.16 -13.36
N ALA B 79 -16.20 23.76 -12.83
CA ALA B 79 -15.33 24.67 -12.04
C ALA B 79 -15.02 26.00 -12.74
N LYS B 80 -14.59 25.93 -14.01
CA LYS B 80 -14.24 27.15 -14.77
C LYS B 80 -15.41 28.08 -14.81
N ASN B 81 -16.54 27.56 -15.29
CA ASN B 81 -17.71 28.39 -15.51
C ASN B 81 -18.32 28.91 -14.20
N LYS B 82 -18.03 28.26 -13.08
CA LYS B 82 -18.31 28.81 -11.74
C LYS B 82 -17.26 29.83 -11.20
N GLY B 83 -16.22 30.12 -11.98
CA GLY B 83 -15.19 31.03 -11.56
C GLY B 83 -14.24 30.48 -10.53
N LYS B 84 -14.18 29.15 -10.35
CA LYS B 84 -13.30 28.53 -9.36
C LYS B 84 -11.88 28.31 -9.87
N ILE B 85 -11.75 28.17 -11.20
CA ILE B 85 -10.48 28.11 -11.93
C ILE B 85 -10.58 28.92 -13.21
N SER B 86 -9.42 29.28 -13.73
CA SER B 86 -9.27 29.72 -15.12
C SER B 86 -8.39 28.69 -15.80
N PHE B 87 -8.66 28.36 -17.07
CA PHE B 87 -7.75 27.43 -17.82
C PHE B 87 -6.32 28.00 -18.08
N ASP B 88 -6.15 29.32 -17.90
CA ASP B 88 -4.82 29.95 -17.93
C ASP B 88 -4.08 29.87 -16.61
N ASP B 89 -4.73 29.39 -15.51
CA ASP B 89 -4.03 29.14 -14.26
C ASP B 89 -3.04 28.00 -14.41
N THR B 90 -2.08 27.96 -13.47
CA THR B 90 -1.10 26.91 -13.35
C THR B 90 -1.33 26.11 -12.07
N PRO B 91 -0.85 24.85 -11.98
CA PRO B 91 -1.28 23.94 -10.90
C PRO B 91 -0.94 24.46 -9.50
N GLY B 92 0.16 25.19 -9.40
CA GLY B 92 0.67 25.78 -8.18
C GLY B 92 -0.25 26.75 -7.47
N LYS B 93 -1.15 27.34 -8.20
CA LYS B 93 -2.17 28.20 -7.58
C LYS B 93 -3.08 27.42 -6.61
N TYR B 94 -3.27 26.13 -6.86
CA TYR B 94 -4.21 25.30 -6.07
C TYR B 94 -3.48 24.29 -5.24
N TRP B 95 -2.55 23.55 -5.86
CA TRP B 95 -1.74 22.63 -5.13
C TRP B 95 -0.48 23.41 -4.70
N LYS B 96 -0.51 23.98 -3.52
CA LYS B 96 0.53 24.98 -3.16
C LYS B 96 1.98 24.46 -3.21
N GLU B 97 2.14 23.18 -2.94
CA GLU B 97 3.45 22.57 -2.90
C GLU B 97 4.12 22.54 -4.28
N LEU B 98 3.36 22.77 -5.38
CA LEU B 98 3.94 22.91 -6.72
C LEU B 98 4.30 24.36 -7.15
N LYS B 99 3.91 25.35 -6.36
CA LYS B 99 4.18 26.75 -6.67
C LYS B 99 5.69 26.93 -6.94
N ASN B 100 6.03 27.64 -8.02
CA ASN B 100 7.40 27.92 -8.45
C ASN B 100 8.32 26.73 -8.74
N THR B 101 7.73 25.59 -9.08
CA THR B 101 8.44 24.45 -9.64
C THR B 101 8.19 24.42 -11.15
N PRO B 102 9.01 23.65 -11.90
CA PRO B 102 8.89 23.61 -13.35
C PRO B 102 7.50 23.28 -13.92
N ILE B 103 6.78 22.36 -13.29
CA ILE B 103 5.38 22.05 -13.73
C ILE B 103 4.43 23.22 -13.54
N ASP B 104 4.78 24.17 -12.66
CA ASP B 104 3.93 25.35 -12.48
C ASP B 104 4.05 26.29 -13.66
N GLN B 105 4.88 25.98 -14.67
CA GLN B 105 4.89 26.73 -15.92
C GLN B 105 3.86 26.23 -16.95
N VAL B 106 3.24 25.10 -16.69
CA VAL B 106 2.24 24.51 -17.56
C VAL B 106 0.80 24.94 -17.11
N ASN B 107 -0.11 25.31 -17.99
CA ASN B 107 -1.44 25.81 -17.60
C ASN B 107 -2.42 24.63 -17.53
N LEU B 108 -3.53 24.87 -16.87
CA LEU B 108 -4.54 23.82 -16.71
C LEU B 108 -5.03 23.22 -18.03
N LEU B 109 -5.22 24.09 -19.03
CA LEU B 109 -5.70 23.65 -20.31
C LEU B 109 -4.69 22.73 -21.03
N GLN B 110 -3.42 23.06 -20.87
CA GLN B 110 -2.34 22.27 -21.44
C GLN B 110 -2.23 20.94 -20.71
N LEU B 111 -2.53 20.93 -19.41
CA LEU B 111 -2.54 19.66 -18.71
C LEU B 111 -3.75 18.82 -19.14
N ALA B 112 -4.93 19.42 -19.16
CA ALA B 112 -6.21 18.69 -19.62
C ALA B 112 -6.10 18.09 -21.00
N THR B 113 -5.31 18.79 -21.86
CA THR B 113 -5.21 18.46 -23.32
C THR B 113 -3.83 17.87 -23.73
N TYR B 114 -3.08 17.38 -22.76
CA TYR B 114 -1.90 16.60 -22.96
C TYR B 114 -0.70 17.30 -23.60
N THR B 115 -0.51 18.60 -23.38
CA THR B 115 0.57 19.34 -24.07
C THR B 115 1.69 19.88 -23.17
N SER B 116 1.85 19.27 -21.97
CA SER B 116 3.00 19.63 -21.13
C SER B 116 4.37 19.52 -21.80
N GLY B 117 4.49 18.61 -22.74
CA GLY B 117 5.77 18.34 -23.42
C GLY B 117 6.67 17.35 -22.74
N ASN B 118 6.30 16.85 -21.57
CA ASN B 118 6.99 15.73 -20.97
C ASN B 118 6.14 14.92 -19.97
N LEU B 119 5.06 14.30 -20.42
CA LEU B 119 4.28 13.37 -19.57
C LEU B 119 3.78 12.25 -20.41
N ALA B 120 4.06 11.06 -19.95
CA ALA B 120 3.91 9.91 -20.73
C ALA B 120 2.53 9.34 -20.41
N LEU B 121 2.17 8.21 -21.04
CA LEU B 121 0.85 7.60 -20.84
C LEU B 121 0.56 7.29 -19.35
N GLN B 122 1.50 6.66 -18.67
CA GLN B 122 1.34 6.19 -17.27
C GLN B 122 2.42 6.79 -16.36
N PHE B 123 2.06 6.96 -15.12
CA PHE B 123 3.09 7.16 -14.07
C PHE B 123 4.05 5.96 -14.03
N PRO B 124 5.26 6.16 -13.51
CA PRO B 124 6.07 5.00 -13.17
C PRO B 124 5.32 4.08 -12.14
N ASP B 125 5.48 2.79 -12.27
CA ASP B 125 4.83 1.81 -11.38
C ASP B 125 4.92 2.07 -9.92
N GLU B 126 6.10 2.56 -9.49
CA GLU B 126 6.43 2.88 -8.11
C GLU B 126 5.57 3.99 -7.56
N VAL B 127 5.02 4.87 -8.41
CA VAL B 127 4.18 5.94 -7.90
C VAL B 127 2.79 5.38 -7.54
N GLN B 128 2.45 5.37 -6.26
CA GLN B 128 1.12 4.93 -5.78
C GLN B 128 0.42 5.92 -4.82
N THR B 129 1.13 6.41 -3.80
CA THR B 129 0.52 7.22 -2.73
C THR B 129 0.47 8.68 -3.14
N ASP B 130 -0.34 9.47 -2.43
CA ASP B 130 -0.48 10.90 -2.73
C ASP B 130 0.86 11.63 -2.57
N GLN B 131 1.67 11.23 -1.61
CA GLN B 131 3.02 11.81 -1.43
C GLN B 131 3.98 11.50 -2.59
N GLN B 132 3.90 10.28 -3.10
CA GLN B 132 4.70 9.88 -4.27
C GLN B 132 4.23 10.64 -5.53
N VAL B 133 2.93 10.93 -5.60
CA VAL B 133 2.39 11.72 -6.71
C VAL B 133 2.94 13.14 -6.60
N LEU B 134 2.90 13.72 -5.41
CA LEU B 134 3.43 15.08 -5.23
C LEU B 134 4.91 15.19 -5.62
N THR B 135 5.73 14.24 -5.18
CA THR B 135 7.15 14.23 -5.41
C THR B 135 7.46 14.06 -6.89
N PHE B 136 6.73 13.17 -7.54
CA PHE B 136 6.82 13.05 -8.96
C PHE B 136 6.63 14.42 -9.69
N PHE B 137 5.59 15.16 -9.34
CA PHE B 137 5.36 16.48 -9.95
C PHE B 137 6.34 17.59 -9.49
N LYS B 138 6.79 17.53 -8.24
CA LYS B 138 7.85 18.44 -7.76
C LYS B 138 9.16 18.29 -8.52
N ASP B 139 9.51 17.04 -8.83
CA ASP B 139 10.76 16.66 -9.51
C ASP B 139 10.70 16.79 -11.00
N TRP B 140 9.51 17.04 -11.53
CA TRP B 140 9.30 17.05 -12.98
C TRP B 140 10.02 18.21 -13.62
N LYS B 141 10.57 17.95 -14.80
CA LYS B 141 11.19 18.95 -15.62
C LYS B 141 10.70 18.91 -17.06
N PRO B 142 10.76 20.07 -17.74
CA PRO B 142 10.26 20.13 -19.11
C PRO B 142 11.13 19.38 -20.09
N LYS B 143 10.57 19.04 -21.24
CA LYS B 143 11.33 18.46 -22.35
C LYS B 143 10.99 19.22 -23.67
N ASN B 144 9.90 18.90 -24.32
CA ASN B 144 9.49 19.59 -25.53
C ASN B 144 8.87 20.92 -25.12
N PRO B 145 8.87 21.92 -26.03
CA PRO B 145 8.29 23.19 -25.76
C PRO B 145 6.82 23.10 -25.28
N ILE B 146 6.53 23.75 -24.16
CA ILE B 146 5.24 23.61 -23.53
C ILE B 146 4.14 24.07 -24.45
N GLY B 147 3.10 23.21 -24.60
CA GLY B 147 1.95 23.57 -25.42
C GLY B 147 1.97 23.16 -26.88
N GLU B 148 3.12 22.73 -27.39
CA GLU B 148 3.25 22.46 -28.85
C GLU B 148 3.07 20.98 -29.25
N TYR B 149 3.24 20.05 -28.28
CA TYR B 149 3.23 18.61 -28.57
C TYR B 149 2.23 17.79 -27.70
N ARG B 150 1.33 17.09 -28.37
CA ARG B 150 0.38 16.24 -27.75
C ARG B 150 0.93 14.86 -27.49
N GLN B 151 0.95 14.46 -26.21
CA GLN B 151 1.23 13.09 -25.83
C GLN B 151 0.16 12.64 -24.87
N TYR B 152 -0.66 11.74 -25.34
CA TYR B 152 -1.80 11.23 -24.55
C TYR B 152 -1.28 10.69 -23.22
N SER B 153 -1.91 11.17 -22.13
CA SER B 153 -1.33 11.00 -20.77
C SER B 153 -2.30 10.99 -19.60
N ASN B 154 -2.24 9.95 -18.78
CA ASN B 154 -3.03 9.88 -17.51
C ASN B 154 -2.53 10.83 -16.48
N PRO B 155 -1.22 10.93 -16.32
CA PRO B 155 -0.77 11.93 -15.35
C PRO B 155 -1.17 13.35 -15.64
N SER B 156 -1.12 13.75 -16.91
CA SER B 156 -1.46 15.09 -17.31
C SER B 156 -2.92 15.46 -16.98
N ILE B 157 -3.87 14.69 -17.49
CA ILE B 157 -5.28 14.95 -17.16
C ILE B 157 -5.63 14.57 -15.70
N GLY B 158 -4.91 13.61 -15.10
CA GLY B 158 -4.91 13.31 -13.66
C GLY B 158 -4.62 14.53 -12.78
N LEU B 159 -3.56 15.23 -13.12
CA LEU B 159 -3.19 16.44 -12.39
C LEU B 159 -4.25 17.55 -12.58
N PHE B 160 -4.77 17.73 -13.80
CA PHE B 160 -5.91 18.60 -14.04
C PHE B 160 -7.07 18.26 -13.12
N GLY B 161 -7.37 16.97 -13.00
CA GLY B 161 -8.53 16.55 -12.18
C GLY B 161 -8.32 16.89 -10.71
N LYS B 162 -7.12 16.57 -10.23
CA LYS B 162 -6.70 16.89 -8.88
C LYS B 162 -6.85 18.37 -8.60
N VAL B 163 -6.37 19.20 -9.54
CA VAL B 163 -6.52 20.69 -9.36
C VAL B 163 -7.95 21.20 -9.34
N VAL B 164 -8.76 20.68 -10.25
CA VAL B 164 -10.18 20.95 -10.27
C VAL B 164 -10.82 20.63 -8.89
N ALA B 165 -10.47 19.48 -8.33
CA ALA B 165 -10.98 19.05 -7.01
C ALA B 165 -10.56 20.01 -5.92
N LEU B 166 -9.29 20.32 -5.89
CA LEU B 166 -8.79 21.31 -4.92
C LEU B 166 -9.56 22.65 -5.05
N SER B 167 -9.81 23.10 -6.28
CA SER B 167 -10.59 24.35 -6.49
C SER B 167 -11.98 24.29 -5.90
N MET B 168 -12.57 23.08 -5.80
CA MET B 168 -13.94 22.92 -5.33
C MET B 168 -13.98 22.50 -3.85
N ASN B 169 -12.84 22.47 -3.18
CA ASN B 169 -12.74 22.08 -1.76
C ASN B 169 -13.28 20.72 -1.42
N LYS B 170 -13.13 19.77 -2.36
CA LYS B 170 -13.56 18.36 -2.15
C LYS B 170 -12.57 17.43 -2.80
N PRO B 171 -12.37 16.22 -2.27
CA PRO B 171 -11.59 15.28 -3.10
C PRO B 171 -12.36 14.96 -4.42
N PHE B 172 -11.61 14.53 -5.44
CA PHE B 172 -12.14 14.30 -6.75
C PHE B 172 -13.28 13.31 -6.78
N ASP B 173 -13.19 12.22 -6.02
CA ASP B 173 -14.31 11.24 -5.95
C ASP B 173 -15.63 11.89 -5.50
N GLN B 174 -15.52 12.83 -4.58
CA GLN B 174 -16.72 13.56 -4.07
C GLN B 174 -17.17 14.58 -5.07
N VAL B 175 -16.25 15.17 -5.86
CA VAL B 175 -16.66 16.11 -6.91
C VAL B 175 -17.66 15.41 -7.88
N LEU B 176 -17.31 14.19 -8.34
CA LEU B 176 -18.13 13.46 -9.24
C LEU B 176 -19.35 12.93 -8.52
N GLU B 177 -19.18 12.27 -7.40
CA GLU B 177 -20.35 11.54 -6.81
C GLU B 177 -21.36 12.49 -6.09
N LYS B 178 -20.89 13.59 -5.52
CA LYS B 178 -21.79 14.59 -4.86
C LYS B 178 -22.21 15.74 -5.74
N THR B 179 -21.40 16.17 -6.72
CA THR B 179 -21.79 17.31 -7.53
C THR B 179 -22.08 17.02 -8.99
N ILE B 180 -21.11 16.44 -9.73
CA ILE B 180 -21.24 16.29 -11.18
C ILE B 180 -22.24 15.18 -11.59
N PHE B 181 -22.15 13.95 -11.06
CA PHE B 181 -23.12 12.93 -11.44
C PHE B 181 -24.60 13.37 -11.13
N PRO B 182 -24.83 13.84 -9.93
CA PRO B 182 -26.17 14.40 -9.66
C PRO B 182 -26.59 15.54 -10.56
N ALA B 183 -25.70 16.45 -10.91
CA ALA B 183 -26.07 17.50 -11.93
C ALA B 183 -26.51 16.96 -13.31
N LEU B 184 -25.99 15.79 -13.70
CA LEU B 184 -26.29 15.22 -14.99
C LEU B 184 -27.46 14.24 -14.82
N GLY B 185 -27.97 14.07 -13.61
CA GLY B 185 -29.03 13.06 -13.32
C GLY B 185 -28.57 11.58 -13.37
N LEU B 186 -27.29 11.30 -13.08
CA LEU B 186 -26.80 9.93 -13.09
C LEU B 186 -26.91 9.36 -11.71
N LYS B 187 -27.58 8.21 -11.64
CA LYS B 187 -27.97 7.53 -10.40
C LYS B 187 -27.14 6.28 -10.11
N HIS B 188 -26.43 5.78 -11.13
CA HIS B 188 -25.74 4.52 -11.03
C HIS B 188 -24.28 4.58 -11.54
N SER B 189 -23.61 5.69 -11.25
CA SER B 189 -22.28 5.97 -11.75
C SER B 189 -21.42 6.29 -10.56
N TYR B 190 -20.24 5.72 -10.53
CA TYR B 190 -19.36 5.69 -9.36
C TYR B 190 -17.86 5.86 -9.65
N VAL B 191 -17.14 6.49 -8.73
CA VAL B 191 -15.71 6.34 -8.59
C VAL B 191 -15.41 5.09 -7.77
N ASN B 192 -16.14 4.91 -6.67
CA ASN B 192 -16.02 3.73 -5.77
C ASN B 192 -17.37 3.10 -5.66
N VAL B 193 -17.44 1.85 -6.11
CA VAL B 193 -18.69 1.16 -6.13
C VAL B 193 -18.87 0.70 -4.67
N PRO B 194 -20.01 1.06 -4.07
CA PRO B 194 -20.23 0.67 -2.67
C PRO B 194 -20.70 -0.77 -2.54
N LYS B 195 -20.56 -1.30 -1.31
CA LYS B 195 -20.74 -2.75 -1.05
C LYS B 195 -22.09 -3.18 -1.46
N THR B 196 -23.05 -2.28 -1.29
CA THR B 196 -24.44 -2.47 -1.67
C THR B 196 -24.75 -2.59 -3.18
N GLN B 197 -23.77 -2.37 -4.04
CA GLN B 197 -23.92 -2.47 -5.53
C GLN B 197 -22.88 -3.44 -6.16
N MET B 198 -22.08 -4.10 -5.31
CA MET B 198 -21.05 -5.05 -5.84
C MET B 198 -21.62 -6.15 -6.67
N GLN B 199 -22.84 -6.59 -6.35
CA GLN B 199 -23.52 -7.65 -7.05
C GLN B 199 -23.80 -7.28 -8.49
N ASN B 200 -23.86 -5.98 -8.73
CA ASN B 200 -24.07 -5.46 -10.09
C ASN B 200 -22.78 -5.18 -10.87
N TYR B 201 -21.62 -5.21 -10.23
CA TYR B 201 -20.34 -4.85 -10.85
C TYR B 201 -19.81 -6.10 -11.64
N ALA B 202 -19.82 -5.96 -12.94
CA ALA B 202 -19.31 -7.00 -13.82
C ALA B 202 -17.87 -7.34 -13.42
N PHE B 203 -17.50 -8.61 -13.58
CA PHE B 203 -16.11 -8.91 -13.78
C PHE B 203 -15.69 -8.45 -15.19
N GLY B 204 -14.48 -7.96 -15.27
CA GLY B 204 -13.79 -7.82 -16.59
C GLY B 204 -13.10 -9.12 -16.89
N TYR B 205 -12.68 -9.32 -18.11
CA TYR B 205 -12.06 -10.54 -18.48
C TYR B 205 -10.86 -10.16 -19.32
N ASN B 206 -9.74 -10.77 -19.02
CA ASN B 206 -8.46 -10.46 -19.74
C ASN B 206 -8.35 -11.25 -21.01
N GLN B 207 -7.22 -11.20 -21.68
CA GLN B 207 -7.06 -11.89 -22.96
C GLN B 207 -7.09 -13.44 -22.91
N GLU B 208 -6.88 -14.05 -21.74
CA GLU B 208 -7.22 -15.49 -21.57
C GLU B 208 -8.61 -15.76 -20.90
N ASN B 209 -9.49 -14.76 -20.89
CA ASN B 209 -10.86 -14.84 -20.32
C ASN B 209 -10.88 -15.20 -18.79
N GLN B 210 -9.87 -14.71 -18.09
CA GLN B 210 -9.75 -14.82 -16.64
C GLN B 210 -10.41 -13.54 -16.10
N PRO B 211 -11.25 -13.71 -15.07
CA PRO B 211 -11.96 -12.57 -14.44
C PRO B 211 -11.02 -11.65 -13.69
N ILE B 212 -11.07 -10.35 -14.01
CA ILE B 212 -10.22 -9.33 -13.37
C ILE B 212 -11.06 -8.04 -13.18
N ARG B 213 -10.59 -7.16 -12.32
CA ARG B 213 -11.10 -5.80 -12.18
C ARG B 213 -9.90 -4.82 -12.06
N VAL B 214 -10.15 -3.53 -12.23
CA VAL B 214 -9.13 -2.50 -12.30
C VAL B 214 -8.32 -2.48 -10.98
N ASN B 215 -7.04 -2.17 -11.08
CA ASN B 215 -6.16 -2.00 -9.94
C ASN B 215 -6.21 -0.55 -9.49
N PRO B 216 -6.12 -0.34 -8.17
CA PRO B 216 -5.81 0.97 -7.63
C PRO B 216 -4.52 1.54 -8.24
N GLY B 217 -4.56 2.85 -8.50
CA GLY B 217 -3.43 3.53 -9.15
C GLY B 217 -3.40 5.03 -8.85
N PRO B 218 -2.23 5.65 -9.03
CA PRO B 218 -2.15 7.08 -8.79
C PRO B 218 -3.03 7.87 -9.72
N LEU B 219 -3.81 8.81 -9.15
CA LEU B 219 -4.78 9.63 -9.87
C LEU B 219 -5.60 8.81 -10.78
N ASP B 220 -5.97 7.64 -10.33
CA ASP B 220 -6.83 6.81 -11.10
C ASP B 220 -8.20 7.38 -11.41
N ALA B 221 -8.90 7.94 -10.42
CA ALA B 221 -10.28 8.34 -10.61
C ALA B 221 -10.40 9.33 -11.80
N PRO B 222 -9.61 10.41 -11.84
CA PRO B 222 -9.77 11.34 -12.98
C PRO B 222 -9.25 10.81 -14.34
N ALA B 223 -8.36 9.85 -14.33
CA ALA B 223 -7.79 9.38 -15.62
C ALA B 223 -8.55 8.22 -16.19
N TYR B 224 -9.03 7.31 -15.33
CA TYR B 224 -9.66 6.12 -15.88
C TYR B 224 -10.57 5.42 -14.93
N GLY B 225 -11.06 6.10 -13.89
CA GLY B 225 -11.66 5.34 -12.76
C GLY B 225 -13.13 5.36 -12.47
N VAL B 226 -13.94 5.74 -13.47
CA VAL B 226 -15.38 5.72 -13.38
C VAL B 226 -16.00 4.43 -13.84
N LYS B 227 -17.03 3.99 -13.12
CA LYS B 227 -17.90 2.89 -13.47
C LYS B 227 -19.34 3.32 -13.62
N SER B 228 -20.02 2.75 -14.59
CA SER B 228 -21.38 3.17 -14.90
C SER B 228 -22.20 2.06 -15.62
N THR B 229 -23.45 2.32 -15.89
CA THR B 229 -24.37 1.39 -16.54
C THR B 229 -24.76 1.90 -17.86
N LEU B 230 -25.37 1.05 -18.71
CA LEU B 230 -25.84 1.56 -19.97
C LEU B 230 -26.87 2.74 -19.87
N PRO B 231 -27.90 2.59 -19.02
CA PRO B 231 -28.88 3.73 -18.87
C PRO B 231 -28.23 5.08 -18.52
N ASP B 232 -27.32 5.08 -17.58
CA ASP B 232 -26.54 6.26 -17.23
C ASP B 232 -25.71 6.85 -18.33
N MET B 233 -24.98 6.01 -19.06
CA MET B 233 -24.25 6.46 -20.18
C MET B 233 -25.09 7.01 -21.29
N LEU B 234 -26.28 6.46 -21.52
CA LEU B 234 -27.26 7.09 -22.44
C LEU B 234 -27.74 8.48 -21.99
N SER B 235 -27.96 8.63 -20.68
CA SER B 235 -28.34 9.94 -20.11
C SER B 235 -27.16 10.91 -20.26
N PHE B 236 -25.90 10.45 -20.02
CA PHE B 236 -24.71 11.27 -20.32
C PHE B 236 -24.67 11.72 -21.77
N ILE B 237 -24.90 10.82 -22.74
CA ILE B 237 -24.92 11.24 -24.16
C ILE B 237 -26.10 12.19 -24.39
N HIS B 238 -27.22 11.93 -23.71
CA HIS B 238 -28.36 12.86 -23.80
C HIS B 238 -28.01 14.31 -23.38
N ALA B 239 -27.29 14.41 -22.29
CA ALA B 239 -26.87 15.64 -21.77
C ALA B 239 -25.92 16.40 -22.72
N ASN B 240 -25.02 15.65 -23.40
CA ASN B 240 -24.22 16.18 -24.47
C ASN B 240 -24.90 16.59 -25.75
N LEU B 241 -25.97 15.90 -26.10
CA LEU B 241 -26.82 16.25 -27.23
C LEU B 241 -27.77 17.41 -26.95
N ASN B 242 -28.15 17.64 -25.70
CA ASN B 242 -29.18 18.60 -25.33
C ASN B 242 -28.75 19.45 -24.11
N PRO B 243 -27.56 20.07 -24.16
CA PRO B 243 -27.11 20.81 -22.96
C PRO B 243 -28.08 21.94 -22.53
N GLN B 244 -28.78 22.57 -23.48
CA GLN B 244 -29.86 23.62 -23.16
C GLN B 244 -30.94 23.17 -22.12
N LYS B 245 -31.24 21.86 -22.06
CA LYS B 245 -32.20 21.33 -21.08
C LYS B 245 -31.67 21.24 -19.66
N TYR B 246 -30.41 21.58 -19.41
CA TYR B 246 -29.85 21.39 -18.11
C TYR B 246 -29.68 22.73 -17.42
N PRO B 247 -29.61 22.74 -16.10
CA PRO B 247 -29.35 24.03 -15.45
C PRO B 247 -28.01 24.67 -15.92
N THR B 248 -27.94 26.00 -15.81
CA THR B 248 -26.85 26.81 -16.35
C THR B 248 -25.43 26.27 -16.02
N ASP B 249 -25.17 25.90 -14.78
CA ASP B 249 -23.77 25.55 -14.35
C ASP B 249 -23.27 24.32 -15.18
N ILE B 250 -24.06 23.25 -15.19
CA ILE B 250 -23.68 22.02 -15.87
C ILE B 250 -23.83 22.15 -17.36
N GLN B 251 -24.78 22.97 -17.82
CA GLN B 251 -24.91 23.28 -19.26
C GLN B 251 -23.64 23.92 -19.83
N ARG B 252 -23.17 24.94 -19.12
CA ARG B 252 -21.97 25.63 -19.52
C ARG B 252 -20.79 24.63 -19.50
N ALA B 253 -20.72 23.81 -18.46
CA ALA B 253 -19.73 22.74 -18.33
C ALA B 253 -19.67 21.77 -19.54
N ILE B 254 -20.83 21.27 -19.97
CA ILE B 254 -20.92 20.40 -21.15
C ILE B 254 -20.46 21.09 -22.37
N ASN B 255 -20.96 22.32 -22.57
CA ASN B 255 -20.58 23.05 -23.76
C ASN B 255 -19.08 23.30 -23.81
N GLU B 256 -18.48 23.60 -22.64
CA GLU B 256 -17.02 23.82 -22.49
C GLU B 256 -16.23 22.61 -22.98
N THR B 257 -16.72 21.42 -22.63
CA THR B 257 -16.09 20.15 -23.19
C THR B 257 -16.13 19.96 -24.67
N HIS B 258 -16.96 20.68 -25.38
CA HIS B 258 -17.12 20.47 -26.83
C HIS B 258 -16.24 21.43 -27.63
N GLN B 259 -15.56 22.36 -26.96
CA GLN B 259 -14.77 23.35 -27.69
C GLN B 259 -13.42 22.79 -28.16
N GLY B 260 -13.20 22.75 -29.46
CA GLY B 260 -11.90 22.28 -30.00
C GLY B 260 -10.78 23.24 -29.57
N ARG B 261 -9.62 22.72 -29.24
CA ARG B 261 -8.54 23.58 -28.74
C ARG B 261 -7.36 23.65 -29.71
N TYR B 262 -7.16 22.57 -30.43
CA TYR B 262 -6.12 22.48 -31.45
C TYR B 262 -6.43 21.31 -32.29
N GLN B 263 -5.64 21.05 -33.34
CA GLN B 263 -5.80 19.87 -34.09
C GLN B 263 -4.53 19.13 -34.28
N VAL B 264 -4.70 17.81 -34.52
CA VAL B 264 -3.71 16.93 -35.08
C VAL B 264 -4.34 16.35 -36.34
N ASN B 265 -4.00 16.99 -37.46
CA ASN B 265 -4.58 16.70 -38.78
C ASN B 265 -6.10 16.80 -38.67
N THR B 266 -6.84 15.71 -38.93
CA THR B 266 -8.27 15.76 -38.89
C THR B 266 -8.88 15.69 -37.46
N MET B 267 -8.09 15.34 -36.44
CA MET B 267 -8.70 15.26 -35.08
C MET B 267 -8.59 16.60 -34.39
N TYR B 268 -9.71 17.09 -33.89
CA TYR B 268 -9.75 18.27 -33.02
C TYR B 268 -9.78 17.77 -31.58
N GLN B 269 -8.83 18.22 -30.75
CA GLN B 269 -8.79 17.90 -29.36
C GLN B 269 -9.65 18.89 -28.57
N ALA B 270 -10.80 18.41 -28.06
CA ALA B 270 -11.60 19.21 -27.12
C ALA B 270 -11.24 18.80 -25.70
N LEU B 271 -12.04 19.16 -24.71
CA LEU B 271 -11.70 18.76 -23.34
C LEU B 271 -12.24 17.37 -23.14
N GLY B 272 -11.36 16.37 -23.01
CA GLY B 272 -11.80 14.98 -22.99
C GLY B 272 -12.21 14.38 -24.33
N TRP B 273 -13.26 14.94 -24.91
CA TRP B 273 -13.73 14.51 -26.18
C TRP B 273 -12.77 14.77 -27.29
N GLU B 274 -12.76 13.85 -28.23
CA GLU B 274 -12.23 14.13 -29.54
C GLU B 274 -13.33 14.57 -30.49
N GLU B 275 -13.00 15.50 -31.36
CA GLU B 275 -13.98 16.22 -32.24
C GLU B 275 -13.53 16.10 -33.70
N PHE B 276 -14.50 16.00 -34.61
CA PHE B 276 -14.26 15.83 -36.04
C PHE B 276 -15.28 16.65 -36.81
N SER B 277 -14.85 17.12 -37.97
CA SER B 277 -15.73 17.76 -38.89
C SER B 277 -16.80 16.74 -39.31
N TYR B 278 -18.08 17.14 -39.33
CA TYR B 278 -19.19 16.20 -39.65
C TYR B 278 -19.90 16.63 -40.94
N PRO B 279 -20.20 15.72 -41.88
CA PRO B 279 -19.90 14.27 -41.83
C PRO B 279 -18.39 13.92 -41.78
N ALA B 280 -18.03 12.89 -41.00
CA ALA B 280 -16.65 12.30 -40.97
C ALA B 280 -16.60 11.00 -41.72
N THR B 281 -15.50 10.71 -42.39
CA THR B 281 -15.35 9.38 -42.97
C THR B 281 -14.94 8.42 -41.85
N LEU B 282 -15.15 7.12 -42.09
CA LEU B 282 -14.69 6.07 -41.19
C LEU B 282 -13.17 6.16 -40.92
N GLN B 283 -12.39 6.35 -42.00
CA GLN B 283 -10.96 6.41 -41.82
C GLN B 283 -10.47 7.52 -40.93
N THR B 284 -11.16 8.69 -40.97
CA THR B 284 -10.85 9.80 -40.12
C THR B 284 -11.03 9.40 -38.66
N LEU B 285 -12.17 8.75 -38.36
CA LEU B 285 -12.39 8.24 -37.00
C LEU B 285 -11.38 7.16 -36.58
N LEU B 286 -11.08 6.23 -37.46
CA LEU B 286 -10.02 5.23 -37.22
C LEU B 286 -8.60 5.85 -36.97
N ASP B 287 -8.27 6.87 -37.74
CA ASP B 287 -6.99 7.58 -37.64
C ASP B 287 -6.78 8.18 -36.23
N SER B 288 -7.87 8.65 -35.58
CA SER B 288 -7.83 9.12 -34.25
C SER B 288 -7.26 8.11 -33.28
N ASN B 289 -7.46 6.86 -33.52
CA ASN B 289 -7.01 5.85 -32.53
C ASN B 289 -5.78 5.04 -33.06
N SER B 290 -5.06 5.60 -34.02
CA SER B 290 -3.87 4.96 -34.50
C SER B 290 -2.75 4.98 -33.44
N GLU B 291 -1.85 4.04 -33.57
CA GLU B 291 -0.65 4.01 -32.70
C GLU B 291 0.09 5.34 -32.65
N GLN B 292 0.27 5.95 -33.80
CA GLN B 292 1.03 7.20 -33.87
C GLN B 292 0.33 8.33 -33.07
N ILE B 293 -1.00 8.39 -33.12
CA ILE B 293 -1.75 9.43 -32.33
C ILE B 293 -1.81 9.07 -30.83
N VAL B 294 -2.10 7.81 -30.53
CA VAL B 294 -2.29 7.41 -29.14
C VAL B 294 -1.03 7.32 -28.30
N MET B 295 0.03 6.77 -28.90
CA MET B 295 1.23 6.37 -28.17
C MET B 295 2.41 7.31 -28.29
N LYS B 296 2.45 8.16 -29.27
CA LYS B 296 3.62 8.95 -29.55
C LYS B 296 3.27 10.39 -29.38
N PRO B 297 4.31 11.22 -29.21
CA PRO B 297 4.04 12.66 -29.27
C PRO B 297 3.78 13.18 -30.66
N ASN B 298 2.86 14.13 -30.77
CA ASN B 298 2.57 14.74 -32.08
C ASN B 298 2.50 16.19 -31.94
N LYS B 299 3.25 16.87 -32.79
CA LYS B 299 3.19 18.33 -32.88
C LYS B 299 1.78 18.79 -33.23
N VAL B 300 1.27 19.79 -32.51
CA VAL B 300 -0.12 20.20 -32.77
C VAL B 300 -0.13 21.39 -33.71
N THR B 301 -1.30 21.68 -34.25
CA THR B 301 -1.52 22.90 -35.07
C THR B 301 -2.66 23.72 -34.51
N ALA B 302 -2.67 25.00 -34.86
CA ALA B 302 -3.77 25.85 -34.54
C ALA B 302 -4.94 25.46 -35.42
N ILE B 303 -6.13 25.55 -34.87
CA ILE B 303 -7.29 25.33 -35.68
C ILE B 303 -7.39 26.50 -36.65
N SER B 304 -7.37 26.15 -37.93
CA SER B 304 -7.47 27.13 -39.04
C SER B 304 -8.62 26.84 -40.01
N LYS B 305 -9.35 25.74 -39.82
CA LYS B 305 -10.66 25.51 -40.42
C LYS B 305 -11.59 24.99 -39.30
N GLU B 306 -12.37 25.89 -38.71
CA GLU B 306 -13.41 25.54 -37.73
C GLU B 306 -14.72 25.17 -38.47
N PRO B 307 -15.06 23.85 -38.55
CA PRO B 307 -16.36 23.49 -39.14
C PRO B 307 -17.61 23.90 -38.34
N SER B 308 -18.69 24.17 -39.08
CA SER B 308 -20.01 24.51 -38.53
C SER B 308 -20.59 23.35 -37.74
N VAL B 309 -20.45 22.15 -38.29
CA VAL B 309 -21.08 20.90 -37.71
C VAL B 309 -19.99 19.88 -37.37
N LYS B 310 -20.11 19.28 -36.18
CA LYS B 310 -19.13 18.43 -35.62
C LYS B 310 -19.69 17.10 -35.19
N MET B 311 -18.82 16.08 -35.09
CA MET B 311 -19.17 14.92 -34.23
C MET B 311 -18.09 14.69 -33.20
N TYR B 312 -18.34 13.79 -32.20
CA TYR B 312 -17.45 13.65 -31.07
C TYR B 312 -17.38 12.18 -30.67
N HIS B 313 -16.22 11.67 -30.25
CA HIS B 313 -16.19 10.32 -29.72
C HIS B 313 -15.11 10.19 -28.69
N LYS B 314 -15.05 9.02 -28.01
CA LYS B 314 -14.00 8.69 -27.09
C LYS B 314 -14.03 7.17 -26.88
N THR B 315 -12.87 6.56 -27.05
CA THR B 315 -12.66 5.16 -26.61
C THR B 315 -12.11 5.10 -25.20
N GLY B 316 -12.35 3.96 -24.58
CA GLY B 316 -11.70 3.72 -23.32
C GLY B 316 -11.60 2.25 -23.02
N SER B 317 -10.58 1.91 -22.29
CA SER B 317 -10.39 0.56 -21.84
C SER B 317 -9.74 0.54 -20.45
N THR B 318 -10.06 -0.52 -19.71
CA THR B 318 -9.24 -0.99 -18.61
C THR B 318 -8.69 -2.33 -19.05
N SER B 319 -7.95 -3.03 -18.17
CA SER B 319 -7.45 -4.38 -18.62
C SER B 319 -8.52 -5.34 -19.04
N GLY B 320 -9.67 -5.25 -18.39
CA GLY B 320 -10.72 -6.16 -18.55
C GLY B 320 -11.97 -5.66 -19.23
N PHE B 321 -11.97 -4.41 -19.70
CA PHE B 321 -13.18 -3.77 -20.19
C PHE B 321 -12.92 -2.84 -21.33
N GLY B 322 -13.89 -2.78 -22.26
CA GLY B 322 -13.87 -1.78 -23.31
C GLY B 322 -15.12 -0.90 -23.38
N THR B 323 -14.88 0.32 -23.84
CA THR B 323 -15.90 1.35 -23.94
C THR B 323 -15.73 2.15 -25.23
N TYR B 324 -16.86 2.58 -25.82
CA TYR B 324 -16.82 3.60 -26.85
C TYR B 324 -18.15 4.43 -26.75
N VAL B 325 -18.00 5.74 -26.79
CA VAL B 325 -19.09 6.65 -26.85
C VAL B 325 -18.87 7.60 -28.03
N VAL B 326 -19.96 7.85 -28.75
CA VAL B 326 -20.00 8.78 -29.93
C VAL B 326 -21.35 9.49 -29.95
N PHE B 327 -21.35 10.78 -30.31
CA PHE B 327 -22.56 11.53 -30.57
C PHE B 327 -22.43 12.56 -31.70
N ILE B 328 -23.56 12.81 -32.33
CA ILE B 328 -23.64 13.68 -33.53
C ILE B 328 -24.83 14.69 -33.32
N PRO B 329 -24.55 15.89 -32.86
CA PRO B 329 -25.60 16.90 -32.53
C PRO B 329 -26.62 17.15 -33.67
N LYS B 330 -26.13 17.36 -34.89
CA LYS B 330 -26.91 17.54 -36.13
C LYS B 330 -28.02 16.52 -36.33
N GLU B 331 -27.71 15.22 -36.14
CA GLU B 331 -28.64 14.12 -36.36
C GLU B 331 -29.34 13.76 -35.06
N ASN B 332 -28.99 14.42 -33.97
CA ASN B 332 -29.58 14.18 -32.66
C ASN B 332 -29.47 12.71 -32.26
N ILE B 333 -28.27 12.12 -32.50
CA ILE B 333 -28.09 10.70 -32.29
C ILE B 333 -26.76 10.41 -31.58
N GLY B 334 -26.71 9.36 -30.79
CA GLY B 334 -25.48 8.92 -30.13
C GLY B 334 -25.52 7.42 -29.82
N LEU B 335 -24.38 6.84 -29.51
CA LEU B 335 -24.27 5.43 -29.23
C LEU B 335 -23.26 5.24 -28.10
N VAL B 336 -23.50 4.18 -27.32
CA VAL B 336 -22.62 3.72 -26.26
C VAL B 336 -22.43 2.22 -26.48
N MET B 337 -21.16 1.78 -26.43
CA MET B 337 -20.78 0.31 -26.28
C MET B 337 -20.00 0.08 -25.01
N LEU B 338 -20.42 -0.90 -24.19
CA LEU B 338 -19.71 -1.36 -23.02
C LEU B 338 -19.48 -2.87 -23.18
N THR B 339 -18.23 -3.33 -23.00
CA THR B 339 -17.88 -4.75 -22.93
C THR B 339 -17.07 -5.05 -21.74
N ASN B 340 -17.20 -6.30 -21.24
CA ASN B 340 -16.38 -6.72 -20.15
C ASN B 340 -15.29 -7.65 -20.72
N LYS B 341 -14.82 -7.26 -21.89
CA LYS B 341 -13.49 -7.73 -22.41
C LYS B 341 -13.14 -6.70 -23.46
N ARG B 342 -11.87 -6.31 -23.52
CA ARG B 342 -11.41 -5.38 -24.56
C ARG B 342 -11.48 -6.03 -25.89
N ILE B 343 -11.94 -5.25 -26.87
CA ILE B 343 -11.84 -5.62 -28.28
C ILE B 343 -11.15 -4.46 -29.02
N PRO B 344 -10.50 -4.76 -30.14
CA PRO B 344 -9.76 -3.65 -30.72
C PRO B 344 -10.59 -2.35 -30.97
N ASN B 345 -10.01 -1.19 -30.70
CA ASN B 345 -10.72 0.08 -30.88
C ASN B 345 -11.31 0.21 -32.29
N GLU B 346 -10.58 -0.24 -33.29
CA GLU B 346 -11.07 -0.10 -34.63
C GLU B 346 -12.43 -0.80 -34.84
N GLU B 347 -12.65 -1.92 -34.17
CA GLU B 347 -13.92 -2.70 -34.33
C GLU B 347 -15.08 -1.98 -33.66
N ARG B 348 -14.78 -1.27 -32.59
CA ARG B 348 -15.79 -0.50 -31.83
C ARG B 348 -16.23 0.69 -32.74
N ILE B 349 -15.23 1.41 -33.25
CA ILE B 349 -15.54 2.57 -34.12
C ILE B 349 -16.33 2.16 -35.37
N LYS B 350 -15.86 1.15 -36.08
CA LYS B 350 -16.52 0.71 -37.30
C LYS B 350 -17.95 0.23 -37.07
N ALA B 351 -18.15 -0.63 -36.11
CA ALA B 351 -19.56 -1.10 -35.76
C ALA B 351 -20.49 0.10 -35.47
N ALA B 352 -20.02 1.06 -34.69
CA ALA B 352 -20.84 2.24 -34.36
C ALA B 352 -21.12 3.08 -35.59
N TYR B 353 -20.12 3.18 -36.50
CA TYR B 353 -20.24 3.99 -37.73
C TYR B 353 -21.33 3.39 -38.64
N VAL B 354 -21.28 2.06 -38.84
CA VAL B 354 -22.26 1.41 -39.70
C VAL B 354 -23.70 1.64 -39.10
N VAL B 355 -23.86 1.34 -37.83
CA VAL B 355 -25.19 1.46 -37.20
C VAL B 355 -25.68 2.91 -37.28
N LEU B 356 -24.84 3.86 -36.92
CA LEU B 356 -25.30 5.25 -36.87
C LEU B 356 -25.62 5.76 -38.26
N ASN B 357 -24.89 5.31 -39.27
CA ASN B 357 -25.20 5.79 -40.60
C ASN B 357 -26.35 5.08 -41.32
N ALA B 358 -26.71 3.89 -40.89
CA ALA B 358 -27.79 3.11 -41.48
C ALA B 358 -29.14 3.42 -40.84
N ILE B 359 -29.17 3.95 -39.63
CA ILE B 359 -30.43 4.16 -38.92
C ILE B 359 -31.27 5.21 -39.67
N LYS B 360 -32.57 4.95 -39.74
CA LYS B 360 -33.47 5.79 -40.54
C LYS B 360 -33.70 7.08 -39.78
N LYS B 361 -33.95 8.13 -40.55
CA LYS B 361 -34.41 9.50 -40.16
C LYS B 361 -33.30 10.42 -40.59
N PRO C 5 -15.04 4.48 6.02
CA PRO C 5 -13.64 4.53 5.53
C PRO C 5 -12.60 3.69 6.27
N LYS C 6 -12.95 2.98 7.37
CA LYS C 6 -12.07 1.92 7.89
C LYS C 6 -11.94 0.84 6.78
N ASP C 7 -13.02 0.53 6.07
CA ASP C 7 -12.92 -0.47 5.00
C ASP C 7 -12.04 -0.03 3.82
N GLN C 8 -11.95 1.29 3.54
CA GLN C 8 -10.92 1.83 2.64
C GLN C 8 -9.52 1.73 3.25
N GLU C 9 -9.34 2.12 4.50
CA GLU C 9 -8.02 2.03 5.16
C GLU C 9 -7.45 0.59 5.12
N ILE C 10 -8.31 -0.38 5.42
CA ILE C 10 -7.87 -1.78 5.60
C ILE C 10 -7.56 -2.43 4.23
N LYS C 11 -8.45 -2.19 3.27
CA LYS C 11 -8.22 -2.56 1.85
C LYS C 11 -6.89 -2.04 1.38
N LYS C 12 -6.60 -0.75 1.60
CA LYS C 12 -5.27 -0.23 1.23
C LYS C 12 -4.13 -0.96 1.92
N LEU C 13 -4.20 -1.14 3.25
CA LEU C 13 -3.12 -1.87 3.94
C LEU C 13 -2.90 -3.27 3.39
N VAL C 14 -4.03 -3.95 3.09
CA VAL C 14 -3.95 -5.36 2.61
C VAL C 14 -3.42 -5.37 1.22
N ASP C 15 -3.91 -4.45 0.35
CA ASP C 15 -3.36 -4.28 -1.01
C ASP C 15 -1.88 -4.00 -0.95
N GLN C 16 -1.45 -3.24 0.06
CA GLN C 16 -0.04 -2.88 0.20
C GLN C 16 0.84 -4.03 0.62
N ASN C 17 0.38 -4.83 1.58
CA ASN C 17 1.24 -5.83 2.18
C ASN C 17 1.07 -7.29 1.72
N PHE C 18 -0.15 -7.63 1.29
CA PHE C 18 -0.45 -9.03 0.87
C PHE C 18 -0.42 -9.15 -0.66
N LYS C 19 -1.09 -8.22 -1.34
CA LYS C 19 -1.19 -8.24 -2.82
C LYS C 19 0.09 -8.55 -3.58
N PRO C 20 1.22 -7.91 -3.20
CA PRO C 20 2.46 -8.15 -3.90
C PRO C 20 2.99 -9.56 -3.80
N LEU C 21 2.54 -10.32 -2.81
CA LEU C 21 3.01 -11.69 -2.66
C LEU C 21 2.50 -12.60 -3.80
N LEU C 22 1.37 -12.21 -4.39
CA LEU C 22 0.81 -12.94 -5.56
C LEU C 22 1.80 -12.90 -6.73
N GLU C 23 2.27 -11.71 -7.12
CA GLU C 23 3.32 -11.58 -8.16
C GLU C 23 4.58 -12.28 -7.75
N LYS C 24 4.98 -12.09 -6.49
CA LYS C 24 6.29 -12.54 -6.05
C LYS C 24 6.46 -14.07 -6.04
N TYR C 25 5.41 -14.79 -5.64
CA TYR C 25 5.43 -16.24 -5.57
C TYR C 25 4.52 -16.92 -6.61
N ASP C 26 3.98 -16.14 -7.56
CA ASP C 26 3.09 -16.65 -8.62
C ASP C 26 1.94 -17.49 -8.01
N VAL C 27 1.18 -16.85 -7.12
CA VAL C 27 0.06 -17.43 -6.42
C VAL C 27 -1.17 -17.12 -7.25
N PRO C 28 -1.95 -18.16 -7.59
CA PRO C 28 -3.05 -17.78 -8.40
C PRO C 28 -4.11 -16.99 -7.65
N GLY C 29 -4.43 -17.41 -6.46
CA GLY C 29 -5.53 -16.77 -5.70
C GLY C 29 -5.26 -16.61 -4.20
N MET C 30 -5.97 -15.64 -3.61
CA MET C 30 -5.78 -15.29 -2.18
C MET C 30 -7.06 -14.64 -1.63
N ALA C 31 -7.38 -14.95 -0.39
CA ALA C 31 -8.41 -14.23 0.39
C ALA C 31 -7.77 -13.77 1.73
N VAL C 32 -7.97 -12.51 2.08
CA VAL C 32 -7.43 -11.95 3.32
C VAL C 32 -8.60 -11.24 4.03
N GLY C 33 -8.81 -11.58 5.31
CA GLY C 33 -9.86 -11.05 6.10
C GLY C 33 -9.25 -10.40 7.36
N VAL C 34 -9.85 -9.27 7.76
CA VAL C 34 -9.60 -8.63 9.03
C VAL C 34 -10.93 -8.53 9.79
N ILE C 35 -10.87 -8.83 11.09
CA ILE C 35 -11.98 -8.54 11.98
C ILE C 35 -11.45 -7.57 13.03
N GLN C 36 -12.12 -6.44 13.19
CA GLN C 36 -11.76 -5.45 14.19
C GLN C 36 -13.03 -4.83 14.78
N ASN C 37 -13.18 -4.92 16.11
CA ASN C 37 -14.36 -4.39 16.83
C ASN C 37 -15.63 -4.96 16.26
N ASN C 38 -15.61 -6.29 16.07
CA ASN C 38 -16.71 -7.03 15.46
C ASN C 38 -17.18 -6.60 14.05
N LYS C 39 -16.38 -5.83 13.31
CA LYS C 39 -16.66 -5.51 11.89
C LYS C 39 -15.73 -6.40 11.07
N LYS C 40 -16.24 -7.04 10.03
CA LYS C 40 -15.40 -7.92 9.18
C LYS C 40 -15.09 -7.21 7.86
N TYR C 41 -13.87 -7.41 7.32
CA TYR C 41 -13.39 -6.79 6.11
C TYR C 41 -12.74 -7.91 5.25
N GLU C 42 -13.29 -8.09 4.06
CA GLU C 42 -12.86 -9.21 3.15
C GLU C 42 -12.25 -8.67 1.89
N MET C 43 -11.08 -9.19 1.53
CA MET C 43 -10.34 -8.82 0.32
C MET C 43 -10.04 -10.15 -0.46
N TYR C 44 -10.41 -10.19 -1.74
CA TYR C 44 -10.20 -11.42 -2.58
C TYR C 44 -9.39 -11.03 -3.78
N TYR C 45 -8.38 -11.86 -4.08
CA TYR C 45 -7.43 -11.58 -5.18
C TYR C 45 -7.37 -12.83 -6.09
N GLY C 46 -7.42 -12.60 -7.39
CA GLY C 46 -7.05 -13.62 -8.35
C GLY C 46 -8.05 -14.76 -8.44
N LEU C 47 -7.51 -15.96 -8.70
CA LEU C 47 -8.26 -17.14 -9.19
C LEU C 47 -8.26 -18.31 -8.25
N GLN C 48 -9.48 -18.81 -8.03
CA GLN C 48 -9.84 -20.04 -7.34
C GLN C 48 -9.41 -21.27 -8.19
N SER C 49 -9.64 -21.18 -9.49
CA SER C 49 -9.25 -22.27 -10.49
C SER C 49 -8.72 -21.66 -11.73
N VAL C 50 -7.52 -22.02 -12.13
CA VAL C 50 -6.99 -21.48 -13.37
C VAL C 50 -7.68 -22.13 -14.57
N GLN C 51 -7.81 -23.46 -14.51
CA GLN C 51 -8.47 -24.16 -15.60
C GLN C 51 -9.89 -23.72 -15.80
N ASP C 52 -10.67 -23.57 -14.74
CA ASP C 52 -12.05 -23.13 -14.87
C ASP C 52 -12.32 -21.60 -14.95
N LYS C 53 -11.27 -20.81 -14.77
CA LYS C 53 -11.27 -19.33 -14.85
C LYS C 53 -12.25 -18.74 -13.82
N LYS C 54 -12.21 -19.28 -12.61
CA LYS C 54 -13.11 -18.81 -11.52
C LYS C 54 -12.32 -17.90 -10.61
N ALA C 55 -12.90 -16.73 -10.32
CA ALA C 55 -12.27 -15.76 -9.43
C ALA C 55 -12.53 -16.19 -7.97
N VAL C 56 -11.53 -16.01 -7.11
CA VAL C 56 -11.71 -16.15 -5.67
C VAL C 56 -12.81 -15.19 -5.25
N ASN C 57 -13.70 -15.65 -4.41
CA ASN C 57 -14.83 -14.84 -3.93
C ASN C 57 -15.19 -15.38 -2.53
N SER C 58 -16.23 -14.81 -1.95
CA SER C 58 -16.62 -15.14 -0.63
C SER C 58 -17.13 -16.52 -0.47
N ASN C 59 -17.52 -17.24 -1.56
CA ASN C 59 -17.86 -18.67 -1.46
C ASN C 59 -16.68 -19.63 -1.62
N THR C 60 -15.46 -19.14 -1.85
CA THR C 60 -14.39 -20.00 -2.29
C THR C 60 -13.93 -20.80 -1.07
N ILE C 61 -13.81 -22.11 -1.24
CA ILE C 61 -13.32 -23.03 -0.17
C ILE C 61 -11.83 -23.33 -0.32
N PHE C 62 -11.05 -23.14 0.76
CA PHE C 62 -9.61 -23.37 0.73
C PHE C 62 -9.27 -24.48 1.70
N GLU C 63 -8.18 -25.23 1.41
CA GLU C 63 -7.63 -26.22 2.35
C GLU C 63 -6.85 -25.47 3.47
N LEU C 64 -7.24 -25.68 4.72
CA LEU C 64 -6.59 -25.03 5.89
C LEU C 64 -5.28 -25.69 6.35
N GLY C 65 -4.97 -26.93 5.94
CA GLY C 65 -3.76 -27.57 6.40
C GLY C 65 -3.75 -27.71 7.94
N SER C 66 -2.60 -27.51 8.54
CA SER C 66 -2.45 -27.63 10.02
C SER C 66 -3.29 -26.64 10.85
N VAL C 67 -3.89 -25.64 10.22
CA VAL C 67 -4.88 -24.83 10.91
C VAL C 67 -6.10 -25.63 11.32
N SER C 68 -6.27 -26.81 10.70
CA SER C 68 -7.28 -27.76 11.07
C SER C 68 -7.10 -28.23 12.53
N LYS C 69 -5.83 -28.31 12.94
CA LYS C 69 -5.48 -28.70 14.33
C LYS C 69 -6.22 -27.82 15.30
N LEU C 70 -6.48 -26.57 14.93
CA LEU C 70 -7.30 -25.70 15.80
C LEU C 70 -8.73 -26.18 16.01
N PHE C 71 -9.34 -26.74 14.96
CA PHE C 71 -10.65 -27.34 15.11
C PHE C 71 -10.57 -28.66 15.90
N THR C 72 -9.51 -29.43 15.69
CA THR C 72 -9.25 -30.68 16.42
C THR C 72 -9.16 -30.31 17.95
N ALA C 73 -8.40 -29.27 18.25
CA ALA C 73 -8.27 -28.77 19.62
C ALA C 73 -9.62 -28.35 20.21
N THR C 74 -10.43 -27.55 19.48
CA THR C 74 -11.77 -27.08 19.92
C THR C 74 -12.75 -28.25 20.14
N ALA C 75 -12.67 -29.30 19.29
CA ALA C 75 -13.39 -30.56 19.55
C ALA C 75 -12.94 -31.23 20.91
N GLY C 76 -11.62 -31.32 21.12
CA GLY C 76 -11.08 -31.78 22.41
C GLY C 76 -11.64 -31.05 23.62
N GLY C 77 -11.63 -29.71 23.56
CA GLY C 77 -12.18 -28.86 24.61
C GLY C 77 -13.67 -28.90 24.84
N TYR C 78 -14.42 -29.18 23.78
CA TYR C 78 -15.86 -29.38 23.86
C TYR C 78 -16.19 -30.72 24.54
N ALA C 79 -15.47 -31.77 24.13
CA ALA C 79 -15.65 -33.13 24.67
C ALA C 79 -15.24 -33.23 26.14
N LYS C 80 -14.13 -32.57 26.50
CA LYS C 80 -13.71 -32.45 27.90
C LYS C 80 -14.76 -31.73 28.76
N ASN C 81 -15.16 -30.53 28.37
CA ASN C 81 -16.15 -29.75 29.17
C ASN C 81 -17.58 -30.34 29.19
N LYS C 82 -17.91 -31.20 28.21
CA LYS C 82 -19.21 -31.93 28.20
C LYS C 82 -19.12 -33.11 29.16
N GLY C 83 -17.91 -33.70 29.28
CA GLY C 83 -17.62 -34.78 30.20
C GLY C 83 -17.45 -36.11 29.52
N LYS C 84 -16.84 -36.11 28.34
CA LYS C 84 -16.63 -37.32 27.54
C LYS C 84 -15.19 -37.81 27.64
N ILE C 85 -14.28 -36.94 28.07
CA ILE C 85 -12.88 -37.31 28.28
C ILE C 85 -12.31 -36.48 29.43
N SER C 86 -11.19 -36.96 30.02
CA SER C 86 -10.31 -36.15 30.86
C SER C 86 -9.03 -36.09 30.09
N PHE C 87 -8.33 -34.96 30.17
CA PHE C 87 -7.02 -34.86 29.53
C PHE C 87 -5.98 -35.76 30.17
N ASP C 88 -6.31 -36.24 31.37
CA ASP C 88 -5.51 -37.27 32.03
C ASP C 88 -5.77 -38.71 31.58
N ASP C 89 -6.74 -38.96 30.68
CA ASP C 89 -6.95 -40.32 30.14
C ASP C 89 -5.86 -40.77 29.21
N THR C 90 -5.88 -42.05 28.94
CA THR C 90 -4.97 -42.69 28.04
C THR C 90 -5.86 -43.09 26.84
N PRO C 91 -5.25 -43.32 25.65
CA PRO C 91 -6.02 -43.58 24.40
C PRO C 91 -6.66 -44.96 24.38
N GLY C 92 -5.99 -45.93 24.99
CA GLY C 92 -6.54 -47.23 25.26
C GLY C 92 -7.82 -47.23 26.09
N LYS C 93 -8.11 -46.18 26.87
CA LYS C 93 -9.46 -46.08 27.51
C LYS C 93 -10.60 -45.97 26.52
N TYR C 94 -10.30 -45.49 25.30
CA TYR C 94 -11.30 -45.33 24.24
C TYR C 94 -11.07 -46.29 23.08
N TRP C 95 -9.85 -46.40 22.60
CA TRP C 95 -9.52 -47.33 21.52
C TRP C 95 -9.07 -48.66 22.19
N LYS C 96 -9.99 -49.64 22.23
CA LYS C 96 -9.82 -50.88 23.04
C LYS C 96 -8.52 -51.56 22.78
N GLU C 97 -8.20 -51.67 21.51
CA GLU C 97 -7.13 -52.52 21.01
C GLU C 97 -5.75 -51.89 21.29
N LEU C 98 -5.74 -50.65 21.81
CA LEU C 98 -4.55 -50.01 22.32
C LEU C 98 -4.37 -50.19 23.84
N LYS C 99 -5.45 -50.58 24.55
CA LYS C 99 -5.37 -50.89 26.00
C LYS C 99 -4.36 -52.01 26.23
N ASN C 100 -3.45 -51.75 27.19
CA ASN C 100 -2.32 -52.61 27.57
C ASN C 100 -1.08 -52.48 26.66
N THR C 101 -1.07 -51.48 25.77
CA THR C 101 0.09 -51.26 24.90
C THR C 101 0.92 -50.13 25.49
N PRO C 102 2.22 -50.01 25.09
CA PRO C 102 3.12 -48.92 25.45
C PRO C 102 2.70 -47.48 25.10
N ILE C 103 1.96 -47.29 24.00
CA ILE C 103 1.37 -45.97 23.72
C ILE C 103 0.31 -45.63 24.76
N ASP C 104 -0.33 -46.63 25.37
CA ASP C 104 -1.32 -46.38 26.45
C ASP C 104 -0.68 -45.73 27.75
N GLN C 105 0.65 -45.65 27.78
CA GLN C 105 1.38 -44.79 28.74
C GLN C 105 1.13 -43.26 28.56
N VAL C 106 0.92 -42.83 27.30
CA VAL C 106 0.92 -41.42 26.96
C VAL C 106 -0.49 -40.90 27.16
N ASN C 107 -0.60 -39.75 27.80
CA ASN C 107 -1.91 -39.20 28.07
C ASN C 107 -2.40 -38.27 26.90
N LEU C 108 -3.63 -37.86 27.00
CA LEU C 108 -4.36 -37.19 25.91
C LEU C 108 -3.84 -35.78 25.68
N LEU C 109 -3.63 -35.02 26.76
CA LEU C 109 -3.04 -33.67 26.65
C LEU C 109 -1.67 -33.76 26.02
N GLN C 110 -0.93 -34.84 26.33
CA GLN C 110 0.45 -35.03 25.82
C GLN C 110 0.47 -35.31 24.32
N LEU C 111 -0.56 -36.04 23.87
CA LEU C 111 -0.70 -36.39 22.43
C LEU C 111 -1.00 -35.13 21.62
N ALA C 112 -2.05 -34.45 22.07
CA ALA C 112 -2.52 -33.17 21.52
C ALA C 112 -1.42 -32.11 21.50
N THR C 113 -0.46 -32.16 22.45
CA THR C 113 0.60 -31.16 22.50
C THR C 113 1.97 -31.64 22.10
N TYR C 114 2.01 -32.81 21.44
CA TYR C 114 3.20 -33.25 20.72
C TYR C 114 4.40 -33.70 21.66
N THR C 115 4.04 -34.22 22.83
CA THR C 115 5.03 -34.49 23.92
C THR C 115 5.18 -35.97 24.22
N SER C 116 4.90 -36.82 23.22
CA SER C 116 4.81 -38.27 23.48
C SER C 116 6.19 -38.85 23.73
N GLY C 117 7.19 -38.24 23.10
CA GLY C 117 8.57 -38.64 23.18
C GLY C 117 9.10 -39.30 21.92
N ASN C 118 8.22 -39.84 21.06
CA ASN C 118 8.68 -40.57 19.87
C ASN C 118 7.62 -40.53 18.71
N LEU C 119 7.26 -39.35 18.23
CA LEU C 119 6.32 -39.23 17.09
C LEU C 119 6.78 -38.14 16.19
N ALA C 120 7.09 -38.51 14.94
CA ALA C 120 7.64 -37.61 13.95
C ALA C 120 6.52 -36.73 13.32
N LEU C 121 6.91 -35.77 12.47
CA LEU C 121 5.92 -34.90 11.78
C LEU C 121 4.82 -35.76 11.06
N GLN C 122 5.25 -36.73 10.28
CA GLN C 122 4.37 -37.58 9.45
C GLN C 122 4.47 -39.06 9.86
N PHE C 123 3.37 -39.80 9.74
CA PHE C 123 3.43 -41.27 9.74
C PHE C 123 4.48 -41.73 8.72
N PRO C 124 5.06 -42.94 8.89
CA PRO C 124 5.94 -43.44 7.82
C PRO C 124 5.11 -43.70 6.58
N ASP C 125 5.73 -43.54 5.42
CA ASP C 125 5.07 -43.73 4.12
C ASP C 125 4.24 -45.03 3.95
N GLU C 126 4.69 -46.12 4.57
CA GLU C 126 3.98 -47.42 4.53
C GLU C 126 2.65 -47.44 5.28
N VAL C 127 2.42 -46.53 6.21
CA VAL C 127 1.14 -46.49 6.96
C VAL C 127 0.07 -45.68 6.21
N GLN C 128 -1.04 -46.34 5.85
CA GLN C 128 -2.07 -45.79 4.94
C GLN C 128 -3.47 -46.18 5.38
N THR C 129 -3.74 -47.47 5.42
CA THR C 129 -5.06 -47.99 5.83
C THR C 129 -5.28 -47.94 7.33
N ASP C 130 -6.54 -47.98 7.75
CA ASP C 130 -6.91 -47.99 9.17
C ASP C 130 -6.19 -49.11 9.96
N GLN C 131 -6.12 -50.32 9.40
CA GLN C 131 -5.37 -51.43 10.03
C GLN C 131 -3.89 -51.09 10.19
N GLN C 132 -3.28 -50.45 9.17
CA GLN C 132 -1.88 -50.02 9.30
C GLN C 132 -1.68 -48.98 10.40
N VAL C 133 -2.63 -48.05 10.56
CA VAL C 133 -2.59 -47.07 11.64
C VAL C 133 -2.68 -47.79 13.01
N LEU C 134 -3.59 -48.78 13.14
CA LEU C 134 -3.70 -49.58 14.40
C LEU C 134 -2.37 -50.23 14.73
N THR C 135 -1.86 -51.02 13.79
CA THR C 135 -0.57 -51.70 13.88
C THR C 135 0.63 -50.76 14.19
N PHE C 136 0.59 -49.52 13.72
CA PHE C 136 1.63 -48.57 14.08
C PHE C 136 1.61 -48.22 15.59
N PHE C 137 0.42 -47.93 16.12
CA PHE C 137 0.27 -47.58 17.53
C PHE C 137 0.38 -48.78 18.48
N LYS C 138 0.03 -49.98 18.01
CA LYS C 138 0.36 -51.22 18.74
C LYS C 138 1.85 -51.48 18.79
N ASP C 139 2.53 -51.43 17.64
CA ASP C 139 4.00 -51.62 17.62
C ASP C 139 4.82 -50.45 18.22
N TRP C 140 4.16 -49.38 18.73
CA TRP C 140 4.84 -48.14 19.13
C TRP C 140 5.50 -48.35 20.46
N LYS C 141 6.83 -48.15 20.49
CA LYS C 141 7.62 -48.16 21.75
C LYS C 141 8.18 -46.73 22.05
N PRO C 142 8.18 -46.30 23.36
CA PRO C 142 8.77 -45.01 23.75
C PRO C 142 10.26 -44.86 23.43
N LYS C 143 10.69 -43.61 23.30
CA LYS C 143 12.12 -43.25 23.25
C LYS C 143 12.32 -42.19 24.36
N ASN C 144 12.38 -40.90 23.99
CA ASN C 144 12.56 -39.84 24.98
C ASN C 144 11.53 -39.96 26.10
N PRO C 145 11.90 -39.51 27.32
CA PRO C 145 10.96 -39.58 28.45
C PRO C 145 9.64 -38.89 28.12
N ILE C 146 8.56 -39.47 28.61
CA ILE C 146 7.22 -38.97 28.33
C ILE C 146 7.03 -37.57 28.90
N GLY C 147 6.30 -36.72 28.17
CA GLY C 147 5.87 -35.43 28.68
C GLY C 147 6.89 -34.32 28.58
N GLU C 148 8.14 -34.68 28.30
CA GLU C 148 9.29 -33.76 28.44
C GLU C 148 9.68 -33.07 27.13
N TYR C 149 9.38 -33.71 26.00
CA TYR C 149 9.82 -33.17 24.70
C TYR C 149 8.60 -32.81 23.81
N ARG C 150 8.62 -31.62 23.22
CA ARG C 150 7.65 -31.27 22.16
C ARG C 150 8.28 -31.67 20.85
N GLN C 151 7.66 -32.59 20.11
CA GLN C 151 7.99 -32.73 18.70
C GLN C 151 6.69 -32.64 17.85
N TYR C 152 6.64 -31.65 16.96
CA TYR C 152 5.40 -31.35 16.22
C TYR C 152 5.10 -32.60 15.38
N SER C 153 3.94 -33.21 15.59
CA SER C 153 3.58 -34.46 14.94
C SER C 153 2.09 -34.55 14.55
N ASN C 154 1.85 -34.94 13.29
CA ASN C 154 0.50 -35.23 12.79
C ASN C 154 -0.07 -36.47 13.42
N PRO C 155 0.68 -37.60 13.38
CA PRO C 155 0.14 -38.76 14.10
C PRO C 155 -0.25 -38.50 15.56
N SER C 156 0.49 -37.62 16.27
CA SER C 156 0.22 -37.38 17.69
C SER C 156 -1.14 -36.72 17.90
N ILE C 157 -1.34 -35.52 17.38
CA ILE C 157 -2.67 -34.89 17.50
C ILE C 157 -3.74 -35.65 16.68
N GLY C 158 -3.33 -36.46 15.70
CA GLY C 158 -4.32 -37.31 15.01
C GLY C 158 -4.96 -38.31 15.97
N LEU C 159 -4.09 -39.01 16.70
CA LEU C 159 -4.58 -39.99 17.68
C LEU C 159 -5.49 -39.31 18.70
N PHE C 160 -5.10 -38.11 19.16
CA PHE C 160 -5.92 -37.33 20.08
C PHE C 160 -7.29 -37.09 19.44
N GLY C 161 -7.28 -36.64 18.17
CA GLY C 161 -8.56 -36.44 17.46
C GLY C 161 -9.40 -37.73 17.37
N LYS C 162 -8.77 -38.76 16.82
CA LYS C 162 -9.39 -40.10 16.64
C LYS C 162 -10.05 -40.59 17.94
N VAL C 163 -9.28 -40.51 19.03
CA VAL C 163 -9.78 -40.74 20.40
C VAL C 163 -10.98 -39.83 20.79
N VAL C 164 -10.88 -38.55 20.51
CA VAL C 164 -12.02 -37.59 20.80
C VAL C 164 -13.33 -38.01 20.12
N ALA C 165 -13.22 -38.48 18.87
CA ALA C 165 -14.40 -39.00 18.12
C ALA C 165 -14.93 -40.31 18.74
N LEU C 166 -14.04 -41.25 19.06
CA LEU C 166 -14.45 -42.50 19.79
C LEU C 166 -15.24 -42.11 21.02
N SER C 167 -14.62 -41.24 21.84
CA SER C 167 -15.27 -40.59 23.00
C SER C 167 -16.67 -40.11 22.83
N MET C 168 -16.95 -39.46 21.69
CA MET C 168 -18.28 -38.88 21.42
C MET C 168 -19.13 -39.79 20.56
N ASN C 169 -18.57 -40.94 20.16
CA ASN C 169 -19.30 -42.01 19.49
C ASN C 169 -19.69 -41.70 18.02
N LYS C 170 -18.88 -40.90 17.34
CA LYS C 170 -19.20 -40.42 16.00
C LYS C 170 -17.89 -40.42 15.29
N PRO C 171 -17.89 -40.69 13.96
CA PRO C 171 -16.57 -40.51 13.30
C PRO C 171 -16.10 -39.04 13.37
N PHE C 172 -14.81 -38.79 13.19
CA PHE C 172 -14.25 -37.45 13.46
C PHE C 172 -14.90 -36.44 12.50
N ASP C 173 -15.07 -36.83 11.23
CA ASP C 173 -15.78 -35.96 10.28
C ASP C 173 -17.11 -35.42 10.79
N GLN C 174 -17.96 -36.29 11.36
CA GLN C 174 -19.24 -35.84 11.96
C GLN C 174 -19.15 -35.02 13.29
N VAL C 175 -18.14 -35.26 14.09
CA VAL C 175 -17.93 -34.40 15.29
C VAL C 175 -17.82 -32.94 14.82
N LEU C 176 -17.00 -32.76 13.78
CA LEU C 176 -16.86 -31.42 13.22
C LEU C 176 -18.13 -30.98 12.41
N GLU C 177 -18.56 -31.78 11.42
CA GLU C 177 -19.68 -31.35 10.52
C GLU C 177 -21.06 -31.24 11.24
N LYS C 178 -21.30 -32.09 12.22
CA LYS C 178 -22.59 -32.11 12.92
C LYS C 178 -22.60 -31.38 14.26
N THR C 179 -21.48 -31.35 15.00
CA THR C 179 -21.50 -30.63 16.32
C THR C 179 -20.70 -29.32 16.43
N ILE C 180 -19.44 -29.36 16.05
CA ILE C 180 -18.54 -28.18 16.28
C ILE C 180 -18.77 -27.02 15.29
N PHE C 181 -18.75 -27.28 13.99
CA PHE C 181 -19.01 -26.23 13.02
C PHE C 181 -20.38 -25.60 13.29
N PRO C 182 -21.46 -26.42 13.49
CA PRO C 182 -22.72 -25.76 13.77
C PRO C 182 -22.76 -24.99 15.10
N ALA C 183 -22.10 -25.52 16.13
CA ALA C 183 -21.90 -24.74 17.37
C ALA C 183 -21.19 -23.39 17.12
N LEU C 184 -20.21 -23.39 16.21
CA LEU C 184 -19.50 -22.15 15.85
C LEU C 184 -20.26 -21.26 14.85
N GLY C 185 -21.40 -21.72 14.33
CA GLY C 185 -22.18 -20.94 13.34
C GLY C 185 -21.59 -20.94 11.92
N LEU C 186 -20.77 -21.93 11.63
CA LEU C 186 -20.02 -22.03 10.38
C LEU C 186 -20.77 -22.90 9.35
N LYS C 187 -21.22 -22.28 8.26
CA LYS C 187 -22.06 -22.90 7.24
C LYS C 187 -21.30 -23.52 6.08
N HIS C 188 -20.03 -23.16 5.89
CA HIS C 188 -19.30 -23.56 4.67
C HIS C 188 -17.93 -24.09 5.02
N SER C 189 -17.92 -24.90 6.08
CA SER C 189 -16.76 -25.54 6.57
C SER C 189 -16.91 -27.05 6.56
N TYR C 190 -15.90 -27.76 6.06
CA TYR C 190 -16.00 -29.20 5.77
C TYR C 190 -14.73 -29.96 6.09
N VAL C 191 -14.90 -31.20 6.48
CA VAL C 191 -13.84 -32.24 6.28
C VAL C 191 -13.85 -32.88 4.87
N ASN C 192 -15.04 -33.29 4.46
CA ASN C 192 -15.32 -33.74 3.07
C ASN C 192 -16.24 -32.77 2.35
N VAL C 193 -15.72 -32.18 1.26
CA VAL C 193 -16.48 -31.24 0.54
C VAL C 193 -17.55 -31.99 -0.27
N PRO C 194 -18.84 -31.64 -0.07
CA PRO C 194 -19.93 -32.35 -0.75
C PRO C 194 -20.03 -31.94 -2.19
N LYS C 195 -20.84 -32.73 -2.95
CA LYS C 195 -20.98 -32.51 -4.41
C LYS C 195 -21.49 -31.10 -4.73
N THR C 196 -22.45 -30.61 -3.96
CA THR C 196 -23.00 -29.32 -4.15
C THR C 196 -22.04 -28.16 -3.85
N GLN C 197 -20.83 -28.43 -3.31
CA GLN C 197 -19.84 -27.35 -3.11
C GLN C 197 -18.55 -27.51 -3.88
N MET C 198 -18.48 -28.51 -4.75
CA MET C 198 -17.24 -28.79 -5.43
C MET C 198 -16.95 -27.61 -6.39
N GLN C 199 -17.98 -26.96 -6.89
CA GLN C 199 -17.77 -25.82 -7.76
C GLN C 199 -17.17 -24.60 -7.01
N ASN C 200 -17.22 -24.60 -5.67
CA ASN C 200 -16.59 -23.54 -4.86
C ASN C 200 -15.23 -23.91 -4.26
N TYR C 201 -14.80 -25.15 -4.45
CA TYR C 201 -13.57 -25.64 -3.84
C TYR C 201 -12.43 -25.27 -4.74
N ALA C 202 -11.48 -24.44 -4.26
CA ALA C 202 -10.37 -24.08 -5.05
C ALA C 202 -9.53 -25.30 -5.34
N PHE C 203 -8.85 -25.28 -6.47
CA PHE C 203 -7.63 -26.06 -6.63
C PHE C 203 -6.47 -25.43 -5.88
N GLY C 204 -5.63 -26.31 -5.29
CA GLY C 204 -4.24 -25.95 -4.88
C GLY C 204 -3.32 -25.98 -6.05
N TYR C 205 -2.21 -25.27 -5.95
CA TYR C 205 -1.15 -25.23 -7.04
C TYR C 205 0.21 -25.56 -6.40
N ASN C 206 0.89 -26.53 -6.96
CA ASN C 206 2.22 -26.92 -6.53
C ASN C 206 3.28 -25.89 -7.03
N GLN C 207 4.55 -26.19 -6.87
CA GLN C 207 5.56 -25.13 -7.13
C GLN C 207 5.78 -24.98 -8.63
N GLU C 208 5.23 -25.91 -9.42
CA GLU C 208 5.13 -25.77 -10.89
C GLU C 208 3.84 -25.07 -11.39
N ASN C 209 3.01 -24.47 -10.49
CA ASN C 209 1.67 -23.92 -10.80
C ASN C 209 0.79 -24.90 -11.54
N GLN C 210 0.80 -26.15 -11.08
CA GLN C 210 -0.09 -27.21 -11.55
C GLN C 210 -1.07 -27.61 -10.44
N PRO C 211 -2.31 -27.92 -10.82
CA PRO C 211 -3.39 -28.12 -9.86
C PRO C 211 -3.24 -29.41 -9.05
N ILE C 212 -3.51 -29.28 -7.75
CA ILE C 212 -3.41 -30.35 -6.81
C ILE C 212 -4.40 -30.20 -5.72
N ARG C 213 -4.95 -31.30 -5.21
CA ARG C 213 -5.82 -31.29 -4.04
C ARG C 213 -5.21 -32.29 -2.99
N VAL C 214 -5.46 -32.06 -1.70
CA VAL C 214 -4.95 -32.88 -0.57
C VAL C 214 -5.37 -34.33 -0.79
N ASN C 215 -4.44 -35.25 -0.60
CA ASN C 215 -4.67 -36.65 -0.80
C ASN C 215 -5.16 -37.29 0.51
N PRO C 216 -6.08 -38.28 0.40
CA PRO C 216 -6.48 -39.03 1.58
C PRO C 216 -5.21 -39.55 2.26
N GLY C 217 -5.21 -39.53 3.59
CA GLY C 217 -4.05 -40.02 4.34
C GLY C 217 -4.44 -40.59 5.70
N PRO C 218 -3.49 -41.27 6.38
CA PRO C 218 -3.81 -41.80 7.72
C PRO C 218 -4.03 -40.71 8.78
N LEU C 219 -5.18 -40.75 9.42
CA LEU C 219 -5.61 -39.71 10.35
C LEU C 219 -5.53 -38.28 9.81
N ASP C 220 -5.70 -38.16 8.49
CA ASP C 220 -5.67 -36.86 7.80
C ASP C 220 -6.61 -35.85 8.43
N ALA C 221 -7.84 -36.25 8.71
CA ALA C 221 -8.85 -35.28 9.09
C ALA C 221 -8.49 -34.46 10.36
N PRO C 222 -8.16 -35.11 11.48
CA PRO C 222 -7.89 -34.24 12.70
C PRO C 222 -6.58 -33.45 12.62
N ALA C 223 -5.65 -33.94 11.82
CA ALA C 223 -4.37 -33.33 11.62
C ALA C 223 -4.32 -32.17 10.63
N TYR C 224 -4.88 -32.34 9.43
CA TYR C 224 -4.77 -31.33 8.39
C TYR C 224 -5.97 -31.28 7.40
N GLY C 225 -7.15 -31.77 7.79
CA GLY C 225 -8.22 -32.17 6.84
C GLY C 225 -9.40 -31.26 6.63
N VAL C 226 -9.37 -30.04 7.20
CA VAL C 226 -10.49 -29.15 7.15
C VAL C 226 -10.33 -28.15 5.98
N LYS C 227 -11.46 -27.85 5.36
CA LYS C 227 -11.59 -26.81 4.34
C LYS C 227 -12.65 -25.82 4.72
N SER C 228 -12.40 -24.57 4.41
CA SER C 228 -13.29 -23.49 4.84
C SER C 228 -13.17 -22.26 3.90
N THR C 229 -14.06 -21.30 4.12
CA THR C 229 -14.12 -20.08 3.38
C THR C 229 -13.60 -18.96 4.28
N LEU C 230 -13.30 -17.82 3.68
CA LEU C 230 -12.87 -16.64 4.41
C LEU C 230 -13.95 -16.14 5.40
N PRO C 231 -15.25 -16.08 4.98
CA PRO C 231 -16.22 -15.57 5.96
C PRO C 231 -16.37 -16.49 7.14
N ASP C 232 -16.27 -17.79 6.91
CA ASP C 232 -16.30 -18.73 8.02
C ASP C 232 -15.08 -18.61 8.91
N MET C 233 -13.90 -18.46 8.34
CA MET C 233 -12.72 -18.32 9.15
C MET C 233 -12.75 -17.03 9.97
N LEU C 234 -13.32 -15.94 9.44
CA LEU C 234 -13.56 -14.72 10.26
C LEU C 234 -14.57 -14.91 11.36
N SER C 235 -15.56 -15.74 11.14
CA SER C 235 -16.47 -16.04 12.23
C SER C 235 -15.75 -16.90 13.27
N PHE C 236 -14.84 -17.80 12.85
CA PHE C 236 -14.10 -18.60 13.78
C PHE C 236 -13.20 -17.67 14.64
N ILE C 237 -12.52 -16.73 14.00
CA ILE C 237 -11.74 -15.74 14.70
C ILE C 237 -12.60 -14.91 15.64
N HIS C 238 -13.78 -14.51 15.18
CA HIS C 238 -14.71 -13.80 16.04
C HIS C 238 -15.05 -14.61 17.32
N ALA C 239 -15.35 -15.90 17.19
CA ALA C 239 -15.70 -16.74 18.36
C ALA C 239 -14.54 -16.80 19.36
N ASN C 240 -13.32 -16.97 18.84
CA ASN C 240 -12.09 -16.93 19.66
C ASN C 240 -11.88 -15.56 20.37
N LEU C 241 -12.29 -14.46 19.74
CA LEU C 241 -12.16 -13.13 20.35
C LEU C 241 -13.30 -12.79 21.36
N ASN C 242 -14.44 -13.46 21.24
CA ASN C 242 -15.67 -13.12 21.99
C ASN C 242 -16.37 -14.44 22.38
N PRO C 243 -15.64 -15.33 23.05
CA PRO C 243 -16.31 -16.59 23.37
C PRO C 243 -17.55 -16.41 24.29
N GLN C 244 -17.54 -15.41 25.17
CA GLN C 244 -18.71 -15.11 26.01
C GLN C 244 -20.04 -14.84 25.26
N LYS C 245 -19.96 -14.41 24.00
CA LYS C 245 -21.19 -14.18 23.21
C LYS C 245 -21.78 -15.50 22.67
N TYR C 246 -21.17 -16.66 22.98
CA TYR C 246 -21.57 -17.97 22.43
C TYR C 246 -22.11 -18.85 23.55
N PRO C 247 -22.96 -19.82 23.20
CA PRO C 247 -23.42 -20.72 24.25
C PRO C 247 -22.30 -21.49 25.01
N THR C 248 -22.66 -21.81 26.25
CA THR C 248 -21.85 -22.48 27.24
C THR C 248 -20.90 -23.58 26.76
N ASP C 249 -21.46 -24.63 26.17
CA ASP C 249 -20.66 -25.78 25.73
C ASP C 249 -19.52 -25.40 24.76
N ILE C 250 -19.77 -24.49 23.84
CA ILE C 250 -18.74 -24.16 22.82
C ILE C 250 -17.84 -23.04 23.34
N GLN C 251 -18.42 -22.09 24.08
CA GLN C 251 -17.62 -21.08 24.81
C GLN C 251 -16.50 -21.67 25.69
N ARG C 252 -16.81 -22.70 26.47
CA ARG C 252 -15.79 -23.37 27.28
C ARG C 252 -14.83 -24.16 26.41
N ALA C 253 -15.36 -24.72 25.31
CA ALA C 253 -14.47 -25.39 24.37
C ALA C 253 -13.41 -24.40 23.91
N ILE C 254 -13.83 -23.25 23.41
CA ILE C 254 -12.88 -22.23 22.85
C ILE C 254 -11.82 -21.84 23.94
N ASN C 255 -12.32 -21.43 25.14
CA ASN C 255 -11.46 -21.05 26.33
C ASN C 255 -10.44 -22.12 26.67
N GLU C 256 -10.87 -23.36 26.61
CA GLU C 256 -9.96 -24.46 26.74
C GLU C 256 -8.74 -24.42 25.79
N THR C 257 -8.93 -23.97 24.55
CA THR C 257 -7.82 -23.91 23.59
C THR C 257 -6.96 -22.67 23.78
N HIS C 258 -7.35 -21.73 24.63
CA HIS C 258 -6.50 -20.53 24.91
C HIS C 258 -5.48 -20.66 26.07
N GLN C 259 -5.55 -21.71 26.88
CA GLN C 259 -4.63 -21.81 28.02
C GLN C 259 -3.33 -22.53 27.66
N GLY C 260 -2.23 -21.88 28.04
CA GLY C 260 -0.91 -22.42 27.83
C GLY C 260 -0.71 -23.66 28.68
N ARG C 261 -0.01 -24.62 28.10
CA ARG C 261 0.30 -25.88 28.75
C ARG C 261 1.77 -26.05 29.12
N TYR C 262 2.64 -25.34 28.42
CA TYR C 262 4.05 -25.36 28.71
C TYR C 262 4.65 -24.26 27.87
N GLN C 263 5.97 -24.18 27.84
CA GLN C 263 6.68 -23.12 27.18
C GLN C 263 7.89 -23.68 26.44
N VAL C 264 8.19 -23.10 25.28
CA VAL C 264 9.41 -23.39 24.58
C VAL C 264 9.90 -22.02 24.13
N ASN C 265 10.90 -21.52 24.89
CA ASN C 265 11.45 -20.19 24.70
C ASN C 265 10.33 -19.19 24.86
N THR C 266 10.15 -18.30 23.88
CA THR C 266 9.13 -17.26 23.89
C THR C 266 7.70 -17.75 23.50
N MET C 267 7.56 -19.04 23.20
CA MET C 267 6.27 -19.63 22.78
C MET C 267 5.66 -20.52 23.85
N TYR C 268 4.38 -20.31 24.06
CA TYR C 268 3.54 -21.11 24.95
C TYR C 268 2.64 -22.02 24.10
N GLN C 269 2.64 -23.33 24.39
CA GLN C 269 1.81 -24.26 23.60
C GLN C 269 0.46 -24.35 24.23
N ALA C 270 -0.55 -23.74 23.63
CA ALA C 270 -1.91 -24.04 24.03
C ALA C 270 -2.43 -25.26 23.24
N LEU C 271 -3.70 -25.55 23.38
CA LEU C 271 -4.38 -26.64 22.63
C LEU C 271 -4.53 -26.14 21.19
N GLY C 272 -3.75 -26.69 20.27
CA GLY C 272 -3.74 -26.25 18.89
C GLY C 272 -3.07 -24.92 18.62
N TRP C 273 -3.60 -23.85 19.23
CA TRP C 273 -3.01 -22.49 19.14
C TRP C 273 -1.63 -22.41 19.75
N GLU C 274 -0.76 -21.67 19.09
CA GLU C 274 0.49 -21.19 19.65
C GLU C 274 0.20 -19.86 20.32
N GLU C 275 0.83 -19.65 21.48
CA GLU C 275 0.53 -18.48 22.36
C GLU C 275 1.83 -17.71 22.66
N PHE C 276 1.72 -16.39 22.72
CA PHE C 276 2.86 -15.47 22.90
C PHE C 276 2.40 -14.35 23.84
N SER C 277 3.33 -13.82 24.62
CA SER C 277 3.07 -12.62 25.40
C SER C 277 2.90 -11.47 24.42
N TYR C 278 1.90 -10.65 24.67
CA TYR C 278 1.59 -9.50 23.82
C TYR C 278 1.94 -8.23 24.57
N PRO C 279 2.63 -7.27 23.99
CA PRO C 279 3.06 -7.23 22.59
C PRO C 279 4.12 -8.25 22.29
N ALA C 280 4.02 -8.90 21.12
CA ALA C 280 5.05 -9.81 20.62
C ALA C 280 5.79 -9.10 19.50
N THR C 281 7.10 -9.21 19.51
CA THR C 281 7.91 -8.73 18.40
C THR C 281 7.71 -9.66 17.17
N LEU C 282 7.85 -9.08 15.97
CA LEU C 282 7.95 -9.86 14.70
C LEU C 282 8.89 -11.05 14.88
N GLN C 283 10.10 -10.77 15.35
CA GLN C 283 11.09 -11.82 15.50
C GLN C 283 10.62 -13.01 16.41
N THR C 284 9.84 -12.74 17.47
CA THR C 284 9.30 -13.79 18.32
C THR C 284 8.27 -14.72 17.54
N LEU C 285 7.45 -14.09 16.72
CA LEU C 285 6.43 -14.81 15.96
C LEU C 285 7.14 -15.59 14.86
N LEU C 286 8.14 -14.97 14.22
CA LEU C 286 8.98 -15.70 13.25
C LEU C 286 9.67 -16.91 13.87
N ASP C 287 10.21 -16.76 15.09
CA ASP C 287 10.92 -17.85 15.79
C ASP C 287 10.01 -19.07 16.10
N SER C 288 8.71 -18.86 16.28
CA SER C 288 7.78 -20.02 16.46
C SER C 288 7.76 -20.99 15.25
N ASN C 289 8.15 -20.53 14.06
CA ASN C 289 8.11 -21.39 12.87
C ASN C 289 9.49 -21.72 12.28
N SER C 290 10.55 -21.53 13.07
CA SER C 290 11.92 -21.90 12.64
C SER C 290 12.11 -23.41 12.49
N GLU C 291 13.07 -23.81 11.66
CA GLU C 291 13.43 -25.25 11.49
C GLU C 291 13.45 -26.01 12.84
N GLN C 292 14.12 -25.40 13.82
CA GLN C 292 14.40 -26.00 15.16
C GLN C 292 13.14 -26.27 16.04
N ILE C 293 12.14 -25.38 16.04
CA ILE C 293 10.86 -25.63 16.78
C ILE C 293 9.92 -26.60 16.04
N VAL C 294 9.92 -26.48 14.70
CA VAL C 294 8.97 -27.24 13.85
C VAL C 294 9.39 -28.71 13.66
N MET C 295 10.64 -28.91 13.25
CA MET C 295 11.13 -30.22 12.78
C MET C 295 11.91 -31.04 13.82
N LYS C 296 12.53 -30.37 14.81
CA LYS C 296 13.40 -31.04 15.82
C LYS C 296 12.64 -31.20 17.17
N PRO C 297 13.06 -32.15 18.03
CA PRO C 297 12.51 -32.18 19.41
C PRO C 297 13.10 -31.10 20.34
N ASN C 298 12.29 -30.58 21.26
CA ASN C 298 12.69 -29.51 22.16
C ASN C 298 12.17 -29.72 23.55
N LYS C 299 13.09 -29.76 24.53
CA LYS C 299 12.73 -29.88 25.95
C LYS C 299 11.78 -28.74 26.36
N VAL C 300 10.69 -29.07 27.04
CA VAL C 300 9.66 -28.10 27.42
C VAL C 300 10.00 -27.46 28.80
N THR C 301 9.08 -26.65 29.34
CA THR C 301 9.23 -25.92 30.60
C THR C 301 7.83 -25.65 31.16
N ALA C 302 7.58 -25.98 32.42
CA ALA C 302 6.28 -25.64 33.03
C ALA C 302 6.17 -24.13 33.14
N ILE C 303 4.93 -23.64 33.17
CA ILE C 303 4.64 -22.20 33.16
C ILE C 303 4.73 -21.60 34.57
N SER C 304 5.67 -20.68 34.75
CA SER C 304 5.85 -19.99 36.03
C SER C 304 4.64 -19.05 36.27
N LYS C 305 4.43 -18.12 35.35
CA LYS C 305 3.20 -17.32 35.29
C LYS C 305 2.70 -17.38 33.83
N GLU C 306 1.42 -17.65 33.64
CA GLU C 306 0.74 -17.40 32.35
C GLU C 306 0.81 -15.87 32.01
N PRO C 307 1.22 -15.48 30.77
CA PRO C 307 1.26 -14.05 30.39
C PRO C 307 0.03 -13.23 30.80
N SER C 308 0.29 -12.02 31.29
CA SER C 308 -0.78 -11.08 31.68
C SER C 308 -1.64 -10.78 30.45
N VAL C 309 -0.99 -10.48 29.33
CA VAL C 309 -1.65 -10.17 28.07
C VAL C 309 -1.12 -11.06 26.95
N LYS C 310 -2.04 -11.58 26.09
CA LYS C 310 -1.73 -12.66 25.15
C LYS C 310 -2.10 -12.39 23.67
N MET C 311 -1.46 -13.11 22.77
CA MET C 311 -1.91 -13.20 21.37
C MET C 311 -1.63 -14.63 20.96
N TYR C 312 -2.25 -15.05 19.85
CA TYR C 312 -2.16 -16.43 19.45
C TYR C 312 -2.09 -16.47 17.93
N HIS C 313 -1.41 -17.46 17.37
CA HIS C 313 -1.41 -17.65 15.96
C HIS C 313 -1.31 -19.16 15.61
N LYS C 314 -1.40 -19.44 14.33
CA LYS C 314 -1.17 -20.80 13.79
C LYS C 314 -1.00 -20.67 12.31
N THR C 315 -0.02 -21.38 11.77
CA THR C 315 0.18 -21.51 10.35
C THR C 315 -0.34 -22.88 9.91
N GLY C 316 -0.64 -23.00 8.61
CA GLY C 316 -1.05 -24.26 8.02
C GLY C 316 -0.74 -24.31 6.55
N SER C 317 -0.38 -25.51 6.09
CA SER C 317 -0.16 -25.73 4.68
C SER C 317 -0.64 -27.10 4.35
N THR C 318 -1.20 -27.24 3.15
CA THR C 318 -1.16 -28.52 2.44
C THR C 318 -0.19 -28.37 1.30
N SER C 319 -0.08 -29.39 0.47
CA SER C 319 0.82 -29.30 -0.67
C SER C 319 0.52 -28.10 -1.62
N GLY C 320 -0.73 -27.70 -1.75
CA GLY C 320 -1.11 -26.60 -2.65
C GLY C 320 -1.76 -25.37 -2.02
N PHE C 321 -1.82 -25.33 -0.70
CA PHE C 321 -2.48 -24.22 0.04
C PHE C 321 -1.62 -23.72 1.20
N GLY C 322 -1.66 -22.41 1.41
CA GLY C 322 -1.17 -21.77 2.66
C GLY C 322 -2.23 -21.02 3.44
N THR C 323 -2.12 -21.09 4.78
CA THR C 323 -3.08 -20.41 5.73
C THR C 323 -2.26 -19.79 6.87
N TYR C 324 -2.78 -18.68 7.40
CA TYR C 324 -2.29 -18.09 8.57
C TYR C 324 -3.47 -17.42 9.24
N VAL C 325 -3.60 -17.72 10.51
CA VAL C 325 -4.63 -17.16 11.35
C VAL C 325 -3.96 -16.52 12.61
N VAL C 326 -4.46 -15.38 13.08
CA VAL C 326 -3.85 -14.67 14.21
C VAL C 326 -4.90 -13.81 14.92
N PHE C 327 -4.97 -13.83 16.25
CA PHE C 327 -5.81 -12.84 16.93
C PHE C 327 -5.16 -12.31 18.24
N ILE C 328 -5.63 -11.14 18.65
CA ILE C 328 -5.06 -10.40 19.76
C ILE C 328 -6.24 -9.89 20.60
N PRO C 329 -6.59 -10.63 21.63
CA PRO C 329 -7.82 -10.35 22.39
C PRO C 329 -7.95 -8.89 22.87
N LYS C 330 -6.88 -8.38 23.50
CA LYS C 330 -6.75 -6.98 23.98
C LYS C 330 -7.18 -5.91 22.97
N GLU C 331 -6.70 -6.08 21.74
CA GLU C 331 -7.02 -5.17 20.65
C GLU C 331 -8.35 -5.50 19.89
N ASN C 332 -9.08 -6.55 20.27
CA ASN C 332 -10.28 -7.08 19.61
C ASN C 332 -10.13 -7.13 18.06
N ILE C 333 -8.99 -7.69 17.63
CA ILE C 333 -8.62 -7.77 16.22
C ILE C 333 -8.04 -9.15 15.82
N GLY C 334 -8.30 -9.62 14.60
CA GLY C 334 -7.59 -10.80 14.13
C GLY C 334 -7.46 -10.79 12.61
N LEU C 335 -6.64 -11.69 12.05
CA LEU C 335 -6.51 -11.72 10.58
C LEU C 335 -6.48 -13.18 10.09
N VAL C 336 -7.07 -13.39 8.93
CA VAL C 336 -7.05 -14.66 8.22
C VAL C 336 -6.44 -14.43 6.83
N MET C 337 -5.43 -15.24 6.45
CA MET C 337 -4.91 -15.30 5.07
C MET C 337 -5.04 -16.74 4.57
N LEU C 338 -5.61 -16.84 3.34
CA LEU C 338 -5.85 -18.11 2.60
C LEU C 338 -5.25 -17.98 1.18
N THR C 339 -4.32 -18.83 0.82
CA THR C 339 -3.79 -18.85 -0.55
C THR C 339 -3.98 -20.31 -1.11
N ASN C 340 -4.16 -20.40 -2.41
CA ASN C 340 -4.12 -21.68 -3.12
C ASN C 340 -2.75 -21.95 -3.80
N LYS C 341 -1.67 -21.41 -3.21
CA LYS C 341 -0.33 -21.87 -3.44
C LYS C 341 0.42 -21.58 -2.13
N ARG C 342 1.32 -22.48 -1.77
CA ARG C 342 2.12 -22.30 -0.51
C ARG C 342 3.02 -21.11 -0.75
N ILE C 343 3.08 -20.18 0.22
CA ILE C 343 4.20 -19.23 0.32
C ILE C 343 4.96 -19.41 1.66
N PRO C 344 6.20 -18.89 1.75
CA PRO C 344 6.95 -19.07 2.98
C PRO C 344 6.16 -18.53 4.21
N ASN C 345 6.14 -19.34 5.28
CA ASN C 345 5.54 -18.92 6.53
C ASN C 345 5.99 -17.53 7.01
N GLU C 346 7.29 -17.24 6.89
CA GLU C 346 7.84 -15.92 7.29
C GLU C 346 7.06 -14.79 6.63
N GLU C 347 6.71 -14.95 5.33
CA GLU C 347 5.97 -13.90 4.59
C GLU C 347 4.54 -13.73 5.08
N ARG C 348 3.92 -14.84 5.47
CA ARG C 348 2.55 -14.74 6.03
C ARG C 348 2.55 -13.93 7.34
N ILE C 349 3.40 -14.39 8.27
CA ILE C 349 3.59 -13.74 9.59
C ILE C 349 3.94 -12.22 9.44
N LYS C 350 4.99 -11.91 8.66
CA LYS C 350 5.45 -10.52 8.41
C LYS C 350 4.36 -9.66 7.85
N ALA C 351 3.67 -10.14 6.81
CA ALA C 351 2.61 -9.34 6.20
C ALA C 351 1.49 -9.03 7.18
N ALA C 352 1.10 -10.03 7.95
CA ALA C 352 0.05 -9.87 8.90
C ALA C 352 0.56 -8.93 10.04
N TYR C 353 1.78 -9.13 10.48
CA TYR C 353 2.35 -8.31 11.57
C TYR C 353 2.31 -6.81 11.16
N VAL C 354 2.77 -6.51 9.94
CA VAL C 354 2.82 -5.15 9.46
C VAL C 354 1.44 -4.61 9.36
N VAL C 355 0.47 -5.39 8.83
CA VAL C 355 -0.93 -4.87 8.74
C VAL C 355 -1.59 -4.60 10.12
N LEU C 356 -1.51 -5.56 11.03
CA LEU C 356 -2.23 -5.46 12.34
C LEU C 356 -1.63 -4.35 13.23
N ASN C 357 -0.32 -4.14 13.11
CA ASN C 357 0.35 -3.02 13.77
C ASN C 357 0.17 -1.65 13.09
N ALA C 358 -0.38 -1.58 11.86
CA ALA C 358 -0.63 -0.29 11.18
C ALA C 358 -2.07 0.15 11.24
N ILE C 359 -3.02 -0.77 11.45
CA ILE C 359 -4.42 -0.40 11.49
C ILE C 359 -4.61 0.52 12.72
N LYS C 360 -5.42 1.56 12.52
CA LYS C 360 -5.77 2.51 13.56
C LYS C 360 -6.70 1.82 14.50
N LYS C 361 -6.46 2.04 15.78
CA LYS C 361 -7.20 1.37 16.84
C LYS C 361 -8.52 2.13 17.10
N ASP D 7 16.85 36.70 27.00
CA ASP D 7 16.36 37.30 25.71
C ASP D 7 15.81 38.71 25.76
N GLN D 8 16.27 39.51 26.73
CA GLN D 8 15.77 40.87 27.13
C GLN D 8 14.72 41.68 26.32
N GLU D 9 14.47 41.33 25.05
CA GLU D 9 13.38 41.93 24.24
C GLU D 9 12.01 41.57 24.79
N ILE D 10 11.76 40.27 24.97
CA ILE D 10 10.48 39.74 25.52
C ILE D 10 10.12 40.43 26.83
N LYS D 11 11.02 40.38 27.83
CA LYS D 11 10.81 41.03 29.16
C LYS D 11 10.42 42.47 29.02
N LYS D 12 10.99 43.12 28.01
CA LYS D 12 10.61 44.48 27.61
C LYS D 12 9.13 44.61 27.24
N LEU D 13 8.68 43.87 26.22
CA LEU D 13 7.29 44.00 25.74
C LEU D 13 6.27 43.36 26.74
N VAL D 14 6.72 42.47 27.63
CA VAL D 14 5.87 41.89 28.69
C VAL D 14 5.71 42.89 29.82
N ASP D 15 6.78 43.58 30.24
CA ASP D 15 6.60 44.69 31.19
C ASP D 15 5.68 45.74 30.62
N GLN D 16 5.80 46.02 29.31
CA GLN D 16 4.96 47.02 28.66
C GLN D 16 3.49 46.65 28.72
N ASN D 17 3.16 45.40 28.33
CA ASN D 17 1.77 44.96 28.02
C ASN D 17 1.06 44.12 29.11
N PHE D 18 1.82 43.42 29.95
CA PHE D 18 1.23 42.64 31.09
C PHE D 18 1.40 43.29 32.44
N LYS D 19 2.59 43.82 32.71
CA LYS D 19 2.87 44.36 34.04
C LYS D 19 1.83 45.36 34.49
N PRO D 20 1.41 46.30 33.62
CA PRO D 20 0.50 47.24 34.22
C PRO D 20 -0.88 46.67 34.62
N LEU D 21 -1.26 45.47 34.13
CA LEU D 21 -2.54 44.81 34.56
C LEU D 21 -2.60 44.52 36.09
N LEU D 22 -1.44 44.38 36.74
CA LEU D 22 -1.39 44.15 38.18
C LEU D 22 -1.91 45.34 38.97
N GLU D 23 -1.37 46.53 38.71
CA GLU D 23 -1.83 47.72 39.44
C GLU D 23 -3.24 48.06 39.07
N LYS D 24 -3.62 47.78 37.82
CA LYS D 24 -4.95 48.17 37.32
C LYS D 24 -6.06 47.37 38.00
N TYR D 25 -5.86 46.06 38.07
CA TYR D 25 -6.91 45.13 38.56
C TYR D 25 -6.64 44.62 39.94
N ASP D 26 -5.55 45.10 40.54
CA ASP D 26 -5.19 44.83 41.92
C ASP D 26 -4.78 43.35 42.14
N VAL D 27 -3.99 42.84 41.20
CA VAL D 27 -3.64 41.43 41.15
C VAL D 27 -2.37 41.18 41.95
N PRO D 28 -2.40 40.27 42.94
CA PRO D 28 -1.16 40.20 43.65
C PRO D 28 0.03 39.63 42.88
N GLY D 29 -0.18 38.58 42.10
CA GLY D 29 0.92 37.92 41.46
C GLY D 29 0.55 37.40 40.09
N MET D 30 1.57 37.25 39.23
CA MET D 30 1.36 36.94 37.83
C MET D 30 2.64 36.35 37.26
N ALA D 31 2.48 35.28 36.48
CA ALA D 31 3.61 34.65 35.70
C ALA D 31 3.26 34.75 34.20
N VAL D 32 4.23 35.15 33.37
CA VAL D 32 4.01 35.26 31.92
C VAL D 32 5.18 34.56 31.23
N GLY D 33 4.88 33.59 30.37
CA GLY D 33 5.88 32.82 29.66
C GLY D 33 5.73 32.84 28.15
N VAL D 34 6.88 32.81 27.45
CA VAL D 34 6.93 32.81 25.96
C VAL D 34 7.85 31.74 25.47
N ILE D 35 7.39 30.96 24.49
CA ILE D 35 8.24 30.01 23.83
C ILE D 35 8.29 30.39 22.33
N GLN D 36 9.50 30.36 21.78
CA GLN D 36 9.75 30.70 20.37
C GLN D 36 10.98 29.93 19.94
N ASN D 37 10.82 29.12 18.90
CA ASN D 37 11.95 28.44 18.27
C ASN D 37 12.62 27.53 19.31
N ASN D 38 11.76 26.92 20.16
CA ASN D 38 12.19 26.19 21.36
C ASN D 38 12.95 27.01 22.49
N LYS D 39 13.05 28.34 22.39
CA LYS D 39 13.63 29.18 23.44
C LYS D 39 12.55 29.68 24.45
N LYS D 40 12.65 29.29 25.73
CA LYS D 40 11.66 29.70 26.77
C LYS D 40 12.07 30.97 27.52
N TYR D 41 11.13 31.91 27.68
CA TYR D 41 11.34 33.18 28.40
C TYR D 41 10.27 33.39 29.49
N GLU D 42 10.70 33.48 30.76
CA GLU D 42 9.79 33.43 31.91
C GLU D 42 9.92 34.72 32.68
N MET D 43 8.79 35.45 32.84
CA MET D 43 8.71 36.64 33.71
C MET D 43 7.67 36.47 34.86
N TYR D 44 8.12 36.77 36.07
CA TYR D 44 7.39 36.59 37.37
C TYR D 44 7.23 37.94 38.06
N TYR D 45 6.01 38.28 38.44
CA TYR D 45 5.71 39.52 39.18
C TYR D 45 4.90 39.25 40.44
N GLY D 46 5.08 40.13 41.42
CA GLY D 46 4.29 40.11 42.61
C GLY D 46 4.43 38.89 43.50
N LEU D 47 3.30 38.63 44.18
CA LEU D 47 3.21 37.73 45.32
C LEU D 47 2.30 36.54 45.03
N GLN D 48 2.84 35.33 45.29
CA GLN D 48 2.12 34.04 45.28
C GLN D 48 1.14 34.02 46.44
N SER D 49 1.59 34.50 47.60
CA SER D 49 0.77 34.55 48.85
C SER D 49 1.03 35.84 49.52
N VAL D 50 0.00 36.59 49.74
CA VAL D 50 0.14 37.88 50.39
C VAL D 50 0.43 37.65 51.84
N GLN D 51 -0.33 36.75 52.48
CA GLN D 51 -0.10 36.47 53.91
C GLN D 51 1.31 35.97 54.15
N ASP D 52 1.81 35.09 53.28
CA ASP D 52 3.05 34.44 53.58
C ASP D 52 4.28 35.21 53.04
N LYS D 53 4.06 36.31 52.35
CA LYS D 53 5.11 37.14 51.73
C LYS D 53 6.01 36.36 50.78
N LYS D 54 5.36 35.58 49.92
CA LYS D 54 6.08 34.75 48.98
C LYS D 54 5.90 35.38 47.64
N ALA D 55 7.04 35.59 46.94
CA ALA D 55 7.04 36.02 45.55
C ALA D 55 6.78 34.89 44.55
N VAL D 56 6.04 35.25 43.50
CA VAL D 56 5.80 34.37 42.35
C VAL D 56 7.14 34.04 41.76
N ASN D 57 7.35 32.77 41.43
CA ASN D 57 8.64 32.28 40.87
C ASN D 57 8.30 31.00 40.10
N SER D 58 9.34 30.31 39.65
CA SER D 58 9.21 29.20 38.75
C SER D 58 8.55 27.97 39.34
N ASN D 59 8.53 27.89 40.68
CA ASN D 59 7.83 26.81 41.37
C ASN D 59 6.38 27.12 41.70
N THR D 60 5.92 28.30 41.38
CA THR D 60 4.54 28.71 41.84
C THR D 60 3.52 27.93 41.05
N ILE D 61 2.57 27.33 41.76
CA ILE D 61 1.46 26.51 41.19
C ILE D 61 0.22 27.38 41.19
N PHE D 62 -0.41 27.51 39.98
CA PHE D 62 -1.64 28.34 39.79
C PHE D 62 -2.79 27.43 39.36
N GLU D 63 -4.02 27.78 39.71
CA GLU D 63 -5.19 27.05 39.21
C GLU D 63 -5.41 27.49 37.74
N LEU D 64 -5.60 26.52 36.84
CA LEU D 64 -5.73 26.73 35.41
C LEU D 64 -7.19 26.92 35.02
N GLY D 65 -8.14 26.55 35.89
CA GLY D 65 -9.56 26.71 35.55
C GLY D 65 -9.83 25.94 34.26
N SER D 66 -10.55 26.56 33.33
CA SER D 66 -11.00 25.86 32.12
C SER D 66 -9.88 25.47 31.19
N VAL D 67 -8.64 25.95 31.39
CA VAL D 67 -7.51 25.38 30.64
C VAL D 67 -7.27 23.92 30.97
N SER D 68 -7.84 23.42 32.08
CA SER D 68 -7.78 22.02 32.40
C SER D 68 -8.43 21.16 31.30
N LYS D 69 -9.39 21.75 30.62
CA LYS D 69 -10.16 21.05 29.58
C LYS D 69 -9.23 20.55 28.47
N LEU D 70 -8.08 21.21 28.31
CA LEU D 70 -7.09 20.80 27.31
C LEU D 70 -6.41 19.52 27.68
N PHE D 71 -6.21 19.30 28.99
CA PHE D 71 -5.66 18.03 29.43
C PHE D 71 -6.70 16.95 29.31
N THR D 72 -7.94 17.25 29.61
CA THR D 72 -9.01 16.30 29.44
C THR D 72 -9.06 15.83 27.97
N ALA D 73 -8.96 16.81 27.06
CA ALA D 73 -8.93 16.59 25.59
C ALA D 73 -7.81 15.67 25.24
N THR D 74 -6.62 15.96 25.76
CA THR D 74 -5.46 15.19 25.47
C THR D 74 -5.59 13.76 26.00
N ALA D 75 -6.20 13.59 27.15
CA ALA D 75 -6.40 12.23 27.66
C ALA D 75 -7.35 11.40 26.76
N GLY D 76 -8.36 12.06 26.22
CA GLY D 76 -9.25 11.43 25.23
C GLY D 76 -8.52 11.02 23.95
N GLY D 77 -7.75 11.95 23.40
CA GLY D 77 -6.88 11.70 22.22
C GLY D 77 -6.00 10.48 22.39
N TYR D 78 -5.44 10.34 23.59
CA TYR D 78 -4.57 9.23 23.95
C TYR D 78 -5.37 7.91 23.98
N ALA D 79 -6.47 7.90 24.73
CA ALA D 79 -7.29 6.69 24.88
C ALA D 79 -7.87 6.18 23.51
N LYS D 80 -8.31 7.13 22.65
CA LYS D 80 -8.84 6.79 21.35
C LYS D 80 -7.72 6.17 20.48
N ASN D 81 -6.56 6.84 20.34
CA ASN D 81 -5.43 6.27 19.55
C ASN D 81 -4.78 5.00 20.08
N LYS D 82 -5.08 4.64 21.34
CA LYS D 82 -4.68 3.39 21.92
C LYS D 82 -5.80 2.39 21.79
N GLY D 83 -6.97 2.80 21.30
CA GLY D 83 -8.08 1.88 21.06
C GLY D 83 -9.05 1.68 22.24
N LYS D 84 -8.91 2.50 23.28
CA LYS D 84 -9.63 2.28 24.55
C LYS D 84 -11.04 2.79 24.41
N ILE D 85 -11.19 3.77 23.51
CA ILE D 85 -12.49 4.32 23.19
C ILE D 85 -12.53 4.56 21.70
N SER D 86 -13.74 4.63 21.16
CA SER D 86 -13.99 5.23 19.86
C SER D 86 -14.78 6.51 20.17
N PHE D 87 -14.56 7.60 19.43
CA PHE D 87 -15.37 8.83 19.56
C PHE D 87 -16.85 8.68 19.18
N ASP D 88 -17.14 7.60 18.43
CA ASP D 88 -18.50 7.24 18.06
C ASP D 88 -19.24 6.47 19.16
N ASP D 89 -18.53 6.07 20.23
CA ASP D 89 -19.14 5.34 21.36
C ASP D 89 -20.09 6.25 22.10
N THR D 90 -21.02 5.65 22.86
CA THR D 90 -21.86 6.36 23.83
C THR D 90 -21.33 6.02 25.27
N PRO D 91 -21.69 6.86 26.28
CA PRO D 91 -21.16 6.72 27.66
C PRO D 91 -21.57 5.44 28.40
N GLY D 92 -22.75 4.90 28.06
CA GLY D 92 -23.21 3.60 28.55
C GLY D 92 -22.27 2.43 28.31
N LYS D 93 -21.45 2.49 27.26
CA LYS D 93 -20.47 1.43 26.99
C LYS D 93 -19.45 1.23 28.14
N TYR D 94 -19.26 2.28 28.93
CA TYR D 94 -18.16 2.38 29.87
C TYR D 94 -18.67 2.57 31.26
N TRP D 95 -19.61 3.50 31.41
CA TRP D 95 -20.32 3.69 32.66
C TRP D 95 -21.59 2.88 32.43
N LYS D 96 -21.57 1.60 32.85
CA LYS D 96 -22.64 0.63 32.57
C LYS D 96 -24.00 1.05 33.16
N GLU D 97 -23.99 1.79 34.27
CA GLU D 97 -25.23 2.34 34.91
C GLU D 97 -25.97 3.39 34.05
N LEU D 98 -25.32 3.87 32.98
CA LEU D 98 -25.96 4.71 31.94
C LEU D 98 -26.37 3.92 30.68
N LYS D 99 -26.14 2.59 30.62
CA LYS D 99 -26.51 1.75 29.46
C LYS D 99 -28.00 1.91 29.13
N ASN D 100 -28.31 2.24 27.87
CA ASN D 100 -29.68 2.42 27.34
C ASN D 100 -30.50 3.51 28.01
N THR D 101 -29.82 4.55 28.52
CA THR D 101 -30.49 5.75 29.06
C THR D 101 -30.48 6.81 27.94
N PRO D 102 -31.26 7.88 28.10
CA PRO D 102 -31.33 8.89 27.03
C PRO D 102 -29.94 9.48 26.67
N ILE D 103 -29.13 9.76 27.70
CA ILE D 103 -27.75 10.25 27.54
C ILE D 103 -26.88 9.25 26.76
N ASP D 104 -27.16 7.97 26.92
CA ASP D 104 -26.46 6.91 26.18
C ASP D 104 -26.61 6.99 24.66
N GLN D 105 -27.59 7.76 24.17
CA GLN D 105 -27.72 8.12 22.73
C GLN D 105 -26.67 9.15 22.20
N VAL D 106 -26.10 9.96 23.10
CA VAL D 106 -25.14 11.02 22.76
C VAL D 106 -23.75 10.42 22.74
N ASN D 107 -22.93 10.71 21.72
CA ASN D 107 -21.61 10.04 21.59
C ASN D 107 -20.47 10.82 22.31
N LEU D 108 -19.28 10.22 22.43
CA LEU D 108 -18.19 10.83 23.23
C LEU D 108 -17.71 12.15 22.67
N LEU D 109 -17.47 12.20 21.36
CA LEU D 109 -17.11 13.48 20.74
C LEU D 109 -18.11 14.61 21.08
N GLN D 110 -19.39 14.31 21.00
CA GLN D 110 -20.43 15.34 21.25
C GLN D 110 -20.44 15.87 22.72
N LEU D 111 -20.11 14.98 23.65
CA LEU D 111 -19.90 15.40 25.03
C LEU D 111 -18.67 16.32 25.08
N ALA D 112 -17.57 15.88 24.45
CA ALA D 112 -16.32 16.58 24.50
C ALA D 112 -16.38 17.97 23.93
N THR D 113 -17.14 18.12 22.83
CA THR D 113 -17.25 19.40 22.09
C THR D 113 -18.60 20.13 22.31
N TYR D 114 -19.30 19.80 23.39
CA TYR D 114 -20.41 20.61 23.96
C TYR D 114 -21.78 20.56 23.21
N THR D 115 -21.97 19.51 22.37
CA THR D 115 -23.16 19.40 21.51
C THR D 115 -24.26 18.39 21.97
N SER D 116 -24.26 17.99 23.25
CA SER D 116 -25.32 17.08 23.74
C SER D 116 -26.75 17.58 23.42
N GLY D 117 -26.92 18.90 23.51
CA GLY D 117 -28.16 19.60 23.27
C GLY D 117 -28.95 20.05 24.46
N ASN D 118 -28.54 19.64 25.68
CA ASN D 118 -29.19 20.08 26.94
C ASN D 118 -28.23 19.85 28.14
N LEU D 119 -27.15 20.63 28.19
CA LEU D 119 -26.24 20.64 29.35
C LEU D 119 -25.70 22.04 29.45
N ALA D 120 -25.98 22.71 30.57
CA ALA D 120 -25.53 24.09 30.80
C ALA D 120 -24.04 24.17 31.21
N LEU D 121 -23.60 25.40 31.46
CA LEU D 121 -22.22 25.65 31.94
C LEU D 121 -21.89 24.88 33.24
N GLN D 122 -22.72 25.05 34.28
CA GLN D 122 -22.51 24.32 35.55
C GLN D 122 -23.58 23.24 35.75
N PHE D 123 -23.29 22.32 36.67
CA PHE D 123 -24.27 21.40 37.23
C PHE D 123 -25.27 22.20 38.07
N PRO D 124 -26.48 21.67 38.21
CA PRO D 124 -27.31 22.37 39.19
C PRO D 124 -26.63 22.41 40.59
N ASP D 125 -26.88 23.49 41.33
CA ASP D 125 -26.33 23.62 42.65
C ASP D 125 -26.58 22.38 43.55
N GLU D 126 -27.75 21.73 43.39
CA GLU D 126 -28.12 20.54 44.18
C GLU D 126 -27.25 19.31 43.93
N VAL D 127 -26.59 19.24 42.77
CA VAL D 127 -25.73 18.10 42.42
C VAL D 127 -24.31 18.32 43.01
N GLN D 128 -23.87 17.44 43.90
CA GLN D 128 -22.54 17.51 44.56
C GLN D 128 -21.80 16.17 44.62
N THR D 129 -22.48 15.12 45.12
CA THR D 129 -21.86 13.80 45.36
C THR D 129 -21.79 13.00 44.12
N ASP D 130 -21.05 11.90 44.17
CA ASP D 130 -20.93 11.00 43.00
C ASP D 130 -22.29 10.34 42.69
N GLN D 131 -23.05 10.00 43.74
CA GLN D 131 -24.44 9.47 43.58
C GLN D 131 -25.34 10.52 42.91
N GLN D 132 -25.24 11.77 43.35
CA GLN D 132 -26.05 12.83 42.77
C GLN D 132 -25.70 13.12 41.29
N VAL D 133 -24.43 12.90 40.91
CA VAL D 133 -23.99 13.09 39.55
C VAL D 133 -24.61 12.02 38.66
N LEU D 134 -24.56 10.77 39.13
CA LEU D 134 -25.17 9.67 38.42
C LEU D 134 -26.68 9.88 38.26
N THR D 135 -27.35 10.24 39.35
CA THR D 135 -28.79 10.57 39.34
C THR D 135 -29.09 11.63 38.29
N PHE D 136 -28.29 12.70 38.30
CA PHE D 136 -28.44 13.74 37.25
C PHE D 136 -28.41 13.18 35.83
N PHE D 137 -27.40 12.37 35.50
CA PHE D 137 -27.26 11.82 34.14
C PHE D 137 -28.28 10.72 33.80
N LYS D 138 -28.63 9.90 34.77
CA LYS D 138 -29.77 8.96 34.60
C LYS D 138 -31.06 9.68 34.26
N ASP D 139 -31.36 10.76 34.98
CA ASP D 139 -32.61 11.54 34.81
C ASP D 139 -32.60 12.54 33.63
N TRP D 140 -31.46 12.73 32.96
CA TRP D 140 -31.34 13.66 31.82
C TRP D 140 -32.17 13.19 30.62
N LYS D 141 -32.88 14.13 29.96
CA LYS D 141 -33.57 13.87 28.66
C LYS D 141 -33.20 14.99 27.62
N PRO D 142 -33.26 14.68 26.30
CA PRO D 142 -32.89 15.69 25.26
C PRO D 142 -33.73 16.96 25.24
N LYS D 143 -33.12 18.07 24.81
CA LYS D 143 -33.85 19.27 24.45
C LYS D 143 -33.56 19.47 22.96
N ASN D 144 -32.35 19.95 22.63
CA ASN D 144 -32.03 20.32 21.25
C ASN D 144 -31.41 19.17 20.45
N PRO D 145 -31.67 19.14 19.13
CA PRO D 145 -31.13 18.09 18.26
C PRO D 145 -29.67 17.74 18.59
N ILE D 146 -29.42 16.50 19.00
CA ILE D 146 -28.07 16.06 19.39
C ILE D 146 -27.05 16.27 18.25
N GLY D 147 -25.98 17.01 18.56
CA GLY D 147 -24.93 17.32 17.63
C GLY D 147 -25.07 18.69 16.98
N GLU D 148 -26.23 19.33 17.10
CA GLU D 148 -26.52 20.51 16.27
C GLU D 148 -26.16 21.78 16.98
N TYR D 149 -26.25 21.80 18.32
CA TYR D 149 -26.02 23.01 19.13
C TYR D 149 -24.83 22.90 20.14
N ARG D 150 -23.87 23.81 20.02
CA ARG D 150 -22.78 23.95 21.03
C ARG D 150 -23.23 24.83 22.19
N GLN D 151 -23.21 24.28 23.40
CA GLN D 151 -23.35 25.12 24.57
C GLN D 151 -22.17 24.82 25.52
N TYR D 152 -21.33 25.81 25.78
CA TYR D 152 -20.09 25.59 26.58
C TYR D 152 -20.52 24.99 27.94
N SER D 153 -19.96 23.83 28.27
CA SER D 153 -20.50 23.04 29.43
C SER D 153 -19.49 22.18 30.19
N ASN D 154 -19.33 22.49 31.48
CA ASN D 154 -18.54 21.63 32.38
C ASN D 154 -19.08 20.19 32.53
N PRO D 155 -20.39 20.02 32.89
CA PRO D 155 -20.86 18.64 32.98
C PRO D 155 -20.69 17.87 31.68
N SER D 156 -20.77 18.53 30.52
CA SER D 156 -20.64 17.82 29.26
C SER D 156 -19.23 17.20 29.13
N ILE D 157 -18.22 18.03 29.28
CA ILE D 157 -16.84 17.50 29.12
C ILE D 157 -16.39 16.75 30.38
N GLY D 158 -17.00 17.08 31.53
CA GLY D 158 -16.83 16.29 32.76
C GLY D 158 -17.17 14.83 32.56
N LEU D 159 -18.36 14.60 32.00
CA LEU D 159 -18.81 13.24 31.62
C LEU D 159 -17.87 12.53 30.70
N PHE D 160 -17.36 13.26 29.71
CA PHE D 160 -16.36 12.77 28.78
C PHE D 160 -15.11 12.32 29.49
N GLY D 161 -14.59 13.20 30.35
CA GLY D 161 -13.45 12.83 31.21
C GLY D 161 -13.58 11.54 31.97
N LYS D 162 -14.66 11.42 32.75
CA LYS D 162 -14.99 10.21 33.53
C LYS D 162 -15.00 8.96 32.69
N VAL D 163 -15.57 9.06 31.48
CA VAL D 163 -15.63 7.93 30.54
C VAL D 163 -14.27 7.45 30.06
N VAL D 164 -13.46 8.42 29.62
CA VAL D 164 -12.09 8.22 29.24
C VAL D 164 -11.36 7.52 30.41
N ALA D 165 -11.64 7.98 31.65
CA ALA D 165 -10.99 7.34 32.82
C ALA D 165 -11.41 5.88 32.89
N LEU D 166 -12.73 5.65 32.84
CA LEU D 166 -13.30 4.30 32.83
C LEU D 166 -12.65 3.40 31.80
N SER D 167 -12.42 3.93 30.60
CA SER D 167 -11.81 3.15 29.50
C SER D 167 -10.37 2.72 29.75
N MET D 168 -9.66 3.55 30.51
CA MET D 168 -8.31 3.27 30.91
C MET D 168 -8.21 2.56 32.29
N ASN D 169 -9.36 2.12 32.85
CA ASN D 169 -9.45 1.43 34.17
C ASN D 169 -8.54 2.11 35.23
N LYS D 170 -8.62 3.45 35.28
CA LYS D 170 -7.88 4.32 36.21
C LYS D 170 -8.81 5.46 36.64
N PRO D 171 -8.77 5.92 37.92
CA PRO D 171 -9.57 7.15 38.14
C PRO D 171 -9.01 8.35 37.33
N PHE D 172 -9.84 9.35 37.08
CA PHE D 172 -9.37 10.48 36.29
C PHE D 172 -8.04 11.15 36.79
N ASP D 173 -7.95 11.42 38.10
CA ASP D 173 -6.72 12.02 38.69
C ASP D 173 -5.47 11.22 38.32
N GLN D 174 -5.62 9.89 38.31
CA GLN D 174 -4.57 8.97 37.95
C GLN D 174 -4.31 8.94 36.43
N VAL D 175 -5.34 9.05 35.61
CA VAL D 175 -5.12 9.24 34.16
C VAL D 175 -4.14 10.42 33.93
N LEU D 176 -4.45 11.57 34.53
CA LEU D 176 -3.54 12.74 34.38
C LEU D 176 -2.21 12.63 35.12
N GLU D 177 -2.25 12.28 36.40
CA GLU D 177 -0.97 12.23 37.18
C GLU D 177 -0.03 11.03 36.93
N LYS D 178 -0.57 9.89 36.53
CA LYS D 178 0.27 8.68 36.23
C LYS D 178 0.52 8.49 34.76
N THR D 179 -0.41 8.96 33.90
CA THR D 179 -0.23 8.69 32.45
C THR D 179 0.01 9.94 31.63
N ILE D 180 -0.91 10.92 31.67
CA ILE D 180 -0.82 12.04 30.68
C ILE D 180 0.28 13.06 31.01
N PHE D 181 0.36 13.50 32.28
CA PHE D 181 1.41 14.47 32.65
C PHE D 181 2.85 13.91 32.41
N PRO D 182 3.15 12.67 32.90
CA PRO D 182 4.50 12.11 32.69
C PRO D 182 4.87 11.90 31.22
N ALA D 183 3.89 11.53 30.38
CA ALA D 183 4.07 11.44 28.92
C ALA D 183 4.39 12.80 28.32
N LEU D 184 3.70 13.84 28.78
CA LEU D 184 3.96 15.20 28.30
C LEU D 184 5.26 15.86 28.83
N GLY D 185 5.93 15.23 29.78
CA GLY D 185 7.17 15.75 30.37
C GLY D 185 6.98 16.70 31.58
N LEU D 186 5.83 16.61 32.24
CA LEU D 186 5.41 17.60 33.27
C LEU D 186 5.64 17.08 34.71
N LYS D 187 6.52 17.77 35.44
CA LYS D 187 6.96 17.43 36.82
C LYS D 187 6.10 18.05 37.98
N HIS D 188 5.48 19.20 37.71
CA HIS D 188 4.76 20.01 38.69
C HIS D 188 3.35 20.38 38.27
N SER D 189 2.60 19.39 37.77
CA SER D 189 1.21 19.56 37.39
C SER D 189 0.40 18.53 38.10
N TYR D 190 -0.73 18.97 38.62
CA TYR D 190 -1.53 18.21 39.51
C TYR D 190 -3.02 18.38 39.29
N VAL D 191 -3.73 17.30 39.50
CA VAL D 191 -5.14 17.38 39.88
C VAL D 191 -5.30 17.63 41.38
N ASN D 192 -4.57 16.86 42.18
CA ASN D 192 -4.46 17.11 43.64
C ASN D 192 -3.02 17.49 44.00
N VAL D 193 -2.83 18.73 44.49
CA VAL D 193 -1.49 19.22 44.86
C VAL D 193 -1.07 18.47 46.15
N PRO D 194 0.05 17.75 46.13
CA PRO D 194 0.44 16.94 47.30
C PRO D 194 1.05 17.79 48.43
N LYS D 195 1.18 17.20 49.64
CA LYS D 195 1.54 17.94 50.86
C LYS D 195 2.89 18.66 50.70
N THR D 196 3.83 17.99 50.02
CA THR D 196 5.13 18.54 49.74
C THR D 196 5.14 19.71 48.78
N GLN D 197 4.04 20.01 48.10
CA GLN D 197 4.01 21.16 47.20
C GLN D 197 3.04 22.25 47.64
N MET D 198 2.41 22.07 48.80
CA MET D 198 1.47 23.07 49.31
C MET D 198 2.14 24.42 49.51
N GLN D 199 3.42 24.38 49.84
CA GLN D 199 4.23 25.59 50.00
C GLN D 199 4.43 26.39 48.72
N ASN D 200 4.25 25.74 47.56
CA ASN D 200 4.32 26.41 46.27
C ASN D 200 2.96 26.76 45.64
N TYR D 201 1.88 26.28 46.23
CA TYR D 201 0.55 26.57 45.73
C TYR D 201 0.11 27.99 46.05
N ALA D 202 -0.06 28.84 45.03
CA ALA D 202 -0.56 30.17 45.23
C ALA D 202 -1.91 30.19 45.88
N PHE D 203 -2.21 31.25 46.63
CA PHE D 203 -3.61 31.54 46.93
C PHE D 203 -4.14 32.35 45.78
N GLY D 204 -5.37 32.08 45.42
CA GLY D 204 -6.23 33.00 44.67
C GLY D 204 -6.78 34.14 45.53
N TYR D 205 -7.23 35.19 44.87
CA TYR D 205 -7.75 36.40 45.56
C TYR D 205 -9.08 36.77 44.92
N ASN D 206 -10.08 37.05 45.76
CA ASN D 206 -11.37 37.47 45.26
C ASN D 206 -11.39 38.99 45.00
N GLN D 207 -12.54 39.50 44.54
CA GLN D 207 -12.76 40.97 44.31
C GLN D 207 -12.44 41.91 45.46
N GLU D 208 -12.47 41.44 46.73
CA GLU D 208 -12.04 42.21 47.91
C GLU D 208 -10.66 41.82 48.47
N ASN D 209 -9.84 41.22 47.61
CA ASN D 209 -8.50 40.76 47.94
C ASN D 209 -8.40 39.85 49.16
N GLN D 210 -9.38 38.97 49.28
CA GLN D 210 -9.40 37.92 50.30
C GLN D 210 -8.96 36.61 49.68
N PRO D 211 -8.19 35.83 50.44
CA PRO D 211 -7.71 34.56 49.83
C PRO D 211 -8.78 33.46 49.63
N ILE D 212 -8.64 32.72 48.54
CA ILE D 212 -9.58 31.67 48.14
C ILE D 212 -8.84 30.62 47.28
N ARG D 213 -9.30 29.39 47.38
CA ARG D 213 -8.80 28.27 46.58
C ARG D 213 -10.04 27.57 46.00
N VAL D 214 -9.85 26.87 44.90
CA VAL D 214 -10.97 26.26 44.19
C VAL D 214 -11.60 25.26 45.15
N ASN D 215 -12.93 25.24 45.22
CA ASN D 215 -13.68 24.23 46.04
C ASN D 215 -13.90 22.91 45.30
N PRO D 216 -13.94 21.77 46.03
CA PRO D 216 -14.30 20.51 45.37
C PRO D 216 -15.70 20.63 44.73
N GLY D 217 -15.90 20.02 43.57
CA GLY D 217 -17.20 20.12 42.86
C GLY D 217 -17.47 18.88 42.03
N PRO D 218 -18.73 18.69 41.54
CA PRO D 218 -19.01 17.50 40.77
C PRO D 218 -18.24 17.46 39.48
N LEU D 219 -17.50 16.38 39.26
CA LEU D 219 -16.63 16.23 38.10
C LEU D 219 -15.79 17.47 37.84
N ASP D 220 -15.22 18.02 38.91
CA ASP D 220 -14.31 19.13 38.80
C ASP D 220 -13.03 18.91 38.02
N ALA D 221 -12.40 17.79 38.24
CA ALA D 221 -11.04 17.55 37.70
C ALA D 221 -11.00 17.70 36.16
N PRO D 222 -11.89 16.99 35.43
CA PRO D 222 -11.81 17.07 33.98
C PRO D 222 -12.26 18.38 33.38
N ALA D 223 -13.08 19.17 34.09
CA ALA D 223 -13.62 20.45 33.62
C ALA D 223 -12.76 21.63 33.97
N TYR D 224 -12.19 21.67 35.18
CA TYR D 224 -11.47 22.88 35.62
C TYR D 224 -10.51 22.69 36.82
N GLY D 225 -10.10 21.44 37.03
CA GLY D 225 -9.45 21.06 38.33
C GLY D 225 -7.96 20.89 38.31
N VAL D 226 -7.28 21.30 37.23
CA VAL D 226 -5.86 21.16 37.12
C VAL D 226 -5.08 22.38 37.63
N LYS D 227 -3.97 22.11 38.28
CA LYS D 227 -3.01 23.16 38.71
C LYS D 227 -1.60 22.90 38.16
N SER D 228 -0.93 23.97 37.74
CA SER D 228 0.38 23.84 37.12
C SER D 228 1.31 25.07 37.36
N THR D 229 2.57 24.93 36.99
CA THR D 229 3.52 26.01 37.03
C THR D 229 3.74 26.58 35.65
N LEU D 230 4.31 27.76 35.58
CA LEU D 230 4.70 28.32 34.33
C LEU D 230 5.65 27.40 33.49
N PRO D 231 6.72 26.85 34.08
CA PRO D 231 7.55 26.02 33.20
C PRO D 231 6.80 24.79 32.69
N ASP D 232 5.95 24.15 33.50
CA ASP D 232 5.16 23.02 32.97
C ASP D 232 4.22 23.46 31.86
N MET D 233 3.64 24.65 31.94
CA MET D 233 2.68 25.09 30.91
C MET D 233 3.41 25.40 29.58
N LEU D 234 4.64 25.89 29.68
CA LEU D 234 5.51 26.03 28.49
C LEU D 234 6.00 24.70 27.91
N SER D 235 6.28 23.72 28.75
CA SER D 235 6.52 22.38 28.24
C SER D 235 5.27 21.86 27.48
N PHE D 236 4.06 22.06 28.02
CA PHE D 236 2.80 21.72 27.30
C PHE D 236 2.60 22.45 25.98
N ILE D 237 2.90 23.73 25.96
CA ILE D 237 2.82 24.51 24.75
C ILE D 237 3.85 23.99 23.70
N HIS D 238 5.08 23.76 24.16
CA HIS D 238 6.13 23.18 23.29
C HIS D 238 5.62 21.91 22.69
N ALA D 239 5.03 21.05 23.51
CA ALA D 239 4.44 19.77 23.08
C ALA D 239 3.41 19.92 21.98
N ASN D 240 2.56 20.93 22.08
CA ASN D 240 1.54 21.25 21.05
C ASN D 240 2.18 21.80 19.73
N LEU D 241 3.27 22.57 19.84
CA LEU D 241 4.00 23.11 18.68
C LEU D 241 4.88 22.07 17.90
N ASN D 242 5.41 21.07 18.62
CA ASN D 242 6.35 20.05 18.11
C ASN D 242 5.92 18.66 18.59
N PRO D 243 4.69 18.21 18.22
CA PRO D 243 4.22 16.85 18.60
C PRO D 243 4.97 15.66 17.98
N GLN D 244 5.66 15.93 16.87
CA GLN D 244 6.61 14.99 16.28
C GLN D 244 7.79 14.66 17.21
N LYS D 245 8.07 15.52 18.18
CA LYS D 245 9.19 15.28 19.08
C LYS D 245 8.90 14.25 20.21
N TYR D 246 7.63 13.93 20.43
CA TYR D 246 7.24 13.14 21.62
C TYR D 246 6.95 11.74 21.13
N PRO D 247 6.93 10.74 22.04
CA PRO D 247 6.69 9.38 21.57
C PRO D 247 5.31 9.19 20.97
N THR D 248 5.08 8.05 20.32
CA THR D 248 3.92 7.87 19.45
C THR D 248 2.55 8.09 20.15
N ASP D 249 2.31 7.40 21.27
CA ASP D 249 1.00 7.42 21.94
C ASP D 249 0.56 8.85 22.32
N ILE D 250 1.46 9.63 22.93
CA ILE D 250 1.15 11.04 23.29
C ILE D 250 1.21 11.96 22.04
N GLN D 251 2.04 11.62 21.04
CA GLN D 251 2.11 12.37 19.77
C GLN D 251 0.78 12.42 19.03
N ARG D 252 0.12 11.27 18.90
CA ARG D 252 -1.24 11.18 18.33
C ARG D 252 -2.33 11.87 19.17
N ALA D 253 -2.30 11.64 20.48
CA ALA D 253 -3.21 12.29 21.42
C ALA D 253 -3.19 13.80 21.24
N ILE D 254 -2.00 14.39 21.25
CA ILE D 254 -1.84 15.83 21.06
C ILE D 254 -2.40 16.26 19.70
N ASN D 255 -2.05 15.53 18.63
CA ASN D 255 -2.55 15.88 17.28
C ASN D 255 -4.08 15.73 17.21
N GLU D 256 -4.62 14.71 17.88
CA GLU D 256 -6.09 14.55 17.98
C GLU D 256 -6.82 15.79 18.57
N THR D 257 -6.17 16.54 19.47
CA THR D 257 -6.74 17.81 19.99
C THR D 257 -6.64 18.98 19.01
N HIS D 258 -5.92 18.79 17.91
CA HIS D 258 -5.73 19.86 16.90
C HIS D 258 -6.69 19.86 15.71
N GLN D 259 -7.43 18.75 15.50
CA GLN D 259 -8.38 18.64 14.36
C GLN D 259 -9.66 19.39 14.69
N GLY D 260 -10.04 20.37 13.88
CA GLY D 260 -11.38 21.03 14.00
C GLY D 260 -12.54 20.06 13.83
N ARG D 261 -13.56 20.16 14.67
CA ARG D 261 -14.67 19.20 14.68
C ARG D 261 -15.98 19.76 14.10
N TYR D 262 -16.14 21.08 14.19
CA TYR D 262 -17.23 21.84 13.60
C TYR D 262 -16.85 23.33 13.72
N GLN D 263 -17.67 24.21 13.13
CA GLN D 263 -17.41 25.65 13.12
C GLN D 263 -18.60 26.38 13.70
N VAL D 264 -18.32 27.50 14.37
CA VAL D 264 -19.32 28.49 14.78
C VAL D 264 -18.69 29.82 14.37
N ASN D 265 -19.36 30.60 13.51
CA ASN D 265 -18.80 31.83 12.82
C ASN D 265 -17.30 31.67 12.49
N THR D 266 -16.43 32.50 13.07
CA THR D 266 -14.97 32.40 12.84
C THR D 266 -14.22 31.36 13.75
N MET D 267 -14.94 30.63 14.61
CA MET D 267 -14.30 29.79 15.61
C MET D 267 -14.46 28.32 15.25
N TYR D 268 -13.35 27.57 15.18
CA TYR D 268 -13.43 26.12 14.95
C TYR D 268 -13.21 25.38 16.31
N GLN D 269 -14.18 24.58 16.73
CA GLN D 269 -14.05 23.79 17.95
C GLN D 269 -13.23 22.53 17.72
N ALA D 270 -11.99 22.58 18.18
CA ALA D 270 -11.18 21.38 18.27
C ALA D 270 -11.46 20.71 19.62
N LEU D 271 -10.81 19.59 19.89
CA LEU D 271 -11.05 18.82 21.11
C LEU D 271 -10.32 19.65 22.17
N GLY D 272 -11.13 20.42 22.91
CA GLY D 272 -10.61 21.29 23.96
C GLY D 272 -10.23 22.66 23.52
N TRP D 273 -9.19 22.70 22.70
CA TRP D 273 -8.67 23.95 22.12
C TRP D 273 -9.75 24.62 21.24
N GLU D 274 -9.77 25.93 21.25
CA GLU D 274 -10.48 26.73 20.23
C GLU D 274 -9.45 26.98 19.10
N GLU D 275 -9.92 26.87 17.86
CA GLU D 275 -9.07 26.84 16.64
C GLU D 275 -9.52 27.93 15.69
N PHE D 276 -8.56 28.55 15.02
CA PHE D 276 -8.83 29.70 14.14
C PHE D 276 -7.91 29.70 12.91
N SER D 277 -8.32 30.45 11.90
CA SER D 277 -7.47 30.67 10.72
C SER D 277 -6.42 31.73 11.02
N TYR D 278 -5.15 31.30 10.91
CA TYR D 278 -4.02 32.21 10.99
C TYR D 278 -3.67 32.72 9.58
N PRO D 279 -3.57 34.04 9.35
CA PRO D 279 -3.65 35.09 10.37
C PRO D 279 -5.04 35.37 10.92
N ALA D 280 -5.18 35.34 12.24
CA ALA D 280 -6.44 35.72 12.91
C ALA D 280 -6.29 37.14 13.43
N THR D 281 -7.33 37.93 13.30
CA THR D 281 -7.32 39.29 13.83
C THR D 281 -7.52 39.27 15.35
N LEU D 282 -7.20 40.40 16.01
CA LEU D 282 -7.57 40.61 17.41
C LEU D 282 -9.04 40.32 17.61
N GLN D 283 -9.86 40.93 16.77
CA GLN D 283 -11.31 40.83 16.96
C GLN D 283 -11.86 39.41 16.84
N THR D 284 -11.34 38.59 15.93
CA THR D 284 -11.81 37.18 15.86
C THR D 284 -11.48 36.47 17.22
N LEU D 285 -10.29 36.78 17.77
CA LEU D 285 -9.82 36.13 18.98
C LEU D 285 -10.67 36.59 20.19
N LEU D 286 -10.99 37.88 20.24
CA LEU D 286 -11.93 38.42 21.22
C LEU D 286 -13.36 37.83 21.16
N ASP D 287 -13.88 37.58 19.95
CA ASP D 287 -15.29 37.14 19.79
C ASP D 287 -15.53 35.71 20.23
N SER D 288 -14.49 34.86 20.22
CA SER D 288 -14.60 33.51 20.83
C SER D 288 -15.01 33.53 22.29
N ASN D 289 -14.76 34.66 22.97
CA ASN D 289 -15.06 34.83 24.40
C ASN D 289 -16.22 35.80 24.73
N SER D 290 -17.06 36.09 23.73
CA SER D 290 -18.28 36.88 23.94
C SER D 290 -19.34 36.07 24.70
N GLU D 291 -20.19 36.80 25.44
CA GLU D 291 -21.40 36.28 26.11
C GLU D 291 -22.22 35.29 25.26
N GLN D 292 -22.34 35.55 23.95
CA GLN D 292 -23.11 34.68 23.04
C GLN D 292 -22.48 33.30 22.79
N ILE D 293 -21.15 33.26 22.64
CA ILE D 293 -20.45 32.02 22.36
C ILE D 293 -20.31 31.22 23.68
N VAL D 294 -20.13 31.97 24.78
CA VAL D 294 -19.72 31.37 26.07
C VAL D 294 -20.92 30.83 26.82
N MET D 295 -21.99 31.63 26.86
CA MET D 295 -23.19 31.37 27.65
C MET D 295 -24.37 30.73 26.93
N LYS D 296 -24.49 30.93 25.61
CA LYS D 296 -25.75 30.51 24.94
C LYS D 296 -25.58 29.33 23.97
N PRO D 297 -26.69 28.67 23.59
CA PRO D 297 -26.54 27.69 22.51
C PRO D 297 -26.18 28.43 21.19
N ASN D 298 -25.41 27.78 20.32
CA ASN D 298 -25.20 28.22 18.95
C ASN D 298 -25.24 27.00 18.02
N LYS D 299 -25.94 27.10 16.89
CA LYS D 299 -25.95 26.02 15.92
C LYS D 299 -24.55 25.86 15.34
N VAL D 300 -24.19 24.62 15.04
CA VAL D 300 -22.89 24.33 14.49
C VAL D 300 -22.98 23.97 13.00
N THR D 301 -21.95 24.37 12.26
CA THR D 301 -21.78 24.03 10.86
C THR D 301 -20.74 22.93 10.79
N ALA D 302 -20.96 21.88 9.99
CA ALA D 302 -19.86 20.97 9.63
C ALA D 302 -18.82 21.78 8.84
N ILE D 303 -17.55 21.42 8.92
CA ILE D 303 -16.48 22.23 8.34
C ILE D 303 -16.36 21.95 6.84
N SER D 304 -16.35 23.00 6.02
CA SER D 304 -16.16 22.85 4.56
C SER D 304 -14.66 22.75 4.27
N LYS D 305 -13.92 23.86 4.44
CA LYS D 305 -12.44 23.89 4.30
C LYS D 305 -11.74 24.05 5.66
N GLU D 306 -11.19 22.94 6.22
CA GLU D 306 -10.39 22.97 7.48
C GLU D 306 -9.03 23.69 7.29
N PRO D 307 -8.99 25.02 7.53
CA PRO D 307 -8.02 25.99 7.00
C PRO D 307 -6.69 25.41 6.49
N VAL D 309 -3.82 26.56 7.36
CA VAL D 309 -2.89 27.29 8.24
C VAL D 309 -3.63 27.85 9.48
N LYS D 310 -3.41 27.22 10.66
CA LYS D 310 -4.20 27.42 11.90
C LYS D 310 -3.45 27.97 13.20
N MET D 311 -4.20 28.60 14.12
CA MET D 311 -3.69 28.92 15.47
C MET D 311 -4.75 28.54 16.45
N TYR D 312 -4.34 28.31 17.69
CA TYR D 312 -5.27 27.84 18.73
C TYR D 312 -5.19 28.72 20.02
N HIS D 313 -6.26 28.73 20.82
CA HIS D 313 -6.16 29.25 22.23
C HIS D 313 -7.17 28.66 23.22
N LYS D 314 -7.03 29.06 24.49
CA LYS D 314 -8.03 28.77 25.53
C LYS D 314 -7.86 29.71 26.71
N THR D 315 -8.98 30.27 27.17
CA THR D 315 -9.05 30.97 28.47
C THR D 315 -9.55 29.99 29.56
N GLY D 316 -9.19 30.35 30.78
CA GLY D 316 -9.59 29.59 31.96
C GLY D 316 -9.57 30.48 33.18
N SER D 317 -10.49 30.20 34.10
CA SER D 317 -10.69 31.01 35.31
C SER D 317 -11.20 30.07 36.39
N THR D 318 -10.80 30.35 37.63
CA THR D 318 -11.49 29.86 38.84
C THR D 318 -11.85 31.14 39.55
N SER D 319 -12.44 31.04 40.75
CA SER D 319 -12.85 32.25 41.40
C SER D 319 -11.74 33.17 41.78
N GLY D 320 -10.55 32.62 41.95
CA GLY D 320 -9.41 33.37 42.37
C GLY D 320 -8.26 33.43 41.35
N PHE D 321 -8.40 32.83 40.17
CA PHE D 321 -7.26 32.70 39.19
C PHE D 321 -7.67 33.00 37.72
N GLY D 322 -6.80 33.71 37.01
CA GLY D 322 -6.95 33.86 35.56
C GLY D 322 -5.84 33.11 34.82
N THR D 323 -6.21 32.47 33.72
CA THR D 323 -5.28 31.72 32.82
C THR D 323 -5.61 32.13 31.34
N TYR D 324 -4.55 32.24 30.49
CA TYR D 324 -4.67 32.29 29.03
C TYR D 324 -3.50 31.52 28.38
N VAL D 325 -3.82 30.60 27.46
CA VAL D 325 -2.81 29.83 26.69
C VAL D 325 -3.12 29.94 25.15
N VAL D 326 -2.07 30.23 24.34
CA VAL D 326 -2.21 30.53 22.89
C VAL D 326 -0.99 29.94 22.20
N PHE D 327 -1.16 29.34 21.02
CA PHE D 327 0.02 28.97 20.17
C PHE D 327 -0.23 28.93 18.65
N ILE D 328 0.85 29.12 17.89
CA ILE D 328 0.82 29.36 16.43
C ILE D 328 1.88 28.50 15.73
N PRO D 329 1.51 27.28 15.28
CA PRO D 329 2.51 26.35 14.69
C PRO D 329 3.38 26.97 13.57
N LYS D 330 2.79 27.83 12.74
CA LYS D 330 3.51 28.60 11.70
C LYS D 330 4.74 29.28 12.29
N GLU D 331 4.48 30.21 13.23
CA GLU D 331 5.51 31.04 13.85
C GLU D 331 6.34 30.31 14.92
N ASN D 332 5.99 29.04 15.20
CA ASN D 332 6.67 28.22 16.19
C ASN D 332 6.73 28.96 17.55
N ILE D 333 5.67 29.71 17.86
CA ILE D 333 5.60 30.56 19.04
C ILE D 333 4.37 30.17 19.91
N GLY D 334 4.43 30.49 21.20
CA GLY D 334 3.22 30.36 22.06
C GLY D 334 3.40 31.16 23.33
N LEU D 335 2.31 31.38 24.06
CA LEU D 335 2.39 32.21 25.29
C LEU D 335 1.41 31.73 26.37
N VAL D 336 1.85 31.84 27.64
CA VAL D 336 1.05 31.50 28.82
C VAL D 336 1.00 32.66 29.78
N MET D 337 -0.19 33.01 30.25
CA MET D 337 -0.39 34.03 31.32
C MET D 337 -1.09 33.38 32.52
N LEU D 338 -0.52 33.51 33.72
CA LEU D 338 -1.12 32.96 34.97
C LEU D 338 -1.20 34.10 35.99
N THR D 339 -2.36 34.27 36.59
CA THR D 339 -2.61 35.31 37.61
C THR D 339 -3.38 34.69 38.78
N ASN D 340 -3.18 35.23 39.98
CA ASN D 340 -3.93 34.76 41.19
C ASN D 340 -5.00 35.81 41.60
N LYS D 341 -5.52 36.48 40.59
CA LYS D 341 -6.78 37.17 40.69
C LYS D 341 -7.35 37.12 39.27
N ARG D 342 -8.67 36.95 39.13
CA ARG D 342 -9.28 36.92 37.80
C ARG D 342 -9.03 38.33 37.23
N ILE D 343 -8.76 38.43 35.92
CA ILE D 343 -8.95 39.71 35.19
C ILE D 343 -9.80 39.45 33.93
N PRO D 344 -10.33 40.50 33.33
CA PRO D 344 -11.17 40.22 32.16
C PRO D 344 -10.39 39.55 31.01
N ASN D 345 -11.08 38.62 30.36
CA ASN D 345 -10.54 37.84 29.26
C ASN D 345 -10.01 38.70 28.10
N GLU D 346 -10.69 39.82 27.87
CA GLU D 346 -10.34 40.78 26.80
C GLU D 346 -8.89 41.29 27.04
N GLU D 347 -8.55 41.59 28.29
CA GLU D 347 -7.20 42.04 28.71
C GLU D 347 -6.10 41.01 28.55
N ARG D 348 -6.44 39.74 28.83
CA ARG D 348 -5.50 38.64 28.70
C ARG D 348 -5.17 38.44 27.22
N ILE D 349 -6.23 38.32 26.39
CA ILE D 349 -6.12 38.10 24.96
C ILE D 349 -5.32 39.20 24.21
N LYS D 350 -5.64 40.45 24.52
CA LYS D 350 -5.02 41.60 23.88
C LYS D 350 -3.52 41.55 24.10
N ALA D 351 -3.18 41.45 25.39
CA ALA D 351 -1.80 41.49 25.82
C ALA D 351 -1.04 40.39 25.11
N ALA D 352 -1.63 39.20 25.02
CA ALA D 352 -0.96 38.11 24.33
C ALA D 352 -0.70 38.52 22.86
N TYR D 353 -1.74 38.98 22.20
CA TYR D 353 -1.72 39.35 20.77
C TYR D 353 -0.67 40.46 20.48
N VAL D 354 -0.80 41.57 21.20
CA VAL D 354 0.03 42.74 21.01
C VAL D 354 1.38 42.63 21.72
N VAL D 355 1.78 41.38 22.04
CA VAL D 355 3.16 40.92 22.32
C VAL D 355 3.64 39.88 21.27
N LEU D 356 2.77 38.98 20.81
CA LEU D 356 3.22 37.90 19.91
C LEU D 356 3.38 38.41 18.46
N ASN D 357 2.57 39.39 18.09
CA ASN D 357 2.73 40.06 16.79
C ASN D 357 3.78 41.12 17.00
N ALA D 358 3.45 42.11 17.85
CA ALA D 358 4.22 43.33 18.01
C ALA D 358 5.67 43.19 18.60
N ILE D 359 6.29 42.00 18.53
CA ILE D 359 7.68 41.81 18.97
C ILE D 359 8.19 40.48 18.45
#